data_8TMB
#
_entry.id   8TMB
#
_cell.length_a   1.00
_cell.length_b   1.00
_cell.length_c   1.00
_cell.angle_alpha   90.00
_cell.angle_beta   90.00
_cell.angle_gamma   90.00
#
_symmetry.space_group_name_H-M   'P 1'
#
loop_
_entity.id
_entity.type
_entity.pdbx_description
1 polymer 'Cobalt/magnesium transport protein CorA'
2 polymer 'sAB C12 Heavy Chain'
3 polymer 'sAB C12 Light Chain'
4 non-polymer 'MAGNESIUM ION'
#
loop_
_entity_poly.entity_id
_entity_poly.type
_entity_poly.pdbx_seq_one_letter_code
_entity_poly.pdbx_strand_id
1 'polypeptide(L)'
;MGSSHHHHHHSSGRENLYFQGHMEEKRLSAKKGLPPGTLVYTGKYREDFEIEVMNYSIEEFREFKTTDVESVLPFRDSST
PTWINITGIHRTDVVQRVGEFFGIHPLVLEDILNVHQRPKVEFFENYVFIVLKMFTYDKNLHELESEQVSLILTKNCVLM
FQEKIGDVFDPVRERIRYNRGIIRKKRADYLLYSLIDALVDDYFVLLEKIDDEIDVLEEEVLERPEKETVQRTHQLKRNL
VELRKTIWPLREVLSSLYRDVPPLIEKETVPYFRDVYDHTIQIADTVETFRDIVSGLLDVYLSSVSNKTNEVMKVLTIIA
TIFMPLTFIAGIYGMNFEYMPELRWKWGYPVVLAVMGVIAVIMVVYFKKKKWL
;
A,B,C,D,E
2 'polypeptide(L)'
;EISEVQLVESGGGLVQPGGSLRLSCAASGFNIYYSSIHWVRQAPGKGLEWVASIYSYSGYTSYADSVKGRFTISADTSKN
TAYLQMNSLRAEDTAVYYCARSFYVFKRGTKYPYYNYPAMDYWGQGTLVTVSSASTKGPSVFPLAPSSKSTSGGTAALGC
LVKDYFPEPVTVSWNSGALTSGVHTFPAVLQSSGLYSLSSVVTVPSSSLGTQTYICNVNHKPSNTKVDKKVEPKSCDKTH
T
;
H
3 'polypeptide(L)'
;SDIQMTQSPSSLSASVGDRVTITCRASQSVSSAVAWYQQKPGKAPKLLIYSASSLYSGVPSRFSGSRSGTDFTLTISSLQ
PEDFATYYCQQSYYKPITFGQGTKVEIKRTVAAPSVFIFPPSDSQLKSGTASVVCLLNNFYPREAKVQWKVDNALQSGNS
QESVTEQDSKDSTYSLSSTLTLSKADYEKHKVYACEVTHQGLSSPVTKSFNRGEC
;
L
#
# COMPACT_ATOMS: atom_id res chain seq x y z
N PRO A 35 -15.79 24.65 22.79
CA PRO A 35 -15.77 24.69 24.25
C PRO A 35 -14.74 23.73 24.85
N PRO A 36 -14.15 24.10 25.99
CA PRO A 36 -13.11 23.26 26.60
C PRO A 36 -13.69 22.12 27.40
N GLY A 37 -13.51 20.90 26.90
CA GLY A 37 -13.98 19.72 27.60
C GLY A 37 -15.47 19.72 27.89
N THR A 38 -16.27 20.12 26.90
CA THR A 38 -17.70 20.25 27.09
C THR A 38 -18.36 18.88 27.06
N LEU A 39 -19.71 18.87 27.05
CA LEU A 39 -20.47 17.62 27.05
C LEU A 39 -21.70 17.86 26.17
N VAL A 40 -21.57 17.54 24.87
CA VAL A 40 -22.61 17.80 23.89
C VAL A 40 -22.67 16.65 22.90
N TYR A 41 -23.83 16.49 22.26
CA TYR A 41 -24.07 15.43 21.29
C TYR A 41 -23.78 15.96 19.89
N THR A 42 -22.83 15.33 19.19
CA THR A 42 -22.37 15.80 17.89
C THR A 42 -22.82 14.92 16.74
N GLY A 43 -23.80 14.04 16.95
CA GLY A 43 -24.34 13.21 15.90
C GLY A 43 -25.48 13.90 15.17
N LYS A 44 -26.28 13.09 14.46
CA LYS A 44 -27.43 13.60 13.74
C LYS A 44 -28.70 12.80 13.95
N TYR A 45 -28.62 11.55 14.41
CA TYR A 45 -29.81 10.72 14.63
C TYR A 45 -30.41 11.09 15.99
N ARG A 46 -31.49 11.88 15.97
CA ARG A 46 -32.14 12.37 17.17
C ARG A 46 -33.64 12.06 17.04
N GLU A 47 -34.02 10.83 17.40
CA GLU A 47 -35.41 10.40 17.24
C GLU A 47 -36.09 10.06 18.55
N ASP A 48 -35.50 9.20 19.37
CA ASP A 48 -36.11 8.77 20.63
C ASP A 48 -35.10 7.89 21.37
N PHE A 49 -35.52 7.37 22.52
CA PHE A 49 -34.70 6.49 23.33
C PHE A 49 -35.55 5.36 23.89
N GLU A 50 -34.90 4.29 24.33
CA GLU A 50 -35.59 3.18 24.96
C GLU A 50 -35.14 2.92 26.39
N ILE A 51 -33.82 2.82 26.62
CA ILE A 51 -33.27 2.57 27.96
C ILE A 51 -33.79 1.27 28.54
N GLU A 52 -33.27 0.14 28.06
CA GLU A 52 -33.67 -1.15 28.57
C GLU A 52 -32.58 -1.72 29.48
N VAL A 53 -32.91 -2.82 30.16
CA VAL A 53 -31.96 -3.45 31.07
C VAL A 53 -32.28 -4.93 31.15
N MET A 54 -31.21 -5.73 31.23
CA MET A 54 -31.30 -7.17 31.45
C MET A 54 -30.39 -7.52 32.62
N ASN A 55 -30.96 -8.02 33.70
CA ASN A 55 -30.20 -8.47 34.86
C ASN A 55 -30.15 -9.99 34.80
N TYR A 56 -29.03 -10.54 34.34
CA TYR A 56 -28.89 -11.98 34.18
C TYR A 56 -27.94 -12.53 35.23
N SER A 57 -28.21 -13.74 35.68
CA SER A 57 -27.43 -14.37 36.73
C SER A 57 -27.19 -15.84 36.44
N ILE A 58 -26.72 -16.59 37.44
CA ILE A 58 -26.39 -18.00 37.25
C ILE A 58 -27.64 -18.80 36.92
N GLU A 59 -28.73 -18.57 37.65
CA GLU A 59 -29.95 -19.35 37.44
C GLU A 59 -31.19 -18.51 37.19
N GLU A 60 -31.30 -17.30 37.74
CA GLU A 60 -32.44 -16.45 37.43
C GLU A 60 -32.01 -15.27 36.56
N PHE A 61 -32.99 -14.70 35.86
CA PHE A 61 -32.78 -13.54 35.02
C PHE A 61 -34.03 -12.68 35.04
N ARG A 62 -33.88 -11.43 34.63
CA ARG A 62 -34.99 -10.49 34.62
C ARG A 62 -34.76 -9.46 33.53
N GLU A 63 -35.85 -9.01 32.91
CA GLU A 63 -35.82 -7.94 31.93
C GLU A 63 -36.74 -6.83 32.43
N PHE A 64 -36.21 -5.62 32.55
CA PHE A 64 -36.93 -4.52 33.17
C PHE A 64 -36.80 -3.27 32.31
N LYS A 65 -37.08 -3.42 31.01
CA LYS A 65 -37.03 -2.28 30.11
C LYS A 65 -38.09 -1.24 30.49
N THR A 66 -37.69 0.02 30.50
CA THR A 66 -38.53 1.11 30.98
C THR A 66 -38.39 2.27 30.01
N THR A 67 -38.83 3.46 30.45
CA THR A 67 -38.61 4.70 29.71
C THR A 67 -38.27 5.82 30.70
N ASP A 68 -37.62 5.47 31.79
CA ASP A 68 -37.24 6.42 32.84
C ASP A 68 -35.79 6.22 33.22
N VAL A 69 -35.12 7.32 33.54
CA VAL A 69 -33.70 7.25 33.92
C VAL A 69 -33.53 6.51 35.24
N GLU A 70 -34.47 6.66 36.17
CA GLU A 70 -34.37 6.03 37.47
C GLU A 70 -34.79 4.56 37.36
N SER A 71 -34.93 3.90 38.51
CA SER A 71 -35.38 2.52 38.60
C SER A 71 -34.42 1.55 37.92
N VAL A 72 -33.28 2.06 37.45
CA VAL A 72 -32.23 1.22 36.88
C VAL A 72 -30.87 1.43 37.53
N LEU A 73 -30.64 2.57 38.17
CA LEU A 73 -29.39 2.77 38.90
C LEU A 73 -29.15 1.75 40.00
N PRO A 74 -30.16 1.32 40.79
CA PRO A 74 -29.91 0.29 41.81
C PRO A 74 -29.20 -0.96 41.32
N PHE A 75 -29.15 -1.17 40.00
CA PHE A 75 -28.44 -2.32 39.45
C PHE A 75 -26.93 -2.22 39.59
N ARG A 76 -26.41 -1.07 40.01
CA ARG A 76 -24.96 -0.86 40.07
C ARG A 76 -24.30 -1.81 41.06
N ASP A 77 -24.82 -1.87 42.28
CA ASP A 77 -24.18 -2.63 43.35
C ASP A 77 -24.68 -4.07 43.45
N SER A 78 -25.55 -4.51 42.54
CA SER A 78 -26.05 -5.88 42.58
C SER A 78 -24.91 -6.86 42.27
N SER A 79 -24.87 -7.96 43.02
CA SER A 79 -23.84 -8.96 42.81
C SER A 79 -23.97 -9.61 41.44
N THR A 80 -25.19 -9.92 41.02
CA THR A 80 -25.40 -10.50 39.71
C THR A 80 -25.10 -9.46 38.63
N PRO A 81 -24.30 -9.82 37.62
CA PRO A 81 -23.98 -8.86 36.56
C PRO A 81 -25.24 -8.40 35.84
N THR A 82 -25.26 -7.13 35.46
CA THR A 82 -26.41 -6.55 34.76
C THR A 82 -25.94 -5.98 33.42
N TRP A 83 -26.91 -5.53 32.62
CA TRP A 83 -26.64 -5.11 31.24
C TRP A 83 -27.63 -4.00 30.89
N ILE A 84 -27.12 -2.77 30.84
CA ILE A 84 -27.93 -1.58 30.61
C ILE A 84 -27.75 -1.13 29.17
N ASN A 85 -28.85 -0.85 28.49
CA ASN A 85 -28.82 -0.39 27.11
C ASN A 85 -29.45 1.00 27.06
N ILE A 86 -28.62 2.03 26.98
CA ILE A 86 -29.12 3.39 26.73
C ILE A 86 -29.13 3.57 25.22
N THR A 87 -30.17 3.02 24.59
CA THR A 87 -30.32 3.10 23.14
C THR A 87 -30.93 4.45 22.80
N GLY A 88 -30.13 5.34 22.23
CA GLY A 88 -30.56 6.70 21.99
C GLY A 88 -29.95 7.63 23.03
N ILE A 89 -28.87 8.31 22.67
CA ILE A 89 -28.19 9.21 23.58
C ILE A 89 -28.43 10.66 23.20
N HIS A 90 -29.50 10.94 22.46
CA HIS A 90 -29.87 12.32 22.20
C HIS A 90 -30.15 13.07 23.49
N ARG A 91 -30.90 12.46 24.40
CA ARG A 91 -31.21 13.08 25.69
C ARG A 91 -29.96 13.06 26.54
N THR A 92 -29.28 14.21 26.64
CA THR A 92 -28.10 14.31 27.48
C THR A 92 -28.41 14.10 28.95
N ASP A 93 -29.67 14.32 29.36
CA ASP A 93 -30.04 14.18 30.76
C ASP A 93 -29.78 12.75 31.24
N VAL A 94 -30.33 11.76 30.52
CA VAL A 94 -30.17 10.38 30.95
C VAL A 94 -28.70 9.96 30.88
N VAL A 95 -27.99 10.39 29.83
CA VAL A 95 -26.59 9.98 29.68
C VAL A 95 -25.76 10.52 30.84
N GLN A 96 -25.92 11.80 31.15
CA GLN A 96 -25.16 12.39 32.25
C GLN A 96 -25.52 11.76 33.58
N ARG A 97 -26.82 11.55 33.84
CA ARG A 97 -27.22 10.98 35.11
C ARG A 97 -26.66 9.57 35.28
N VAL A 98 -26.77 8.74 34.23
CA VAL A 98 -26.27 7.38 34.32
C VAL A 98 -24.75 7.37 34.45
N GLY A 99 -24.06 8.22 33.69
CA GLY A 99 -22.61 8.22 33.75
C GLY A 99 -22.06 8.70 35.08
N GLU A 100 -22.56 9.83 35.57
CA GLU A 100 -22.08 10.36 36.84
C GLU A 100 -22.57 9.53 38.03
N PHE A 101 -23.70 8.83 37.91
CA PHE A 101 -24.13 7.97 39.00
C PHE A 101 -23.34 6.67 39.03
N PHE A 102 -22.96 6.14 37.88
CA PHE A 102 -22.21 4.89 37.83
C PHE A 102 -20.71 5.08 38.03
N GLY A 103 -20.25 6.32 38.17
CA GLY A 103 -18.84 6.58 38.35
C GLY A 103 -18.09 6.90 37.07
N ILE A 104 -18.79 7.10 35.95
CA ILE A 104 -18.13 7.40 34.70
C ILE A 104 -17.63 8.84 34.73
N HIS A 105 -16.36 9.04 34.40
CA HIS A 105 -15.80 10.38 34.36
C HIS A 105 -16.49 11.21 33.28
N PRO A 106 -16.69 12.51 33.52
CA PRO A 106 -17.40 13.34 32.54
C PRO A 106 -16.79 13.34 31.15
N LEU A 107 -15.47 13.26 31.01
CA LEU A 107 -14.89 13.22 29.67
C LEU A 107 -15.17 11.88 29.00
N VAL A 108 -15.30 10.81 29.77
CA VAL A 108 -15.78 9.56 29.18
C VAL A 108 -17.19 9.76 28.65
N LEU A 109 -18.02 10.51 29.37
CA LEU A 109 -19.35 10.83 28.87
C LEU A 109 -19.28 11.65 27.59
N GLU A 110 -18.32 12.59 27.51
CA GLU A 110 -18.16 13.36 26.28
C GLU A 110 -17.77 12.45 25.11
N ASP A 111 -16.86 11.52 25.36
CA ASP A 111 -16.46 10.58 24.31
C ASP A 111 -17.65 9.70 23.89
N ILE A 112 -18.52 9.38 24.85
CA ILE A 112 -19.76 8.68 24.50
C ILE A 112 -20.62 9.54 23.59
N LEU A 113 -20.80 10.81 23.95
CA LEU A 113 -21.70 11.67 23.19
C LEU A 113 -21.11 12.07 21.85
N ASN A 114 -19.79 12.11 21.74
CA ASN A 114 -19.16 12.39 20.45
C ASN A 114 -19.36 11.20 19.53
N VAL A 115 -19.90 11.44 18.34
CA VAL A 115 -20.26 10.35 17.43
C VAL A 115 -19.28 10.37 16.26
N HIS A 116 -18.17 11.09 16.42
CA HIS A 116 -17.16 11.18 15.39
C HIS A 116 -15.86 10.47 15.75
N GLN A 117 -15.80 9.79 16.88
CA GLN A 117 -14.57 9.15 17.32
C GLN A 117 -14.38 7.80 16.66
N ARG A 118 -13.12 7.44 16.40
CA ARG A 118 -12.79 6.11 15.95
C ARG A 118 -12.92 5.13 17.12
N PRO A 119 -13.00 3.83 16.84
CA PRO A 119 -13.01 2.84 17.91
C PRO A 119 -11.86 3.07 18.89
N LYS A 120 -12.19 3.07 20.18
CA LYS A 120 -11.23 3.43 21.22
C LYS A 120 -11.34 2.44 22.37
N VAL A 121 -10.26 2.35 23.14
CA VAL A 121 -10.26 1.61 24.41
C VAL A 121 -9.49 2.42 25.44
N GLU A 122 -10.04 2.49 26.65
CA GLU A 122 -9.45 3.24 27.74
C GLU A 122 -9.72 2.52 29.05
N PHE A 123 -8.65 2.15 29.74
CA PHE A 123 -8.76 1.39 30.99
C PHE A 123 -8.67 2.35 32.17
N PHE A 124 -9.65 2.31 33.05
CA PHE A 124 -9.65 3.07 34.28
C PHE A 124 -9.58 2.12 35.47
N GLU A 125 -9.57 2.69 36.67
CA GLU A 125 -9.34 1.88 37.86
C GLU A 125 -10.54 1.03 38.20
N ASN A 126 -11.75 1.46 37.81
CA ASN A 126 -12.96 0.72 38.17
C ASN A 126 -13.91 0.52 36.98
N TYR A 127 -13.47 0.82 35.77
CA TYR A 127 -14.29 0.56 34.59
C TYR A 127 -13.42 0.63 33.34
N VAL A 128 -13.88 -0.03 32.29
CA VAL A 128 -13.20 -0.08 31.00
C VAL A 128 -14.14 0.50 29.96
N PHE A 129 -13.64 1.46 29.18
CA PHE A 129 -14.43 2.18 28.19
C PHE A 129 -14.00 1.76 26.80
N ILE A 130 -14.98 1.46 25.95
CA ILE A 130 -14.73 1.02 24.57
C ILE A 130 -15.69 1.75 23.66
N VAL A 131 -15.19 2.19 22.50
CA VAL A 131 -16.02 2.82 21.48
C VAL A 131 -15.91 1.99 20.22
N LEU A 132 -17.04 1.49 19.73
CA LEU A 132 -17.11 0.70 18.52
C LEU A 132 -18.05 1.37 17.53
N LYS A 133 -17.95 0.97 16.27
CA LYS A 133 -18.83 1.48 15.23
C LYS A 133 -19.50 0.29 14.56
N MET A 134 -20.82 0.32 14.45
CA MET A 134 -21.58 -0.69 13.73
C MET A 134 -22.20 -0.05 12.48
N PHE A 135 -22.15 -0.79 11.38
CA PHE A 135 -22.51 -0.25 10.07
C PHE A 135 -23.80 -0.84 9.56
N THR A 136 -24.60 0.02 8.92
CA THR A 136 -25.79 -0.39 8.19
C THR A 136 -25.62 -0.01 6.73
N TYR A 137 -26.19 -0.82 5.85
CA TYR A 137 -26.00 -0.66 4.41
C TYR A 137 -27.34 -0.48 3.73
N ASP A 138 -27.55 0.70 3.14
CA ASP A 138 -28.71 0.95 2.29
C ASP A 138 -28.37 0.39 0.91
N LYS A 139 -28.91 -0.81 0.64
CA LYS A 139 -28.59 -1.52 -0.60
C LYS A 139 -29.29 -0.90 -1.81
N ASN A 140 -30.48 -0.33 -1.60
CA ASN A 140 -31.24 0.22 -2.73
C ASN A 140 -30.49 1.39 -3.38
N LEU A 141 -29.86 2.24 -2.57
CA LEU A 141 -29.14 3.39 -3.09
C LEU A 141 -27.65 3.33 -2.78
N HIS A 142 -27.18 2.24 -2.17
CA HIS A 142 -25.75 2.00 -1.92
C HIS A 142 -25.14 3.10 -1.04
N GLU A 143 -25.62 3.17 0.20
CA GLU A 143 -24.98 3.98 1.24
C GLU A 143 -24.53 3.12 2.40
N LEU A 144 -23.53 3.60 3.12
CA LEU A 144 -22.97 2.91 4.29
C LEU A 144 -22.99 3.88 5.46
N GLU A 145 -23.96 3.73 6.35
CA GLU A 145 -24.10 4.59 7.51
C GLU A 145 -23.48 3.92 8.73
N SER A 146 -22.93 4.75 9.63
CA SER A 146 -22.23 4.27 10.81
C SER A 146 -22.94 4.78 12.05
N GLU A 147 -23.12 3.90 13.03
CA GLU A 147 -23.67 4.25 14.33
C GLU A 147 -22.66 3.83 15.40
N GLN A 148 -22.30 4.75 16.28
CA GLN A 148 -21.34 4.45 17.33
C GLN A 148 -22.03 3.82 18.53
N VAL A 149 -21.37 2.84 19.13
CA VAL A 149 -21.84 2.18 20.33
C VAL A 149 -20.75 2.30 21.40
N SER A 150 -21.15 2.64 22.61
CA SER A 150 -20.22 2.84 23.72
C SER A 150 -20.43 1.74 24.74
N LEU A 151 -19.33 1.08 25.11
CA LEU A 151 -19.31 0.00 26.09
C LEU A 151 -18.59 0.48 27.34
N ILE A 152 -19.18 0.23 28.50
CA ILE A 152 -18.53 0.50 29.78
C ILE A 152 -18.68 -0.74 30.64
N LEU A 153 -17.56 -1.37 31.00
CA LEU A 153 -17.56 -2.50 31.91
C LEU A 153 -17.14 -2.05 33.30
N THR A 154 -17.91 -2.46 34.31
CA THR A 154 -17.67 -2.01 35.67
C THR A 154 -17.58 -3.17 36.66
N LYS A 155 -17.34 -4.39 36.19
CA LYS A 155 -17.27 -5.65 36.93
C LYS A 155 -18.56 -5.97 37.67
N ASN A 156 -19.59 -5.13 37.54
CA ASN A 156 -20.90 -5.37 38.11
C ASN A 156 -22.03 -5.03 37.15
N CYS A 157 -21.72 -4.40 36.01
CA CYS A 157 -22.71 -4.04 35.00
C CYS A 157 -21.96 -3.75 33.71
N VAL A 158 -22.68 -3.82 32.60
CA VAL A 158 -22.14 -3.54 31.28
C VAL A 158 -23.07 -2.55 30.60
N LEU A 159 -22.69 -1.28 30.58
CA LEU A 159 -23.49 -0.26 29.91
C LEU A 159 -23.15 -0.21 28.43
N MET A 160 -24.18 -0.05 27.60
CA MET A 160 -23.98 0.43 26.23
C MET A 160 -24.81 1.67 25.99
N PHE A 161 -24.21 2.64 25.32
CA PHE A 161 -24.89 3.81 24.83
C PHE A 161 -24.92 3.77 23.31
N GLN A 162 -26.12 3.91 22.75
CA GLN A 162 -26.31 3.87 21.30
C GLN A 162 -27.08 5.11 20.87
N GLU A 163 -27.11 5.33 19.56
CA GLU A 163 -27.71 6.54 18.98
C GLU A 163 -29.03 6.29 18.27
N LYS A 164 -29.29 5.06 17.80
CA LYS A 164 -30.50 4.77 17.06
C LYS A 164 -31.18 3.55 17.66
N ILE A 165 -32.52 3.58 17.70
CA ILE A 165 -33.27 2.43 18.19
C ILE A 165 -33.04 1.26 17.24
N GLY A 166 -33.02 0.05 17.82
CA GLY A 166 -32.67 -1.13 17.05
C GLY A 166 -31.17 -1.26 16.92
N ASP A 167 -30.66 -2.48 17.05
CA ASP A 167 -29.23 -2.71 17.07
C ASP A 167 -28.95 -4.18 16.81
N VAL A 168 -27.71 -4.48 16.44
CA VAL A 168 -27.30 -5.85 16.09
C VAL A 168 -26.80 -6.50 17.38
N PHE A 169 -27.75 -7.00 18.17
CA PHE A 169 -27.41 -7.77 19.36
C PHE A 169 -28.37 -8.93 19.58
N ASP A 170 -29.09 -9.34 18.55
CA ASP A 170 -30.02 -10.47 18.68
C ASP A 170 -29.37 -11.75 19.19
N PRO A 171 -28.18 -12.18 18.72
CA PRO A 171 -27.60 -13.43 19.23
C PRO A 171 -27.39 -13.43 20.74
N VAL A 172 -26.72 -12.41 21.27
CA VAL A 172 -26.46 -12.37 22.70
C VAL A 172 -27.75 -12.18 23.48
N ARG A 173 -28.68 -11.38 22.96
CA ARG A 173 -29.95 -11.17 23.65
C ARG A 173 -30.73 -12.47 23.77
N GLU A 174 -30.78 -13.26 22.68
CA GLU A 174 -31.46 -14.54 22.75
C GLU A 174 -30.70 -15.52 23.64
N ARG A 175 -29.37 -15.46 23.64
CA ARG A 175 -28.60 -16.32 24.53
C ARG A 175 -28.96 -16.05 25.99
N ILE A 176 -29.07 -14.77 26.36
CA ILE A 176 -29.38 -14.44 27.74
C ILE A 176 -30.85 -14.74 28.07
N ARG A 177 -31.78 -14.40 27.17
CA ARG A 177 -33.19 -14.58 27.46
C ARG A 177 -33.58 -16.06 27.51
N TYR A 178 -33.19 -16.82 26.49
CA TYR A 178 -33.52 -18.23 26.42
C TYR A 178 -32.54 -19.13 27.15
N ASN A 179 -31.52 -18.54 27.79
CA ASN A 179 -30.53 -19.28 28.55
C ASN A 179 -29.79 -20.28 27.67
N ARG A 180 -29.63 -19.93 26.39
CA ARG A 180 -29.10 -20.87 25.40
C ARG A 180 -27.60 -21.10 25.59
N GLY A 181 -26.85 -20.03 25.84
CA GLY A 181 -25.41 -20.11 25.94
C GLY A 181 -24.93 -20.35 27.35
N ILE A 182 -23.61 -20.26 27.51
CA ILE A 182 -22.96 -20.38 28.81
C ILE A 182 -22.69 -19.01 29.43
N ILE A 183 -23.35 -17.96 28.90
CA ILE A 183 -23.11 -16.61 29.37
C ILE A 183 -23.52 -16.42 30.82
N ARG A 184 -24.40 -17.27 31.34
CA ARG A 184 -25.03 -17.02 32.64
C ARG A 184 -24.00 -16.99 33.77
N LYS A 185 -23.04 -17.92 33.76
CA LYS A 185 -22.16 -18.13 34.90
C LYS A 185 -20.70 -17.77 34.59
N LYS A 186 -20.49 -16.66 33.89
CA LYS A 186 -19.13 -16.24 33.55
C LYS A 186 -18.85 -14.75 33.78
N ARG A 187 -19.69 -14.04 34.53
CA ARG A 187 -19.42 -12.67 34.96
C ARG A 187 -19.59 -11.69 33.79
N ALA A 188 -19.48 -10.39 34.06
CA ALA A 188 -19.68 -9.38 33.03
C ALA A 188 -18.60 -9.39 31.96
N ASP A 189 -17.44 -10.00 32.23
CA ASP A 189 -16.39 -10.06 31.23
C ASP A 189 -16.86 -10.82 29.99
N TYR A 190 -17.51 -11.96 30.20
CA TYR A 190 -18.05 -12.71 29.08
C TYR A 190 -19.18 -11.95 28.40
N LEU A 191 -19.90 -11.10 29.15
CA LEU A 191 -20.93 -10.27 28.52
C LEU A 191 -20.29 -9.26 27.56
N LEU A 192 -19.20 -8.62 27.99
CA LEU A 192 -18.50 -7.70 27.09
C LEU A 192 -17.94 -8.45 25.88
N TYR A 193 -17.39 -9.64 26.10
CA TYR A 193 -16.96 -10.47 24.97
C TYR A 193 -18.12 -10.77 24.02
N SER A 194 -19.29 -11.08 24.56
CA SER A 194 -20.43 -11.41 23.70
C SER A 194 -20.83 -10.20 22.88
N LEU A 195 -20.77 -9.00 23.46
CA LEU A 195 -21.06 -7.80 22.68
C LEU A 195 -20.03 -7.61 21.57
N ILE A 196 -18.74 -7.79 21.90
CA ILE A 196 -17.70 -7.66 20.88
C ILE A 196 -17.91 -8.67 19.77
N ASP A 197 -18.27 -9.90 20.13
CA ASP A 197 -18.49 -10.94 19.14
C ASP A 197 -19.69 -10.61 18.26
N ALA A 198 -20.74 -10.02 18.84
CA ALA A 198 -21.87 -9.58 18.04
C ALA A 198 -21.45 -8.52 17.03
N LEU A 199 -20.64 -7.55 17.45
CA LEU A 199 -20.15 -6.55 16.50
C LEU A 199 -19.30 -7.19 15.41
N VAL A 200 -18.45 -8.16 15.77
CA VAL A 200 -17.59 -8.79 14.77
C VAL A 200 -18.41 -9.59 13.77
N ASP A 201 -19.44 -10.29 14.25
CA ASP A 201 -20.32 -11.02 13.34
C ASP A 201 -21.09 -10.07 12.44
N ASP A 202 -21.52 -8.92 12.98
CA ASP A 202 -22.16 -7.92 12.13
C ASP A 202 -21.19 -7.40 11.07
N TYR A 203 -19.91 -7.25 11.43
CA TYR A 203 -18.92 -6.84 10.44
C TYR A 203 -18.74 -7.90 9.36
N PHE A 204 -18.76 -9.17 9.75
CA PHE A 204 -18.69 -10.24 8.76
C PHE A 204 -19.90 -10.19 7.81
N VAL A 205 -21.09 -9.93 8.36
CA VAL A 205 -22.28 -9.80 7.53
C VAL A 205 -22.15 -8.61 6.58
N LEU A 206 -21.61 -7.50 7.07
CA LEU A 206 -21.38 -6.34 6.22
C LEU A 206 -20.40 -6.65 5.10
N LEU A 207 -19.34 -7.40 5.41
CA LEU A 207 -18.40 -7.81 4.38
C LEU A 207 -19.08 -8.71 3.35
N GLU A 208 -19.97 -9.59 3.79
CA GLU A 208 -20.70 -10.42 2.83
C GLU A 208 -21.58 -9.56 1.93
N LYS A 209 -22.24 -8.56 2.50
CA LYS A 209 -23.07 -7.67 1.69
C LYS A 209 -22.21 -6.88 0.69
N ILE A 210 -21.04 -6.42 1.14
CA ILE A 210 -20.15 -5.69 0.24
C ILE A 210 -19.63 -6.60 -0.86
N ASP A 211 -19.36 -7.87 -0.54
CA ASP A 211 -18.97 -8.83 -1.56
C ASP A 211 -20.09 -9.05 -2.57
N ASP A 212 -21.33 -9.12 -2.10
CA ASP A 212 -22.46 -9.24 -3.03
C ASP A 212 -22.53 -8.02 -3.93
N GLU A 213 -22.33 -6.83 -3.38
CA GLU A 213 -22.37 -5.61 -4.18
C GLU A 213 -21.24 -5.59 -5.20
N ILE A 214 -20.05 -6.05 -4.81
CA ILE A 214 -18.92 -6.10 -5.73
C ILE A 214 -19.21 -7.07 -6.86
N ASP A 215 -19.79 -8.24 -6.55
CA ASP A 215 -20.16 -9.19 -7.58
C ASP A 215 -21.21 -8.62 -8.53
N VAL A 216 -22.20 -7.91 -7.97
CA VAL A 216 -23.22 -7.30 -8.81
C VAL A 216 -22.60 -6.27 -9.75
N LEU A 217 -21.68 -5.45 -9.23
CA LEU A 217 -21.02 -4.48 -10.09
C LEU A 217 -20.17 -5.17 -11.16
N GLU A 218 -19.47 -6.24 -10.77
CA GLU A 218 -18.59 -6.93 -11.70
C GLU A 218 -19.38 -7.57 -12.84
N GLU A 219 -20.53 -8.18 -12.53
CA GLU A 219 -21.36 -8.70 -13.61
C GLU A 219 -22.02 -7.58 -14.40
N GLU A 220 -22.31 -6.45 -13.74
CA GLU A 220 -22.85 -5.30 -14.45
C GLU A 220 -21.81 -4.70 -15.38
N VAL A 221 -20.57 -4.57 -14.92
CA VAL A 221 -19.49 -4.12 -15.79
C VAL A 221 -19.07 -5.27 -16.70
N LEU A 222 -18.35 -4.92 -17.77
CA LEU A 222 -17.88 -5.85 -18.80
C LEU A 222 -19.05 -6.39 -19.62
N GLU A 223 -20.27 -6.03 -19.23
CA GLU A 223 -21.48 -6.38 -19.95
C GLU A 223 -22.32 -5.16 -20.30
N ARG A 224 -22.42 -4.19 -19.40
CA ARG A 224 -23.12 -2.93 -19.63
C ARG A 224 -22.18 -1.80 -19.23
N PRO A 225 -21.23 -1.45 -20.11
CA PRO A 225 -20.36 -0.32 -19.81
C PRO A 225 -21.15 0.98 -19.81
N GLU A 226 -20.83 1.85 -18.85
CA GLU A 226 -21.56 3.11 -18.73
C GLU A 226 -20.73 4.09 -17.94
N LYS A 227 -21.02 5.37 -18.14
CA LYS A 227 -20.38 6.42 -17.36
C LYS A 227 -20.79 6.35 -15.89
N GLU A 228 -22.00 5.85 -15.62
CA GLU A 228 -22.49 5.75 -14.24
C GLU A 228 -21.70 4.72 -13.42
N THR A 229 -21.25 3.64 -14.08
CA THR A 229 -20.52 2.60 -13.35
C THR A 229 -19.24 3.15 -12.73
N VAL A 230 -18.67 4.21 -13.31
CA VAL A 230 -17.49 4.83 -12.72
C VAL A 230 -17.82 5.42 -11.35
N GLN A 231 -18.92 6.17 -11.25
CA GLN A 231 -19.32 6.69 -9.95
C GLN A 231 -19.74 5.57 -9.00
N ARG A 232 -20.34 4.51 -9.51
CA ARG A 232 -20.67 3.38 -8.64
C ARG A 232 -19.41 2.77 -8.04
N THR A 233 -18.39 2.55 -8.87
CA THR A 233 -17.13 2.03 -8.37
C THR A 233 -16.47 2.98 -7.40
N HIS A 234 -16.52 4.29 -7.68
CA HIS A 234 -15.90 5.26 -6.79
C HIS A 234 -16.61 5.29 -5.43
N GLN A 235 -17.94 5.20 -5.43
CA GLN A 235 -18.67 5.14 -4.18
C GLN A 235 -18.32 3.88 -3.40
N LEU A 236 -18.20 2.74 -4.10
CA LEU A 236 -17.81 1.51 -3.41
C LEU A 236 -16.41 1.63 -2.82
N LYS A 237 -15.50 2.27 -3.56
CA LYS A 237 -14.13 2.44 -3.04
C LYS A 237 -14.11 3.37 -1.84
N ARG A 238 -14.90 4.45 -1.87
CA ARG A 238 -14.97 5.34 -0.72
C ARG A 238 -15.57 4.64 0.49
N ASN A 239 -16.59 3.81 0.28
CA ASN A 239 -17.17 3.05 1.38
C ASN A 239 -16.15 2.06 1.94
N LEU A 240 -15.36 1.43 1.08
CA LEU A 240 -14.29 0.55 1.55
C LEU A 240 -13.23 1.33 2.32
N VAL A 241 -12.95 2.56 1.89
CA VAL A 241 -12.00 3.40 2.61
C VAL A 241 -12.50 3.67 4.03
N GLU A 242 -13.78 4.06 4.14
CA GLU A 242 -14.35 4.29 5.46
C GLU A 242 -14.36 3.02 6.30
N LEU A 243 -14.71 1.89 5.69
CA LEU A 243 -14.80 0.64 6.43
C LEU A 243 -13.43 0.23 6.94
N ARG A 244 -12.39 0.40 6.13
CA ARG A 244 -11.02 0.14 6.58
C ARG A 244 -10.60 1.10 7.69
N LYS A 245 -10.95 2.39 7.53
CA LYS A 245 -10.62 3.38 8.55
C LYS A 245 -11.26 3.06 9.88
N THR A 246 -12.40 2.34 9.85
CA THR A 246 -13.01 1.90 11.10
C THR A 246 -12.42 0.57 11.59
N ILE A 247 -12.11 -0.35 10.68
CA ILE A 247 -11.61 -1.67 11.08
C ILE A 247 -10.23 -1.55 11.72
N TRP A 248 -9.32 -0.80 11.10
CA TRP A 248 -7.94 -0.80 11.57
C TRP A 248 -7.79 -0.42 13.04
N PRO A 249 -8.51 0.55 13.59
CA PRO A 249 -8.45 0.76 15.05
C PRO A 249 -8.93 -0.45 15.85
N LEU A 250 -9.81 -1.28 15.30
CA LEU A 250 -10.32 -2.42 16.05
C LEU A 250 -9.23 -3.45 16.32
N ARG A 251 -8.29 -3.62 15.39
CA ARG A 251 -7.18 -4.53 15.65
C ARG A 251 -6.39 -4.08 16.87
N GLU A 252 -6.08 -2.79 16.95
CA GLU A 252 -5.38 -2.26 18.11
C GLU A 252 -6.23 -2.40 19.38
N VAL A 253 -7.53 -2.15 19.26
CA VAL A 253 -8.40 -2.22 20.44
C VAL A 253 -8.43 -3.64 20.99
N LEU A 254 -8.57 -4.63 20.13
CA LEU A 254 -8.65 -6.01 20.61
C LEU A 254 -7.29 -6.51 21.10
N SER A 255 -6.20 -6.12 20.43
CA SER A 255 -4.88 -6.46 20.95
C SER A 255 -4.67 -5.86 22.33
N SER A 256 -5.11 -4.62 22.52
CA SER A 256 -5.16 -4.04 23.85
C SER A 256 -5.99 -4.87 24.81
N LEU A 257 -7.13 -5.36 24.34
CA LEU A 257 -8.06 -6.03 25.24
C LEU A 257 -7.49 -7.35 25.76
N TYR A 258 -6.79 -8.11 24.92
CA TYR A 258 -6.31 -9.38 25.48
C TYR A 258 -4.86 -9.30 25.96
N ARG A 259 -3.99 -8.59 25.25
CA ARG A 259 -2.57 -8.56 25.64
C ARG A 259 -2.39 -7.85 26.97
N ASP A 260 -2.96 -6.65 27.11
CA ASP A 260 -2.74 -5.86 28.31
C ASP A 260 -3.45 -6.41 29.53
N VAL A 261 -4.42 -7.31 29.34
CA VAL A 261 -5.18 -8.01 30.38
C VAL A 261 -5.52 -7.05 31.52
N PRO A 262 -6.46 -6.13 31.31
CA PRO A 262 -6.85 -5.22 32.38
C PRO A 262 -7.44 -6.00 33.54
N PRO A 263 -7.23 -5.53 34.77
CA PRO A 263 -7.75 -6.28 35.93
C PRO A 263 -9.26 -6.35 35.99
N LEU A 264 -9.98 -5.46 35.28
CA LEU A 264 -11.42 -5.57 35.19
C LEU A 264 -11.84 -6.87 34.50
N ILE A 265 -11.10 -7.26 33.48
CA ILE A 265 -11.38 -8.50 32.75
C ILE A 265 -10.65 -9.64 33.43
N GLU A 266 -11.39 -10.71 33.74
CA GLU A 266 -10.79 -11.87 34.38
C GLU A 266 -9.78 -12.55 33.46
N LYS A 267 -8.83 -13.25 34.06
CA LYS A 267 -7.78 -13.90 33.30
C LYS A 267 -8.35 -14.97 32.36
N GLU A 268 -9.35 -15.72 32.83
CA GLU A 268 -9.91 -16.81 32.05
C GLU A 268 -10.59 -16.36 30.77
N THR A 269 -10.91 -15.07 30.63
CA THR A 269 -11.61 -14.58 29.45
C THR A 269 -10.65 -14.09 28.37
N VAL A 270 -9.34 -14.04 28.64
CA VAL A 270 -8.40 -13.50 27.65
C VAL A 270 -8.38 -14.28 26.36
N PRO A 271 -8.33 -15.63 26.35
CA PRO A 271 -8.32 -16.34 25.06
C PRO A 271 -9.52 -16.02 24.19
N TYR A 272 -10.66 -15.72 24.79
CA TYR A 272 -11.83 -15.32 24.02
C TYR A 272 -11.55 -14.03 23.23
N PHE A 273 -10.99 -13.02 23.90
CA PHE A 273 -10.64 -11.80 23.19
C PHE A 273 -9.52 -12.04 22.17
N ARG A 274 -8.65 -13.01 22.43
CA ARG A 274 -7.65 -13.38 21.43
C ARG A 274 -8.31 -13.93 20.17
N ASP A 275 -9.32 -14.77 20.34
CA ASP A 275 -10.06 -15.28 19.19
C ASP A 275 -10.77 -14.16 18.44
N VAL A 276 -11.35 -13.21 19.17
CA VAL A 276 -12.00 -12.09 18.49
C VAL A 276 -10.98 -11.26 17.72
N TYR A 277 -9.77 -11.11 18.26
CA TYR A 277 -8.72 -10.41 17.53
C TYR A 277 -8.32 -11.17 16.27
N ASP A 278 -8.30 -12.50 16.33
CA ASP A 278 -8.07 -13.28 15.12
C ASP A 278 -9.15 -13.03 14.07
N HIS A 279 -10.42 -12.99 14.50
CA HIS A 279 -11.47 -12.62 13.57
C HIS A 279 -11.27 -11.22 13.01
N THR A 280 -10.78 -10.29 13.83
CA THR A 280 -10.56 -8.93 13.38
C THR A 280 -9.46 -8.86 12.32
N ILE A 281 -8.35 -9.59 12.51
CA ILE A 281 -7.29 -9.57 11.51
C ILE A 281 -7.77 -10.26 10.23
N GLN A 282 -8.59 -11.29 10.36
CA GLN A 282 -9.21 -11.88 9.16
C GLN A 282 -10.06 -10.86 8.42
N ILE A 283 -10.84 -10.06 9.16
CA ILE A 283 -11.69 -9.05 8.53
C ILE A 283 -10.84 -7.99 7.85
N ALA A 284 -9.72 -7.61 8.48
CA ALA A 284 -8.82 -6.63 7.87
C ALA A 284 -8.23 -7.17 6.57
N ASP A 285 -7.82 -8.44 6.57
CA ASP A 285 -7.33 -9.05 5.33
C ASP A 285 -8.41 -9.06 4.26
N THR A 286 -9.64 -9.38 4.65
CA THR A 286 -10.75 -9.40 3.71
C THR A 286 -10.95 -8.03 3.08
N VAL A 287 -10.95 -6.98 3.90
CA VAL A 287 -11.19 -5.64 3.35
C VAL A 287 -10.02 -5.18 2.50
N GLU A 288 -8.80 -5.61 2.82
CA GLU A 288 -7.65 -5.27 1.98
C GLU A 288 -7.78 -5.93 0.60
N THR A 289 -8.16 -7.21 0.58
CA THR A 289 -8.37 -7.88 -0.71
C THR A 289 -9.49 -7.22 -1.49
N PHE A 290 -10.56 -6.82 -0.81
CA PHE A 290 -11.67 -6.15 -1.48
C PHE A 290 -11.21 -4.82 -2.07
N ARG A 291 -10.38 -4.07 -1.34
CA ARG A 291 -9.85 -2.81 -1.87
C ARG A 291 -9.02 -3.06 -3.11
N ASP A 292 -8.17 -4.09 -3.10
CA ASP A 292 -7.36 -4.39 -4.29
C ASP A 292 -8.26 -4.76 -5.47
N ILE A 293 -9.30 -5.56 -5.22
CA ILE A 293 -10.20 -5.96 -6.29
C ILE A 293 -10.92 -4.75 -6.89
N VAL A 294 -11.38 -3.84 -6.02
CA VAL A 294 -12.04 -2.63 -6.51
C VAL A 294 -11.06 -1.78 -7.30
N SER A 295 -9.80 -1.75 -6.89
CA SER A 295 -8.79 -1.00 -7.64
C SER A 295 -8.61 -1.57 -9.04
N GLY A 296 -8.57 -2.89 -9.17
CA GLY A 296 -8.47 -3.50 -10.48
C GLY A 296 -9.75 -3.43 -11.31
N LEU A 297 -10.88 -3.21 -10.64
CA LEU A 297 -12.16 -3.17 -11.34
C LEU A 297 -12.23 -2.00 -12.31
N LEU A 298 -11.66 -0.85 -11.95
CA LEU A 298 -11.67 0.28 -12.87
C LEU A 298 -10.85 -0.03 -14.13
N ASP A 299 -9.70 -0.69 -13.96
CA ASP A 299 -8.89 -1.06 -15.12
C ASP A 299 -9.63 -2.04 -16.02
N VAL A 300 -10.31 -3.02 -15.42
CA VAL A 300 -11.05 -3.96 -16.27
C VAL A 300 -12.19 -3.26 -16.98
N TYR A 301 -12.81 -2.25 -16.33
CA TYR A 301 -13.82 -1.46 -17.01
C TYR A 301 -13.23 -0.67 -18.17
N LEU A 302 -12.04 -0.12 -17.98
CA LEU A 302 -11.39 0.62 -19.07
C LEU A 302 -11.12 -0.29 -20.25
N SER A 303 -10.65 -1.51 -19.99
CA SER A 303 -10.46 -2.47 -21.07
C SER A 303 -11.77 -2.81 -21.76
N SER A 304 -12.84 -2.96 -20.98
CA SER A 304 -14.14 -3.24 -21.57
C SER A 304 -14.60 -2.10 -22.47
N VAL A 305 -14.38 -0.86 -22.04
CA VAL A 305 -14.77 0.28 -22.86
C VAL A 305 -13.93 0.37 -24.13
N SER A 306 -12.64 0.03 -24.03
CA SER A 306 -11.81 -0.03 -25.22
C SER A 306 -12.34 -1.05 -26.22
N ASN A 307 -12.74 -2.22 -25.73
CA ASN A 307 -13.33 -3.22 -26.62
C ASN A 307 -14.66 -2.72 -27.20
N LYS A 308 -15.45 -2.02 -26.39
CA LYS A 308 -16.74 -1.52 -26.85
C LYS A 308 -16.57 -0.51 -27.98
N THR A 309 -15.59 0.39 -27.86
CA THR A 309 -15.35 1.33 -28.95
C THR A 309 -14.67 0.64 -30.13
N ASN A 310 -13.92 -0.43 -29.88
CA ASN A 310 -13.39 -1.21 -30.99
C ASN A 310 -14.51 -1.84 -31.80
N GLU A 311 -15.62 -2.19 -31.16
CA GLU A 311 -16.74 -2.77 -31.90
C GLU A 311 -17.27 -1.79 -32.96
N VAL A 312 -17.57 -0.56 -32.54
CA VAL A 312 -18.08 0.42 -33.50
C VAL A 312 -16.99 0.81 -34.49
N MET A 313 -15.71 0.75 -34.10
CA MET A 313 -14.65 0.99 -35.07
C MET A 313 -14.64 -0.07 -36.17
N LYS A 314 -14.78 -1.35 -35.80
CA LYS A 314 -14.88 -2.39 -36.83
C LYS A 314 -16.11 -2.19 -37.70
N VAL A 315 -17.21 -1.75 -37.11
CA VAL A 315 -18.41 -1.46 -37.90
C VAL A 315 -18.12 -0.37 -38.93
N LEU A 316 -17.53 0.74 -38.48
CA LEU A 316 -17.24 1.84 -39.38
C LEU A 316 -16.26 1.40 -40.47
N THR A 317 -15.24 0.65 -40.09
CA THR A 317 -14.24 0.22 -41.06
C THR A 317 -14.85 -0.68 -42.12
N ILE A 318 -15.70 -1.64 -41.72
CA ILE A 318 -16.27 -2.53 -42.71
C ILE A 318 -17.20 -1.76 -43.65
N ILE A 319 -18.03 -0.85 -43.10
CA ILE A 319 -18.92 -0.07 -43.95
C ILE A 319 -18.13 0.77 -44.95
N ALA A 320 -17.09 1.47 -44.47
CA ALA A 320 -16.30 2.30 -45.37
C ALA A 320 -15.59 1.47 -46.43
N THR A 321 -14.91 0.41 -46.00
CA THR A 321 -14.10 -0.39 -46.92
C THR A 321 -14.93 -1.29 -47.80
N ILE A 322 -16.25 -1.37 -47.62
CA ILE A 322 -17.08 -2.01 -48.62
C ILE A 322 -17.90 -1.01 -49.42
N PHE A 323 -17.94 0.26 -49.04
CA PHE A 323 -18.63 1.26 -49.85
C PHE A 323 -17.72 2.32 -50.44
N MET A 324 -16.67 2.76 -49.75
CA MET A 324 -15.71 3.67 -50.38
C MET A 324 -14.98 3.08 -51.58
N PRO A 325 -14.38 1.88 -51.51
CA PRO A 325 -13.75 1.34 -52.72
C PRO A 325 -14.76 0.90 -53.75
N LEU A 326 -16.02 0.90 -53.39
CA LEU A 326 -17.11 0.45 -54.25
C LEU A 326 -17.91 1.62 -54.79
N THR A 327 -17.36 2.85 -54.72
CA THR A 327 -18.04 4.02 -55.27
C THR A 327 -17.41 4.56 -56.55
N PHE A 328 -16.20 4.12 -56.93
CA PHE A 328 -15.69 4.50 -58.25
C PHE A 328 -16.61 4.02 -59.36
N ILE A 329 -16.69 2.70 -59.57
CA ILE A 329 -17.48 2.18 -60.67
C ILE A 329 -18.97 2.48 -60.52
N ALA A 330 -19.36 3.19 -59.46
CA ALA A 330 -20.60 3.93 -59.44
C ALA A 330 -20.42 5.44 -59.59
N GLY A 331 -19.18 5.93 -59.49
CA GLY A 331 -18.90 7.35 -59.70
C GLY A 331 -18.01 7.61 -60.90
N ILE A 332 -17.16 6.65 -61.24
CA ILE A 332 -16.36 6.76 -62.47
C ILE A 332 -17.27 6.63 -63.68
N TYR A 333 -18.39 5.92 -63.53
CA TYR A 333 -19.49 5.99 -64.47
C TYR A 333 -20.44 7.05 -63.94
N GLY A 334 -20.55 8.16 -64.67
CA GLY A 334 -21.11 9.39 -64.15
C GLY A 334 -20.25 10.53 -64.66
N MET A 335 -19.11 10.14 -65.23
CA MET A 335 -18.24 11.08 -65.93
C MET A 335 -18.95 11.59 -67.19
N ASN A 336 -19.37 12.85 -67.17
CA ASN A 336 -20.11 13.43 -68.28
C ASN A 336 -19.15 13.65 -69.45
N PHE A 337 -18.80 12.54 -70.10
CA PHE A 337 -17.88 12.54 -71.21
C PHE A 337 -18.36 11.54 -72.25
N GLU A 338 -17.97 11.75 -73.50
CA GLU A 338 -18.28 10.83 -74.57
C GLU A 338 -17.03 10.02 -74.93
N TYR A 339 -17.14 9.18 -75.96
CA TYR A 339 -16.05 8.35 -76.48
C TYR A 339 -15.66 7.26 -75.47
N MET A 340 -16.67 6.59 -74.94
CA MET A 340 -16.55 5.37 -74.15
C MET A 340 -17.62 4.39 -74.58
N PRO A 341 -17.47 3.09 -74.24
CA PRO A 341 -18.61 2.16 -74.32
C PRO A 341 -19.57 2.36 -73.15
N GLU A 342 -19.88 3.63 -72.86
CA GLU A 342 -20.78 3.97 -71.77
C GLU A 342 -22.21 3.51 -72.05
N LEU A 343 -22.54 3.27 -73.32
CA LEU A 343 -23.86 2.81 -73.70
C LEU A 343 -23.85 1.47 -74.42
N ARG A 344 -22.78 1.13 -75.12
CA ARG A 344 -22.70 -0.11 -75.89
C ARG A 344 -22.18 -1.22 -74.97
N TRP A 345 -23.11 -1.97 -74.38
CA TRP A 345 -22.77 -3.07 -73.51
C TRP A 345 -23.92 -4.07 -73.50
N LYS A 346 -23.61 -5.31 -73.15
CA LYS A 346 -24.62 -6.34 -72.93
C LYS A 346 -25.09 -6.19 -71.49
N TRP A 347 -26.19 -5.45 -71.31
CA TRP A 347 -26.72 -5.13 -69.98
C TRP A 347 -25.65 -4.42 -69.14
N GLY A 348 -25.27 -3.22 -69.61
CA GLY A 348 -24.17 -2.50 -68.99
C GLY A 348 -24.43 -2.19 -67.52
N TYR A 349 -25.61 -1.68 -67.21
CA TYR A 349 -25.96 -1.43 -65.81
C TYR A 349 -26.07 -2.72 -65.01
N PRO A 350 -26.72 -3.79 -65.50
CA PRO A 350 -26.62 -5.07 -64.76
C PRO A 350 -25.20 -5.58 -64.62
N VAL A 351 -24.33 -5.35 -65.60
CA VAL A 351 -22.95 -5.81 -65.49
C VAL A 351 -22.20 -5.00 -64.42
N VAL A 352 -22.46 -3.69 -64.35
CA VAL A 352 -21.80 -2.90 -63.31
C VAL A 352 -22.37 -3.26 -61.95
N LEU A 353 -23.64 -3.67 -61.87
CA LEU A 353 -24.16 -4.19 -60.60
C LEU A 353 -23.52 -5.54 -60.27
N ALA A 354 -23.20 -6.34 -61.29
CA ALA A 354 -22.49 -7.59 -61.05
C ALA A 354 -21.10 -7.34 -60.48
N VAL A 355 -20.37 -6.35 -61.03
CA VAL A 355 -19.04 -6.06 -60.48
C VAL A 355 -19.18 -5.40 -59.10
N MET A 356 -20.25 -4.64 -58.88
CA MET A 356 -20.62 -4.22 -57.53
C MET A 356 -20.63 -5.40 -56.58
N GLY A 357 -21.44 -6.41 -56.89
CA GLY A 357 -21.53 -7.57 -56.02
C GLY A 357 -20.22 -8.31 -55.88
N VAL A 358 -19.45 -8.41 -56.98
CA VAL A 358 -18.21 -9.16 -56.95
C VAL A 358 -17.21 -8.48 -56.01
N ILE A 359 -17.02 -7.17 -56.17
CA ILE A 359 -16.07 -6.48 -55.31
C ILE A 359 -16.60 -6.37 -53.89
N ALA A 360 -17.92 -6.31 -53.71
CA ALA A 360 -18.49 -6.30 -52.37
C ALA A 360 -18.18 -7.59 -51.63
N VAL A 361 -18.43 -8.73 -52.27
CA VAL A 361 -18.14 -10.00 -51.61
C VAL A 361 -16.64 -10.20 -51.48
N ILE A 362 -15.84 -9.62 -52.38
CA ILE A 362 -14.39 -9.69 -52.25
C ILE A 362 -13.95 -8.99 -50.97
N MET A 363 -14.46 -7.79 -50.73
CA MET A 363 -14.11 -7.07 -49.50
C MET A 363 -14.66 -7.78 -48.27
N VAL A 364 -15.86 -8.34 -48.37
CA VAL A 364 -16.44 -9.08 -47.25
C VAL A 364 -15.57 -10.27 -46.89
N VAL A 365 -15.09 -11.01 -47.89
CA VAL A 365 -14.18 -12.13 -47.65
C VAL A 365 -12.86 -11.63 -47.05
N TYR A 366 -12.32 -10.55 -47.62
CA TYR A 366 -11.09 -9.97 -47.12
C TYR A 366 -11.19 -9.61 -45.65
N PHE A 367 -12.38 -9.20 -45.20
CA PHE A 367 -12.57 -8.86 -43.79
C PHE A 367 -12.88 -10.07 -42.92
N LYS A 368 -13.65 -11.03 -43.42
CA LYS A 368 -14.05 -12.16 -42.60
C LYS A 368 -12.91 -13.16 -42.41
N LYS A 369 -12.18 -13.47 -43.48
CA LYS A 369 -11.20 -14.56 -43.43
C LYS A 369 -10.02 -14.28 -42.52
N LYS A 370 -9.80 -13.04 -42.09
CA LYS A 370 -8.74 -12.77 -41.12
C LYS A 370 -9.24 -11.93 -39.95
N LYS A 371 -10.52 -12.06 -39.60
CA LYS A 371 -11.07 -11.55 -38.33
C LYS A 371 -10.87 -10.03 -38.21
N TRP A 372 -11.52 -9.30 -39.11
CA TRP A 372 -11.56 -7.84 -39.03
C TRP A 372 -12.80 -7.34 -38.30
N LEU A 373 -13.63 -8.23 -37.78
CA LEU A 373 -14.85 -7.84 -37.07
C LEU A 373 -14.62 -7.85 -35.56
N LEU B 39 -23.45 -23.10 19.36
CA LEU B 39 -22.83 -23.54 18.12
C LEU B 39 -23.84 -23.56 16.97
N VAL B 40 -23.61 -22.71 15.98
CA VAL B 40 -24.47 -22.63 14.80
C VAL B 40 -23.61 -22.82 13.55
N TYR B 41 -24.08 -23.66 12.65
CA TYR B 41 -23.36 -23.94 11.41
C TYR B 41 -23.60 -22.80 10.43
N THR B 42 -22.52 -22.16 9.98
CA THR B 42 -22.61 -20.99 9.11
C THR B 42 -22.21 -21.31 7.67
N GLY B 43 -22.23 -22.58 7.28
CA GLY B 43 -21.86 -22.98 5.94
C GLY B 43 -23.03 -22.93 4.97
N LYS B 44 -22.80 -23.54 3.81
CA LYS B 44 -23.79 -23.58 2.75
C LYS B 44 -24.14 -24.99 2.30
N TYR B 45 -23.54 -26.02 2.90
CA TYR B 45 -23.81 -27.41 2.57
C TYR B 45 -24.49 -28.07 3.76
N ARG B 46 -25.64 -28.68 3.52
CA ARG B 46 -26.47 -29.20 4.60
C ARG B 46 -26.93 -30.64 4.37
N GLU B 47 -26.39 -31.34 3.37
CA GLU B 47 -26.86 -32.68 3.00
C GLU B 47 -25.68 -33.64 2.93
N ASP B 48 -25.29 -34.17 4.09
CA ASP B 48 -24.34 -35.27 4.19
C ASP B 48 -24.16 -35.69 5.64
N PHE B 49 -23.83 -36.96 5.87
CA PHE B 49 -23.38 -37.42 7.18
C PHE B 49 -22.75 -38.80 7.08
N GLU B 50 -21.57 -38.96 7.67
CA GLU B 50 -20.82 -40.22 7.65
C GLU B 50 -19.69 -40.14 8.65
N ILE B 51 -19.56 -41.13 9.54
CA ILE B 51 -18.51 -41.10 10.55
C ILE B 51 -17.69 -42.39 10.38
N GLU B 52 -16.39 -42.23 10.13
CA GLU B 52 -15.55 -43.36 9.80
C GLU B 52 -14.34 -43.41 10.71
N VAL B 53 -14.13 -44.56 11.34
CA VAL B 53 -12.99 -44.81 12.20
C VAL B 53 -12.01 -45.67 11.43
N MET B 54 -10.73 -45.34 11.49
CA MET B 54 -9.67 -46.18 10.96
C MET B 54 -8.61 -46.33 12.03
N ASN B 55 -8.44 -47.56 12.50
CA ASN B 55 -7.55 -47.89 13.62
C ASN B 55 -6.53 -48.90 13.11
N TYR B 56 -5.28 -48.46 13.00
CA TYR B 56 -4.22 -49.26 12.41
C TYR B 56 -3.14 -49.56 13.44
N SER B 57 -2.25 -50.48 13.09
CA SER B 57 -1.13 -50.89 13.93
C SER B 57 -0.14 -51.63 13.04
N ILE B 58 1.03 -51.94 13.60
CA ILE B 58 2.01 -52.72 12.86
C ILE B 58 1.61 -54.19 12.74
N GLU B 59 0.55 -54.62 13.41
CA GLU B 59 -0.08 -55.92 13.12
C GLU B 59 -1.59 -55.85 12.94
N GLU B 60 -2.27 -54.79 13.39
CA GLU B 60 -3.72 -54.73 13.38
C GLU B 60 -4.21 -53.55 12.57
N PHE B 61 -5.40 -53.71 11.98
CA PHE B 61 -6.05 -52.64 11.25
C PHE B 61 -7.53 -52.97 11.11
N ARG B 62 -8.37 -51.93 11.27
CA ARG B 62 -9.81 -52.09 11.10
C ARG B 62 -10.45 -50.75 10.76
N GLU B 63 -11.44 -50.80 9.88
CA GLU B 63 -12.23 -49.63 9.51
C GLU B 63 -13.67 -49.84 9.92
N PHE B 64 -14.31 -48.77 10.39
CA PHE B 64 -15.62 -48.87 11.03
C PHE B 64 -16.42 -47.64 10.57
N LYS B 65 -17.30 -47.84 9.60
CA LYS B 65 -17.99 -46.76 8.91
C LYS B 65 -19.47 -46.80 9.26
N THR B 66 -19.95 -45.78 9.96
CA THR B 66 -21.30 -45.79 10.52
C THR B 66 -21.84 -44.37 10.57
N THR B 67 -22.89 -44.18 11.40
CA THR B 67 -23.52 -42.89 11.65
C THR B 67 -23.72 -42.61 13.13
N ASP B 68 -23.70 -43.62 14.01
CA ASP B 68 -23.94 -43.44 15.44
C ASP B 68 -22.64 -43.00 16.10
N VAL B 69 -22.59 -41.74 16.55
CA VAL B 69 -21.37 -41.20 17.15
C VAL B 69 -21.05 -41.88 18.46
N GLU B 70 -22.06 -42.36 19.19
CA GLU B 70 -21.82 -42.98 20.49
C GLU B 70 -21.05 -44.29 20.38
N SER B 71 -20.92 -44.84 19.17
CA SER B 71 -20.07 -45.99 18.95
C SER B 71 -18.65 -45.60 18.56
N VAL B 72 -18.45 -44.36 18.12
CA VAL B 72 -17.11 -43.86 17.82
C VAL B 72 -16.46 -43.26 19.06
N LEU B 73 -17.27 -42.68 19.96
CA LEU B 73 -16.72 -42.07 21.16
C LEU B 73 -15.88 -43.01 22.03
N PRO B 74 -16.25 -44.27 22.26
CA PRO B 74 -15.40 -45.14 23.09
C PRO B 74 -13.99 -45.32 22.55
N PHE B 75 -13.69 -44.85 21.34
CA PHE B 75 -12.34 -44.86 20.80
C PHE B 75 -11.56 -43.62 21.17
N ARG B 76 -11.91 -42.98 22.30
CA ARG B 76 -11.22 -41.77 22.72
C ARG B 76 -9.73 -42.01 22.91
N ASP B 77 -9.37 -43.07 23.62
CA ASP B 77 -7.97 -43.38 23.88
C ASP B 77 -7.74 -44.87 23.65
N SER B 78 -6.54 -45.17 23.15
CA SER B 78 -6.12 -46.54 22.89
C SER B 78 -4.63 -46.52 22.62
N SER B 79 -3.98 -47.66 22.88
CA SER B 79 -2.56 -47.78 22.59
C SER B 79 -2.30 -47.64 21.10
N THR B 80 -3.15 -48.24 20.28
CA THR B 80 -3.04 -48.10 18.83
C THR B 80 -3.64 -46.77 18.40
N PRO B 81 -2.93 -46.00 17.55
CA PRO B 81 -3.47 -44.72 17.11
C PRO B 81 -4.71 -44.88 16.25
N THR B 82 -5.63 -43.94 16.39
CA THR B 82 -6.89 -43.96 15.64
C THR B 82 -7.05 -42.65 14.88
N TRP B 83 -7.69 -42.70 13.73
CA TRP B 83 -8.08 -41.51 12.99
C TRP B 83 -9.55 -41.62 12.65
N ILE B 84 -10.35 -40.65 13.10
CA ILE B 84 -11.79 -40.72 12.96
C ILE B 84 -12.28 -39.45 12.25
N ASN B 85 -13.05 -39.64 11.19
CA ASN B 85 -13.60 -38.57 10.39
C ASN B 85 -15.09 -38.41 10.64
N ILE B 86 -15.53 -37.17 10.77
CA ILE B 86 -16.93 -36.82 11.01
C ILE B 86 -17.32 -35.91 9.85
N THR B 87 -17.83 -36.48 8.77
CA THR B 87 -18.21 -35.67 7.63
C THR B 87 -19.56 -34.99 7.87
N GLY B 88 -19.74 -33.84 7.22
CA GLY B 88 -20.98 -33.12 7.37
C GLY B 88 -21.18 -32.48 8.72
N ILE B 89 -20.38 -31.45 9.03
CA ILE B 89 -20.47 -30.76 10.31
C ILE B 89 -21.75 -29.94 10.39
N HIS B 90 -22.58 -30.01 9.35
CA HIS B 90 -23.86 -29.31 9.40
C HIS B 90 -24.72 -29.78 10.57
N ARG B 91 -24.55 -31.04 10.98
CA ARG B 91 -25.23 -31.54 12.17
C ARG B 91 -24.39 -31.18 13.39
N THR B 92 -24.88 -30.24 14.19
CA THR B 92 -24.12 -29.71 15.31
C THR B 92 -24.07 -30.68 16.49
N ASP B 93 -25.04 -31.59 16.59
CA ASP B 93 -25.09 -32.48 17.75
C ASP B 93 -23.84 -33.35 17.83
N VAL B 94 -23.40 -33.90 16.69
CA VAL B 94 -22.26 -34.81 16.70
C VAL B 94 -20.98 -34.08 17.11
N VAL B 95 -20.73 -32.89 16.56
CA VAL B 95 -19.50 -32.19 16.90
C VAL B 95 -19.55 -31.68 18.33
N GLN B 96 -20.72 -31.24 18.80
CA GLN B 96 -20.84 -30.81 20.19
C GLN B 96 -20.58 -31.97 21.14
N ARG B 97 -21.14 -33.14 20.85
CA ARG B 97 -20.93 -34.29 21.72
C ARG B 97 -19.46 -34.73 21.71
N VAL B 98 -18.83 -34.74 20.53
CA VAL B 98 -17.42 -35.12 20.46
C VAL B 98 -16.56 -34.12 21.22
N GLY B 99 -16.85 -32.82 21.09
CA GLY B 99 -16.09 -31.84 21.84
C GLY B 99 -16.27 -31.98 23.34
N GLU B 100 -17.49 -32.26 23.79
CA GLU B 100 -17.72 -32.49 25.22
C GLU B 100 -16.97 -33.73 25.69
N PHE B 101 -16.97 -34.80 24.89
CA PHE B 101 -16.32 -36.04 25.29
C PHE B 101 -14.79 -35.95 25.21
N PHE B 102 -14.25 -35.04 24.42
CA PHE B 102 -12.82 -34.92 24.24
C PHE B 102 -12.21 -33.74 24.99
N GLY B 103 -13.00 -33.04 25.80
CA GLY B 103 -12.50 -31.93 26.59
C GLY B 103 -11.92 -30.82 25.75
N ILE B 104 -12.64 -30.42 24.71
CA ILE B 104 -12.18 -29.42 23.76
C ILE B 104 -12.83 -28.08 24.09
N HIS B 105 -12.03 -27.03 24.07
CA HIS B 105 -12.54 -25.70 24.38
C HIS B 105 -13.63 -25.30 23.39
N PRO B 106 -14.70 -24.65 23.85
CA PRO B 106 -15.80 -24.31 22.92
C PRO B 106 -15.38 -23.35 21.82
N LEU B 107 -14.30 -22.59 22.01
CA LEU B 107 -13.79 -21.74 20.94
C LEU B 107 -13.36 -22.58 19.74
N VAL B 108 -12.74 -23.74 20.01
CA VAL B 108 -12.33 -24.62 18.92
C VAL B 108 -13.54 -25.13 18.15
N LEU B 109 -14.59 -25.53 18.85
CA LEU B 109 -15.81 -25.97 18.17
C LEU B 109 -16.44 -24.86 17.36
N GLU B 110 -16.47 -23.65 17.90
CA GLU B 110 -17.01 -22.52 17.16
C GLU B 110 -16.20 -22.26 15.90
N ASP B 111 -14.87 -22.33 16.01
CA ASP B 111 -14.02 -22.14 14.83
C ASP B 111 -14.25 -23.24 13.81
N ILE B 112 -14.44 -24.48 14.26
CA ILE B 112 -14.73 -25.58 13.35
C ILE B 112 -16.02 -25.32 12.60
N LEU B 113 -17.05 -24.88 13.31
CA LEU B 113 -18.33 -24.59 12.65
C LEU B 113 -18.27 -23.32 11.82
N ASN B 114 -17.32 -22.44 12.08
CA ASN B 114 -17.19 -21.19 11.33
C ASN B 114 -16.56 -21.49 9.98
N VAL B 115 -17.40 -21.65 8.96
CA VAL B 115 -16.92 -22.05 7.64
C VAL B 115 -16.13 -20.93 6.98
N HIS B 116 -16.57 -19.68 7.15
CA HIS B 116 -15.83 -18.54 6.60
C HIS B 116 -14.78 -18.06 7.61
N GLN B 117 -13.82 -18.93 7.89
CA GLN B 117 -12.80 -18.66 8.91
C GLN B 117 -11.43 -19.08 8.38
N ARG B 118 -10.45 -18.21 8.59
CA ARG B 118 -9.13 -18.37 7.97
C ARG B 118 -8.39 -19.56 8.59
N PRO B 119 -7.66 -20.35 7.79
CA PRO B 119 -6.93 -21.48 8.35
C PRO B 119 -5.92 -21.03 9.39
N LYS B 120 -5.80 -21.81 10.47
CA LYS B 120 -4.96 -21.41 11.59
C LYS B 120 -4.65 -22.64 12.44
N VAL B 121 -3.85 -22.43 13.48
CA VAL B 121 -3.41 -23.49 14.36
C VAL B 121 -3.39 -22.98 15.80
N GLU B 122 -3.88 -23.80 16.72
CA GLU B 122 -3.78 -23.54 18.15
C GLU B 122 -3.19 -24.76 18.85
N PHE B 123 -2.35 -24.52 19.85
CA PHE B 123 -1.71 -25.57 20.62
C PHE B 123 -2.27 -25.52 22.04
N PHE B 124 -2.72 -26.67 22.54
CA PHE B 124 -3.26 -26.78 23.89
C PHE B 124 -2.49 -27.82 24.67
N GLU B 125 -2.86 -27.97 25.94
CA GLU B 125 -2.13 -28.87 26.83
C GLU B 125 -2.39 -30.32 26.49
N ASN B 126 -3.57 -30.63 25.93
CA ASN B 126 -3.95 -32.01 25.63
C ASN B 126 -4.11 -32.29 24.15
N TYR B 127 -4.31 -31.26 23.32
CA TYR B 127 -4.59 -31.46 21.91
C TYR B 127 -3.99 -30.30 21.13
N VAL B 128 -3.92 -30.48 19.81
CA VAL B 128 -3.57 -29.41 18.89
C VAL B 128 -4.65 -29.34 17.82
N PHE B 129 -5.10 -28.13 17.53
CA PHE B 129 -6.22 -27.91 16.62
C PHE B 129 -5.73 -27.13 15.42
N ILE B 130 -5.66 -27.79 14.27
CA ILE B 130 -5.19 -27.20 13.02
C ILE B 130 -6.35 -27.22 12.05
N VAL B 131 -6.80 -26.04 11.63
CA VAL B 131 -7.93 -25.92 10.73
C VAL B 131 -7.44 -25.39 9.39
N LEU B 132 -7.78 -26.10 8.31
CA LEU B 132 -7.21 -25.88 7.00
C LEU B 132 -8.35 -25.86 5.98
N LYS B 133 -8.00 -25.69 4.70
CA LYS B 133 -9.02 -25.60 3.65
C LYS B 133 -8.61 -26.41 2.44
N MET B 134 -9.54 -27.21 1.93
CA MET B 134 -9.44 -27.88 0.63
C MET B 134 -10.09 -27.00 -0.43
N PHE B 135 -9.59 -27.10 -1.65
CA PHE B 135 -10.06 -26.27 -2.75
C PHE B 135 -10.40 -27.13 -3.95
N THR B 136 -11.40 -26.70 -4.72
CA THR B 136 -11.83 -27.39 -5.92
C THR B 136 -12.07 -26.41 -7.04
N TYR B 137 -11.65 -26.80 -8.25
CA TYR B 137 -11.76 -25.99 -9.47
C TYR B 137 -12.47 -26.84 -10.52
N ASP B 138 -13.75 -26.53 -10.75
CA ASP B 138 -14.54 -27.32 -11.69
C ASP B 138 -14.11 -27.07 -13.13
N LYS B 139 -14.22 -28.11 -13.96
CA LYS B 139 -13.84 -28.00 -15.36
C LYS B 139 -14.81 -27.12 -16.15
N ASN B 140 -16.08 -27.09 -15.76
CA ASN B 140 -17.08 -26.26 -16.41
C ASN B 140 -17.48 -25.11 -15.50
N LEU B 141 -17.59 -23.92 -16.09
CA LEU B 141 -17.82 -22.69 -15.32
C LEU B 141 -16.73 -22.55 -14.25
N HIS B 142 -15.51 -22.32 -14.75
CA HIS B 142 -14.32 -22.34 -13.93
C HIS B 142 -14.45 -21.40 -12.72
N GLU B 143 -14.51 -21.99 -11.53
CA GLU B 143 -14.63 -21.23 -10.30
C GLU B 143 -13.97 -22.00 -9.17
N LEU B 144 -13.59 -21.25 -8.15
CA LEU B 144 -12.84 -21.79 -7.00
C LEU B 144 -13.77 -21.93 -5.81
N GLU B 145 -13.95 -23.15 -5.32
CA GLU B 145 -14.77 -23.40 -4.14
C GLU B 145 -13.90 -23.94 -3.01
N SER B 146 -14.13 -23.45 -1.80
CA SER B 146 -13.25 -23.69 -0.67
C SER B 146 -14.02 -24.39 0.45
N GLU B 147 -13.80 -25.69 0.59
CA GLU B 147 -14.27 -26.41 1.77
C GLU B 147 -13.26 -26.25 2.90
N GLN B 148 -13.76 -26.23 4.13
CA GLN B 148 -12.91 -26.11 5.31
C GLN B 148 -12.92 -27.41 6.08
N VAL B 149 -11.73 -27.88 6.47
CA VAL B 149 -11.57 -29.10 7.23
C VAL B 149 -10.83 -28.77 8.52
N SER B 150 -11.00 -29.64 9.51
CA SER B 150 -10.37 -29.45 10.81
C SER B 150 -9.70 -30.73 11.27
N LEU B 151 -8.59 -30.58 11.97
CA LEU B 151 -7.81 -31.70 12.48
C LEU B 151 -7.43 -31.42 13.92
N ILE B 152 -7.94 -32.23 14.84
CA ILE B 152 -7.59 -32.13 16.26
C ILE B 152 -6.82 -33.38 16.64
N LEU B 153 -5.55 -33.21 16.97
CA LEU B 153 -4.70 -34.31 17.40
C LEU B 153 -4.69 -34.35 18.92
N THR B 154 -5.13 -35.47 19.49
CA THR B 154 -5.23 -35.65 20.93
C THR B 154 -4.51 -36.97 21.25
N LYS B 155 -3.20 -36.86 21.49
CA LYS B 155 -2.38 -38.00 21.86
C LYS B 155 -2.45 -39.12 20.83
N ASN B 156 -3.33 -40.09 21.05
CA ASN B 156 -3.44 -41.26 20.19
C ASN B 156 -4.63 -41.19 19.24
N CYS B 157 -5.35 -40.08 19.21
CA CYS B 157 -6.54 -39.95 18.39
C CYS B 157 -6.41 -38.74 17.47
N VAL B 158 -6.98 -38.85 16.27
CA VAL B 158 -6.98 -37.77 15.30
C VAL B 158 -8.43 -37.51 14.88
N LEU B 159 -9.05 -36.51 15.50
CA LEU B 159 -10.32 -35.99 15.03
C LEU B 159 -10.11 -35.30 13.70
N MET B 160 -10.98 -35.57 12.72
CA MET B 160 -11.01 -34.74 11.53
C MET B 160 -12.45 -34.47 11.13
N PHE B 161 -12.72 -33.22 10.78
CA PHE B 161 -14.07 -32.76 10.44
C PHE B 161 -14.08 -32.20 9.03
N GLN B 162 -15.10 -32.59 8.27
CA GLN B 162 -15.31 -32.16 6.89
C GLN B 162 -16.73 -31.63 6.75
N GLU B 163 -17.02 -31.02 5.60
CA GLU B 163 -18.36 -30.51 5.34
C GLU B 163 -18.90 -30.92 3.97
N LYS B 164 -18.19 -31.77 3.23
CA LYS B 164 -18.64 -32.25 1.93
C LYS B 164 -18.76 -33.76 1.95
N ILE B 165 -19.20 -34.30 0.83
CA ILE B 165 -19.19 -35.74 0.60
C ILE B 165 -17.96 -36.09 -0.22
N GLY B 166 -17.18 -37.04 0.28
CA GLY B 166 -15.91 -37.37 -0.34
C GLY B 166 -14.86 -36.32 -0.04
N ASP B 167 -13.61 -36.67 -0.35
CA ASP B 167 -12.49 -35.79 -0.05
C ASP B 167 -11.29 -36.19 -0.89
N VAL B 168 -10.20 -35.45 -0.69
CA VAL B 168 -8.96 -35.67 -1.43
C VAL B 168 -7.96 -36.47 -0.60
N PHE B 169 -8.39 -37.04 0.52
CA PHE B 169 -7.52 -37.77 1.42
C PHE B 169 -7.54 -39.27 1.15
N ASP B 170 -8.01 -39.67 -0.03
CA ASP B 170 -8.03 -41.09 -0.39
C ASP B 170 -6.65 -41.74 -0.37
N PRO B 171 -5.56 -41.11 -0.84
CA PRO B 171 -4.26 -41.79 -0.75
C PRO B 171 -3.86 -42.18 0.67
N VAL B 172 -4.19 -41.36 1.66
CA VAL B 172 -3.89 -41.72 3.05
C VAL B 172 -4.67 -42.96 3.45
N ARG B 173 -5.96 -43.01 3.08
CA ARG B 173 -6.77 -44.18 3.40
C ARG B 173 -6.19 -45.43 2.75
N GLU B 174 -5.78 -45.32 1.48
CA GLU B 174 -5.20 -46.48 0.79
C GLU B 174 -3.89 -46.91 1.44
N ARG B 175 -3.08 -45.95 1.86
CA ARG B 175 -1.83 -46.29 2.55
C ARG B 175 -2.13 -47.00 3.86
N ILE B 176 -3.20 -46.61 4.55
CA ILE B 176 -3.57 -47.28 5.78
C ILE B 176 -4.06 -48.70 5.50
N ARG B 177 -4.80 -48.88 4.40
CA ARG B 177 -5.39 -50.18 4.09
C ARG B 177 -4.31 -51.26 3.96
N TYR B 178 -3.26 -50.98 3.21
CA TYR B 178 -2.21 -51.94 2.92
C TYR B 178 -0.88 -51.43 3.44
N ASN B 179 -0.13 -52.31 4.11
CA ASN B 179 1.15 -51.92 4.69
C ASN B 179 2.09 -51.39 3.61
N ARG B 180 2.37 -50.09 3.66
CA ARG B 180 3.30 -49.47 2.72
C ARG B 180 3.78 -48.17 3.34
N GLY B 181 5.04 -47.83 3.05
CA GLY B 181 5.61 -46.64 3.65
C GLY B 181 5.75 -46.78 5.14
N ILE B 182 5.62 -45.66 5.85
CA ILE B 182 5.77 -45.62 7.29
C ILE B 182 4.49 -45.16 7.98
N ILE B 183 3.34 -45.25 7.30
CA ILE B 183 2.09 -44.79 7.90
C ILE B 183 1.69 -45.69 9.06
N ARG B 184 1.94 -47.00 8.94
CA ARG B 184 1.52 -47.93 9.97
C ARG B 184 2.47 -47.93 11.17
N LYS B 185 3.77 -47.75 10.93
CA LYS B 185 4.74 -47.90 12.01
C LYS B 185 4.64 -46.78 13.03
N LYS B 186 4.53 -45.54 12.56
CA LYS B 186 4.63 -44.40 13.46
C LYS B 186 3.27 -44.11 14.12
N ARG B 187 3.28 -43.13 15.01
CA ARG B 187 2.13 -42.81 15.85
C ARG B 187 1.18 -41.87 15.10
N ALA B 188 0.22 -41.29 15.84
CA ALA B 188 -0.75 -40.39 15.24
C ALA B 188 -0.12 -39.10 14.71
N ASP B 189 1.07 -38.74 15.21
CA ASP B 189 1.77 -37.57 14.69
C ASP B 189 2.05 -37.73 13.19
N TYR B 190 2.57 -38.90 12.80
CA TYR B 190 2.81 -39.15 11.39
C TYR B 190 1.52 -39.20 10.60
N LEU B 191 0.42 -39.63 11.22
CA LEU B 191 -0.85 -39.60 10.51
C LEU B 191 -1.30 -38.17 10.23
N LEU B 192 -1.11 -37.27 11.21
CA LEU B 192 -1.41 -35.86 10.97
C LEU B 192 -0.53 -35.32 9.86
N TYR B 193 0.76 -35.69 9.87
CA TYR B 193 1.65 -35.26 8.80
C TYR B 193 1.20 -35.77 7.45
N SER B 194 0.77 -37.03 7.39
CA SER B 194 0.33 -37.62 6.12
C SER B 194 -0.94 -36.94 5.62
N LEU B 195 -1.87 -36.63 6.51
CA LEU B 195 -3.08 -35.93 6.10
C LEU B 195 -2.75 -34.54 5.56
N ILE B 196 -1.86 -33.82 6.24
CA ILE B 196 -1.47 -32.50 5.75
C ILE B 196 -0.74 -32.63 4.42
N ASP B 197 0.05 -33.69 4.26
CA ASP B 197 0.74 -33.91 2.99
C ASP B 197 -0.23 -34.17 1.86
N ALA B 198 -1.29 -34.95 2.12
CA ALA B 198 -2.32 -35.19 1.11
C ALA B 198 -3.05 -33.90 0.77
N LEU B 199 -3.33 -33.07 1.78
CA LEU B 199 -3.94 -31.76 1.52
C LEU B 199 -3.03 -30.90 0.65
N VAL B 200 -1.73 -30.90 0.95
CA VAL B 200 -0.80 -30.10 0.15
C VAL B 200 -0.69 -30.65 -1.27
N ASP B 201 -0.82 -31.97 -1.43
CA ASP B 201 -0.82 -32.56 -2.77
C ASP B 201 -2.06 -32.15 -3.56
N ASP B 202 -3.21 -32.07 -2.88
CA ASP B 202 -4.39 -31.50 -3.54
C ASP B 202 -4.15 -30.05 -3.92
N TYR B 203 -3.48 -29.29 -3.05
CA TYR B 203 -3.10 -27.94 -3.43
C TYR B 203 -2.19 -27.96 -4.66
N PHE B 204 -1.34 -28.99 -4.76
CA PHE B 204 -0.43 -29.13 -5.89
C PHE B 204 -1.21 -29.28 -7.19
N VAL B 205 -2.21 -30.16 -7.17
CA VAL B 205 -2.99 -30.41 -8.38
C VAL B 205 -3.84 -29.18 -8.73
N LEU B 206 -4.34 -28.47 -7.72
CA LEU B 206 -5.03 -27.21 -7.97
C LEU B 206 -4.10 -26.21 -8.65
N LEU B 207 -2.86 -26.12 -8.17
CA LEU B 207 -1.92 -25.17 -8.73
C LEU B 207 -1.60 -25.52 -10.18
N GLU B 208 -1.43 -26.80 -10.48
CA GLU B 208 -1.21 -27.19 -11.87
C GLU B 208 -2.40 -26.83 -12.75
N LYS B 209 -3.61 -27.07 -12.26
CA LYS B 209 -4.81 -26.72 -13.02
C LYS B 209 -4.85 -25.23 -13.30
N ILE B 210 -4.54 -24.41 -12.28
CA ILE B 210 -4.50 -22.97 -12.48
C ILE B 210 -3.43 -22.59 -13.50
N ASP B 211 -2.29 -23.29 -13.48
CA ASP B 211 -1.23 -22.99 -14.44
C ASP B 211 -1.69 -23.30 -15.87
N ASP B 212 -2.39 -24.42 -16.06
CA ASP B 212 -2.91 -24.74 -17.39
C ASP B 212 -3.91 -23.69 -17.84
N GLU B 213 -4.76 -23.22 -16.92
CA GLU B 213 -5.70 -22.15 -17.27
C GLU B 213 -4.95 -20.86 -17.62
N ILE B 214 -3.85 -20.58 -16.92
CA ILE B 214 -3.02 -19.43 -17.26
C ILE B 214 -2.49 -19.54 -18.67
N ASP B 215 -2.00 -20.73 -19.04
CA ASP B 215 -1.46 -20.90 -20.39
C ASP B 215 -2.54 -20.68 -21.44
N VAL B 216 -3.72 -21.28 -21.22
CA VAL B 216 -4.82 -21.11 -22.15
C VAL B 216 -5.22 -19.64 -22.27
N LEU B 217 -5.33 -18.95 -21.13
CA LEU B 217 -5.73 -17.55 -21.13
C LEU B 217 -4.69 -16.68 -21.83
N GLU B 218 -3.40 -16.95 -21.59
CA GLU B 218 -2.35 -16.16 -22.23
C GLU B 218 -2.39 -16.33 -23.74
N GLU B 219 -2.52 -17.57 -24.20
CA GLU B 219 -2.61 -17.80 -25.65
C GLU B 219 -3.83 -17.12 -26.23
N GLU B 220 -4.98 -17.23 -25.55
CA GLU B 220 -6.21 -16.64 -26.05
C GLU B 220 -6.13 -15.12 -26.11
N VAL B 221 -5.52 -14.50 -25.09
CA VAL B 221 -5.40 -13.04 -25.08
C VAL B 221 -4.42 -12.57 -26.14
N LEU B 222 -3.26 -13.23 -26.25
CA LEU B 222 -2.24 -12.80 -27.20
C LEU B 222 -2.56 -13.18 -28.64
N GLU B 223 -3.57 -14.02 -28.87
CA GLU B 223 -3.93 -14.42 -30.22
C GLU B 223 -5.27 -13.86 -30.66
N ARG B 224 -6.34 -14.10 -29.88
CA ARG B 224 -7.70 -13.72 -30.27
C ARG B 224 -8.36 -12.93 -29.13
N PRO B 225 -8.08 -11.63 -29.06
CA PRO B 225 -8.79 -10.79 -28.09
C PRO B 225 -10.29 -10.79 -28.35
N GLU B 226 -11.06 -10.99 -27.28
CA GLU B 226 -12.52 -11.04 -27.37
C GLU B 226 -13.10 -10.31 -26.16
N LYS B 227 -14.40 -10.51 -25.94
CA LYS B 227 -15.08 -9.94 -24.78
C LYS B 227 -15.07 -10.87 -23.57
N GLU B 228 -15.18 -12.18 -23.80
CA GLU B 228 -15.16 -13.15 -22.70
C GLU B 228 -13.77 -13.30 -22.09
N THR B 229 -12.72 -12.99 -22.85
CA THR B 229 -11.36 -13.20 -22.36
C THR B 229 -11.08 -12.33 -21.13
N VAL B 230 -11.49 -11.08 -21.18
CA VAL B 230 -11.20 -10.16 -20.08
C VAL B 230 -11.99 -10.55 -18.82
N GLN B 231 -13.23 -11.01 -19.00
CA GLN B 231 -14.01 -11.48 -17.86
C GLN B 231 -13.37 -12.72 -17.24
N ARG B 232 -12.90 -13.64 -18.09
CA ARG B 232 -12.20 -14.82 -17.57
C ARG B 232 -10.95 -14.40 -16.81
N THR B 233 -10.20 -13.43 -17.35
CA THR B 233 -9.01 -12.94 -16.67
C THR B 233 -9.34 -12.35 -15.31
N HIS B 234 -10.42 -11.57 -15.24
CA HIS B 234 -10.75 -10.93 -13.96
C HIS B 234 -11.22 -11.94 -12.92
N GLN B 235 -12.08 -12.89 -13.32
CA GLN B 235 -12.49 -13.90 -12.34
C GLN B 235 -11.30 -14.75 -11.91
N LEU B 236 -10.35 -15.01 -12.83
CA LEU B 236 -9.15 -15.72 -12.46
C LEU B 236 -8.31 -14.91 -11.47
N LYS B 237 -8.25 -13.59 -11.67
CA LYS B 237 -7.53 -12.74 -10.72
C LYS B 237 -8.16 -12.81 -9.33
N ARG B 238 -9.49 -12.80 -9.28
CA ARG B 238 -10.18 -12.94 -7.99
C ARG B 238 -9.84 -14.29 -7.35
N ASN B 239 -9.88 -15.36 -8.14
CA ASN B 239 -9.55 -16.68 -7.59
C ASN B 239 -8.12 -16.71 -7.08
N LEU B 240 -7.18 -16.10 -7.82
CA LEU B 240 -5.78 -16.10 -7.39
C LEU B 240 -5.57 -15.29 -6.13
N VAL B 241 -6.23 -14.14 -5.99
CA VAL B 241 -6.02 -13.36 -4.77
C VAL B 241 -6.62 -14.08 -3.57
N GLU B 242 -7.77 -14.75 -3.75
CA GLU B 242 -8.31 -15.55 -2.65
C GLU B 242 -7.39 -16.72 -2.32
N LEU B 243 -6.84 -17.37 -3.34
CA LEU B 243 -5.92 -18.47 -3.09
C LEU B 243 -4.67 -17.99 -2.35
N ARG B 244 -4.16 -16.80 -2.70
CA ARG B 244 -2.99 -16.27 -2.02
C ARG B 244 -3.31 -15.96 -0.55
N LYS B 245 -4.46 -15.31 -0.31
CA LYS B 245 -4.83 -14.99 1.07
C LYS B 245 -5.19 -16.22 1.88
N THR B 246 -5.37 -17.37 1.23
CA THR B 246 -5.48 -18.61 2.01
C THR B 246 -4.13 -19.33 2.16
N ILE B 247 -3.26 -19.26 1.14
CA ILE B 247 -1.99 -19.96 1.21
C ILE B 247 -1.07 -19.34 2.24
N TRP B 248 -1.04 -18.01 2.34
CA TRP B 248 -0.15 -17.40 3.32
C TRP B 248 -0.43 -17.88 4.75
N PRO B 249 -1.68 -17.94 5.22
CA PRO B 249 -1.93 -18.59 6.52
C PRO B 249 -1.51 -20.05 6.54
N LEU B 250 -1.59 -20.76 5.42
CA LEU B 250 -1.10 -22.14 5.39
C LEU B 250 0.40 -22.21 5.65
N ARG B 251 1.16 -21.30 5.04
CA ARG B 251 2.60 -21.26 5.30
C ARG B 251 2.88 -20.92 6.76
N GLU B 252 2.14 -19.97 7.32
CA GLU B 252 2.31 -19.64 8.73
C GLU B 252 1.99 -20.84 9.62
N VAL B 253 0.94 -21.59 9.27
CA VAL B 253 0.54 -22.75 10.06
C VAL B 253 1.64 -23.80 10.04
N LEU B 254 2.17 -24.12 8.87
CA LEU B 254 3.22 -25.13 8.81
C LEU B 254 4.49 -24.66 9.50
N SER B 255 4.80 -23.36 9.41
CA SER B 255 5.96 -22.83 10.10
C SER B 255 5.84 -23.00 11.60
N SER B 256 4.70 -22.58 12.17
CA SER B 256 4.46 -22.77 13.59
C SER B 256 4.40 -24.25 13.93
N LEU B 257 4.05 -25.10 12.96
CA LEU B 257 3.86 -26.51 13.25
C LEU B 257 5.19 -27.26 13.35
N TYR B 258 6.19 -26.87 12.55
CA TYR B 258 7.44 -27.60 12.74
C TYR B 258 8.41 -26.86 13.65
N ARG B 259 8.47 -25.53 13.52
CA ARG B 259 9.53 -24.76 14.16
C ARG B 259 9.35 -24.71 15.67
N ASP B 260 8.12 -24.55 16.14
CA ASP B 260 7.87 -24.48 17.57
C ASP B 260 7.94 -25.85 18.25
N VAL B 261 7.93 -26.93 17.47
CA VAL B 261 7.98 -28.32 17.93
C VAL B 261 7.16 -28.50 19.20
N PRO B 262 5.84 -28.44 19.10
CA PRO B 262 5.02 -28.59 20.30
C PRO B 262 5.20 -29.97 20.90
N PRO B 263 5.05 -30.10 22.22
CA PRO B 263 5.25 -31.40 22.86
C PRO B 263 4.28 -32.47 22.39
N LEU B 264 3.13 -32.09 21.83
CA LEU B 264 2.17 -33.07 21.36
C LEU B 264 2.75 -33.91 20.23
N ILE B 265 3.47 -33.28 19.31
CA ILE B 265 4.13 -33.99 18.22
C ILE B 265 5.56 -34.30 18.64
N GLU B 266 6.03 -35.50 18.28
CA GLU B 266 7.37 -35.91 18.67
C GLU B 266 8.41 -35.30 17.73
N LYS B 267 9.66 -35.31 18.18
CA LYS B 267 10.75 -34.80 17.36
C LYS B 267 10.98 -35.66 16.12
N GLU B 268 10.71 -36.97 16.23
CA GLU B 268 10.96 -37.88 15.12
C GLU B 268 10.20 -37.48 13.87
N THR B 269 8.95 -37.07 14.02
CA THR B 269 8.13 -36.64 12.89
C THR B 269 8.35 -35.18 12.52
N VAL B 270 9.18 -34.44 13.27
CA VAL B 270 9.42 -33.05 12.96
C VAL B 270 10.03 -32.85 11.58
N PRO B 271 11.08 -33.59 11.17
CA PRO B 271 11.62 -33.37 9.82
C PRO B 271 10.59 -33.56 8.71
N TYR B 272 9.70 -34.55 8.84
CA TYR B 272 8.70 -34.78 7.80
C TYR B 272 7.86 -33.54 7.58
N PHE B 273 7.38 -32.93 8.67
CA PHE B 273 6.62 -31.69 8.55
C PHE B 273 7.42 -30.63 7.82
N ARG B 274 8.71 -30.52 8.15
CA ARG B 274 9.58 -29.57 7.44
C ARG B 274 9.46 -29.77 5.94
N ASP B 275 9.53 -31.02 5.49
CA ASP B 275 9.39 -31.30 4.06
C ASP B 275 8.11 -30.71 3.52
N VAL B 276 6.97 -31.02 4.15
CA VAL B 276 5.71 -30.51 3.60
C VAL B 276 5.69 -29.01 3.72
N TYR B 277 6.35 -28.45 4.73
CA TYR B 277 6.45 -27.00 4.84
C TYR B 277 7.15 -26.42 3.62
N ASP B 278 8.27 -27.04 3.22
CA ASP B 278 8.91 -26.62 1.98
C ASP B 278 7.91 -26.60 0.85
N HIS B 279 7.09 -27.66 0.76
CA HIS B 279 6.08 -27.73 -0.29
C HIS B 279 5.23 -26.47 -0.31
N THR B 280 4.72 -26.07 0.86
CA THR B 280 3.78 -24.95 0.83
C THR B 280 4.47 -23.68 0.37
N ILE B 281 5.74 -23.49 0.71
CA ILE B 281 6.45 -22.31 0.21
C ILE B 281 6.37 -22.26 -1.30
N GLN B 282 6.67 -23.39 -1.94
CA GLN B 282 6.59 -23.46 -3.40
C GLN B 282 5.24 -22.95 -3.86
N ILE B 283 4.16 -23.48 -3.28
CA ILE B 283 2.83 -23.05 -3.68
C ILE B 283 2.70 -21.55 -3.53
N ALA B 284 3.05 -21.04 -2.35
CA ALA B 284 3.01 -19.60 -2.14
C ALA B 284 3.81 -18.88 -3.21
N ASP B 285 5.07 -19.30 -3.39
CA ASP B 285 5.89 -18.69 -4.43
C ASP B 285 5.18 -18.76 -5.76
N THR B 286 4.74 -19.95 -6.15
CA THR B 286 4.10 -20.10 -7.45
C THR B 286 2.86 -19.23 -7.53
N VAL B 287 2.07 -19.18 -6.45
CA VAL B 287 0.87 -18.35 -6.48
C VAL B 287 1.25 -16.92 -6.76
N GLU B 288 2.28 -16.42 -6.08
CA GLU B 288 2.76 -15.07 -6.35
C GLU B 288 3.09 -14.93 -7.82
N THR B 289 3.86 -15.87 -8.37
CA THR B 289 4.16 -15.88 -9.78
C THR B 289 2.88 -15.76 -10.60
N PHE B 290 1.90 -16.61 -10.31
CA PHE B 290 0.66 -16.57 -11.07
C PHE B 290 0.02 -15.20 -10.96
N ARG B 291 -0.08 -14.66 -9.74
CA ARG B 291 -0.63 -13.33 -9.57
C ARG B 291 0.13 -12.34 -10.42
N ASP B 292 1.47 -12.42 -10.37
CA ASP B 292 2.30 -11.53 -11.18
C ASP B 292 1.96 -11.69 -12.65
N ILE B 293 1.86 -12.94 -13.11
CA ILE B 293 1.50 -13.19 -14.51
C ILE B 293 0.15 -12.55 -14.82
N VAL B 294 -0.81 -12.70 -13.90
CA VAL B 294 -2.13 -12.11 -14.14
C VAL B 294 -2.02 -10.60 -14.19
N SER B 295 -1.14 -10.01 -13.38
CA SER B 295 -0.97 -8.56 -13.41
C SER B 295 -0.56 -8.09 -14.79
N GLY B 296 0.03 -8.97 -15.60
CA GLY B 296 0.32 -8.63 -16.98
C GLY B 296 -0.89 -8.83 -17.88
N LEU B 297 -1.60 -9.94 -17.71
CA LEU B 297 -2.65 -10.32 -18.66
C LEU B 297 -3.70 -9.22 -18.78
N LEU B 298 -4.30 -8.84 -17.64
CA LEU B 298 -5.34 -7.83 -17.65
C LEU B 298 -4.83 -6.51 -18.20
N ASP B 299 -3.51 -6.30 -18.19
CA ASP B 299 -2.93 -5.15 -18.85
C ASP B 299 -2.63 -5.43 -20.31
N VAL B 300 -2.01 -6.58 -20.60
CA VAL B 300 -1.51 -6.82 -21.95
C VAL B 300 -2.66 -6.85 -22.94
N TYR B 301 -3.80 -7.41 -22.53
CA TYR B 301 -4.98 -7.42 -23.40
C TYR B 301 -5.31 -6.01 -23.87
N LEU B 302 -5.28 -5.05 -22.94
CA LEU B 302 -5.51 -3.65 -23.31
C LEU B 302 -4.61 -3.24 -24.45
N SER B 303 -3.31 -3.51 -24.32
CA SER B 303 -2.37 -3.16 -25.38
C SER B 303 -2.78 -3.82 -26.69
N SER B 304 -3.13 -5.11 -26.63
CA SER B 304 -3.59 -5.79 -27.84
C SER B 304 -4.79 -5.07 -28.44
N VAL B 305 -5.76 -4.71 -27.61
CA VAL B 305 -6.88 -3.90 -28.10
C VAL B 305 -6.38 -2.58 -28.62
N SER B 306 -5.50 -1.93 -27.86
CA SER B 306 -4.92 -0.67 -28.31
C SER B 306 -4.09 -0.86 -29.58
N ASN B 307 -3.69 -2.10 -29.87
CA ASN B 307 -3.07 -2.38 -31.15
C ASN B 307 -4.12 -2.59 -32.23
N LYS B 308 -5.15 -3.39 -31.93
CA LYS B 308 -6.14 -3.73 -32.93
C LYS B 308 -6.88 -2.48 -33.41
N THR B 309 -7.34 -1.66 -32.47
CA THR B 309 -7.98 -0.40 -32.82
C THR B 309 -7.05 0.46 -33.67
N ASN B 310 -5.74 0.38 -33.43
CA ASN B 310 -4.80 1.07 -34.30
C ASN B 310 -4.83 0.50 -35.71
N GLU B 311 -4.75 -0.83 -35.83
CA GLU B 311 -4.57 -1.46 -37.12
C GLU B 311 -5.70 -1.10 -38.08
N VAL B 312 -6.94 -1.19 -37.61
CA VAL B 312 -8.08 -0.81 -38.46
C VAL B 312 -8.00 0.66 -38.85
N MET B 313 -7.60 1.54 -37.92
CA MET B 313 -7.28 2.91 -38.32
C MET B 313 -6.44 2.93 -39.57
N LYS B 314 -5.32 2.21 -39.55
CA LYS B 314 -4.47 2.14 -40.73
C LYS B 314 -5.27 1.68 -41.94
N VAL B 315 -6.02 0.58 -41.78
CA VAL B 315 -6.83 0.09 -42.89
C VAL B 315 -7.87 1.13 -43.29
N LEU B 316 -8.48 1.80 -42.31
CA LEU B 316 -9.42 2.86 -42.65
C LEU B 316 -8.70 4.09 -43.17
N THR B 317 -7.48 4.35 -42.71
CA THR B 317 -6.79 5.57 -43.12
C THR B 317 -6.38 5.49 -44.58
N ILE B 318 -5.77 4.38 -44.98
CA ILE B 318 -5.27 4.28 -46.35
C ILE B 318 -6.42 4.33 -47.35
N ILE B 319 -7.44 3.49 -47.15
CA ILE B 319 -8.44 3.28 -48.18
C ILE B 319 -9.16 4.58 -48.50
N ALA B 320 -9.67 5.27 -47.47
CA ALA B 320 -10.26 6.57 -47.69
C ALA B 320 -9.27 7.50 -48.38
N THR B 321 -8.06 7.59 -47.85
CA THR B 321 -7.04 8.42 -48.49
C THR B 321 -6.75 7.97 -49.90
N ILE B 322 -6.74 6.67 -50.16
CA ILE B 322 -6.46 6.22 -51.51
C ILE B 322 -7.63 6.55 -52.43
N PHE B 323 -8.84 6.59 -51.90
CA PHE B 323 -10.01 6.66 -52.78
C PHE B 323 -10.87 7.90 -52.56
N MET B 324 -11.14 8.29 -51.32
CA MET B 324 -12.10 9.35 -51.06
C MET B 324 -11.71 10.68 -51.69
N PRO B 325 -10.46 11.17 -51.58
CA PRO B 325 -10.08 12.33 -52.40
C PRO B 325 -10.20 12.06 -53.90
N LEU B 326 -9.85 10.86 -54.34
CA LEU B 326 -9.89 10.56 -55.78
C LEU B 326 -11.31 10.71 -56.31
N THR B 327 -12.28 10.10 -55.62
CA THR B 327 -13.68 10.29 -55.97
C THR B 327 -14.01 11.76 -56.07
N PHE B 328 -13.44 12.57 -55.16
CA PHE B 328 -13.63 14.01 -55.21
C PHE B 328 -13.35 14.60 -56.59
N ILE B 329 -12.18 14.32 -57.17
CA ILE B 329 -11.90 14.95 -58.44
C ILE B 329 -12.79 14.39 -59.54
N ALA B 330 -13.29 13.16 -59.36
CA ALA B 330 -14.31 12.66 -60.28
C ALA B 330 -15.52 13.57 -60.25
N GLY B 331 -15.94 13.99 -59.06
CA GLY B 331 -17.01 14.97 -58.96
C GLY B 331 -16.66 16.27 -59.66
N ILE B 332 -15.39 16.67 -59.59
CA ILE B 332 -14.98 17.87 -60.31
C ILE B 332 -14.99 17.63 -61.81
N TYR B 333 -14.78 16.39 -62.22
CA TYR B 333 -14.99 16.05 -63.62
C TYR B 333 -16.42 15.61 -63.89
N GLY B 334 -17.27 15.57 -62.84
CA GLY B 334 -18.69 15.34 -62.99
C GLY B 334 -19.46 16.65 -62.90
N MET B 335 -18.74 17.76 -62.87
CA MET B 335 -19.35 19.08 -62.86
C MET B 335 -20.16 19.29 -64.13
N ASN B 336 -21.45 19.59 -63.99
CA ASN B 336 -22.29 19.67 -65.19
C ASN B 336 -22.14 21.02 -65.88
N PHE B 337 -22.57 22.10 -65.21
CA PHE B 337 -22.43 23.47 -65.72
C PHE B 337 -22.81 23.55 -67.19
N GLU B 338 -24.08 23.30 -67.51
CA GLU B 338 -24.54 22.90 -68.84
C GLU B 338 -23.79 23.60 -69.96
N TYR B 339 -23.33 22.79 -70.93
CA TYR B 339 -22.47 23.24 -72.03
C TYR B 339 -21.18 23.86 -71.50
N MET B 340 -20.50 23.13 -70.61
CA MET B 340 -19.30 23.66 -69.99
C MET B 340 -18.09 23.35 -70.87
N PRO B 341 -17.28 24.35 -71.22
CA PRO B 341 -16.10 24.08 -72.06
C PRO B 341 -15.17 23.04 -71.45
N GLU B 342 -14.95 23.11 -70.14
CA GLU B 342 -14.29 22.08 -69.34
C GLU B 342 -12.98 21.56 -69.95
N LEU B 343 -12.59 20.34 -69.57
CA LEU B 343 -11.39 19.70 -70.06
C LEU B 343 -11.66 18.65 -71.13
N ARG B 344 -12.70 18.86 -71.94
CA ARG B 344 -13.03 17.93 -73.01
C ARG B 344 -11.84 17.76 -73.94
N TRP B 345 -11.51 16.50 -74.24
CA TRP B 345 -10.31 16.17 -74.99
C TRP B 345 -10.62 15.01 -75.92
N LYS B 346 -9.59 14.52 -76.62
CA LYS B 346 -9.76 13.30 -77.42
C LYS B 346 -10.16 12.12 -76.54
N TRP B 347 -9.72 12.12 -75.29
CA TRP B 347 -10.10 11.09 -74.30
C TRP B 347 -10.62 11.82 -73.07
N GLY B 348 -11.94 11.99 -72.98
CA GLY B 348 -12.51 12.66 -71.82
C GLY B 348 -12.34 11.86 -70.55
N TYR B 349 -12.84 10.62 -70.53
CA TYR B 349 -12.62 9.70 -69.43
C TYR B 349 -11.25 9.04 -69.49
N PRO B 350 -10.81 8.50 -70.64
CA PRO B 350 -9.46 7.95 -70.69
C PRO B 350 -8.41 9.03 -70.52
N VAL B 351 -7.19 8.60 -70.20
CA VAL B 351 -6.08 9.48 -69.81
C VAL B 351 -6.36 10.08 -68.43
N VAL B 352 -7.60 10.49 -68.18
CA VAL B 352 -7.97 11.02 -66.88
C VAL B 352 -7.84 9.95 -65.80
N LEU B 353 -8.16 8.70 -66.10
CA LEU B 353 -7.96 7.65 -65.12
C LEU B 353 -6.47 7.40 -64.88
N ALA B 354 -5.62 7.78 -65.83
CA ALA B 354 -4.18 7.63 -65.62
C ALA B 354 -3.70 8.50 -64.48
N VAL B 355 -4.17 9.74 -64.38
CA VAL B 355 -3.76 10.57 -63.26
C VAL B 355 -4.40 10.07 -61.97
N MET B 356 -5.59 9.48 -62.05
CA MET B 356 -6.17 8.82 -60.88
C MET B 356 -5.22 7.75 -60.36
N GLY B 357 -4.79 6.86 -61.24
CA GLY B 357 -3.89 5.79 -60.83
C GLY B 357 -2.55 6.30 -60.36
N VAL B 358 -2.04 7.36 -60.99
CA VAL B 358 -0.76 7.94 -60.59
C VAL B 358 -0.87 8.51 -59.18
N ILE B 359 -1.94 9.23 -58.89
CA ILE B 359 -2.15 9.77 -57.54
C ILE B 359 -2.29 8.62 -56.55
N ALA B 360 -3.02 7.57 -56.92
CA ALA B 360 -3.21 6.44 -56.02
C ALA B 360 -1.89 5.76 -55.69
N VAL B 361 -1.06 5.51 -56.70
CA VAL B 361 0.21 4.83 -56.45
C VAL B 361 1.18 5.74 -55.72
N ILE B 362 1.13 7.05 -55.98
CA ILE B 362 1.97 7.98 -55.23
C ILE B 362 1.56 8.00 -53.77
N MET B 363 0.25 7.93 -53.50
CA MET B 363 -0.21 7.89 -52.12
C MET B 363 0.16 6.57 -51.44
N VAL B 364 0.12 5.47 -52.19
CA VAL B 364 0.58 4.19 -51.65
C VAL B 364 2.06 4.25 -51.33
N VAL B 365 2.85 4.90 -52.20
CA VAL B 365 4.27 5.10 -51.93
C VAL B 365 4.45 5.94 -50.67
N TYR B 366 3.61 6.97 -50.51
CA TYR B 366 3.68 7.79 -49.30
C TYR B 366 3.39 6.96 -48.05
N PHE B 367 2.43 6.05 -48.15
CA PHE B 367 2.18 5.13 -47.05
C PHE B 367 3.39 4.25 -46.79
N LYS B 368 4.02 3.75 -47.86
CA LYS B 368 5.22 2.95 -47.75
C LYS B 368 6.42 3.73 -47.21
N LYS B 369 6.37 5.06 -47.23
CA LYS B 369 7.48 5.85 -46.69
C LYS B 369 7.67 5.55 -45.21
N LYS B 370 6.58 5.49 -44.45
CA LYS B 370 6.59 5.01 -43.09
C LYS B 370 6.20 3.54 -43.01
N LYS B 371 5.57 3.01 -44.06
CA LYS B 371 5.30 1.58 -44.19
C LYS B 371 4.50 1.04 -43.01
N TRP B 372 3.46 1.77 -42.63
CA TRP B 372 2.51 1.18 -41.68
C TRP B 372 1.59 0.19 -42.38
N LEU B 373 1.24 0.46 -43.63
CA LEU B 373 0.64 -0.55 -44.51
C LEU B 373 1.12 -0.34 -45.94
N GLU C 24 2.87 -33.15 -20.05
CA GLU C 24 4.19 -33.62 -19.62
C GLU C 24 4.63 -32.92 -18.35
N GLU C 25 5.35 -33.66 -17.49
CA GLU C 25 5.78 -33.22 -16.17
C GLU C 25 4.76 -32.29 -15.51
N LYS C 26 5.22 -31.13 -15.07
CA LYS C 26 4.35 -30.06 -14.57
C LYS C 26 3.48 -30.55 -13.41
N ARG C 27 4.16 -30.81 -12.29
CA ARG C 27 3.53 -30.85 -10.98
C ARG C 27 2.59 -32.05 -10.90
N LEU C 28 1.83 -32.19 -9.81
CA LEU C 28 0.94 -33.32 -9.59
C LEU C 28 1.54 -34.66 -10.00
N SER C 29 2.85 -34.80 -9.86
CA SER C 29 3.58 -35.90 -10.48
C SER C 29 3.29 -37.22 -9.79
N ALA C 30 4.06 -38.26 -10.14
CA ALA C 30 3.88 -39.58 -9.53
C ALA C 30 3.86 -39.51 -8.01
N LYS C 31 4.39 -38.44 -7.41
CA LYS C 31 4.05 -38.11 -6.04
C LYS C 31 2.73 -37.36 -5.98
N LYS C 32 1.69 -37.91 -6.61
CA LYS C 32 0.32 -37.47 -6.38
C LYS C 32 -0.28 -38.14 -5.16
N GLY C 33 0.22 -39.31 -4.81
CA GLY C 33 -0.06 -39.96 -3.55
C GLY C 33 1.24 -40.50 -3.00
N LEU C 34 1.26 -41.79 -2.65
CA LEU C 34 2.46 -42.54 -2.27
C LEU C 34 3.06 -42.04 -0.95
N PRO C 35 3.76 -42.90 -0.21
CA PRO C 35 4.43 -42.44 0.99
C PRO C 35 5.59 -41.54 0.64
N PRO C 36 6.01 -40.66 1.57
CA PRO C 36 7.16 -39.79 1.29
C PRO C 36 8.49 -40.52 1.16
N GLY C 37 8.56 -41.80 1.52
CA GLY C 37 9.78 -42.57 1.35
C GLY C 37 9.98 -43.15 -0.03
N THR C 38 9.08 -42.89 -0.96
CA THR C 38 9.17 -43.42 -2.31
C THR C 38 10.13 -42.59 -3.17
N LEU C 39 10.62 -43.22 -4.24
CA LEU C 39 11.59 -42.60 -5.14
C LEU C 39 11.10 -42.79 -6.57
N VAL C 40 10.75 -41.69 -7.23
CA VAL C 40 10.35 -41.72 -8.63
C VAL C 40 10.68 -40.38 -9.26
N TYR C 41 11.17 -40.42 -10.50
CA TYR C 41 11.66 -39.25 -11.20
C TYR C 41 10.50 -38.46 -11.78
N THR C 42 10.59 -37.13 -11.72
CA THR C 42 9.49 -36.26 -12.11
C THR C 42 9.92 -35.22 -13.14
N GLY C 43 10.81 -35.60 -14.05
CA GLY C 43 11.27 -34.69 -15.08
C GLY C 43 11.01 -35.20 -16.48
N LYS C 44 11.23 -34.35 -17.48
CA LYS C 44 10.98 -34.70 -18.87
C LYS C 44 12.25 -35.10 -19.61
N TYR C 45 13.37 -35.30 -18.89
CA TYR C 45 14.63 -35.67 -19.51
C TYR C 45 15.05 -37.03 -19.00
N ARG C 46 15.05 -38.03 -19.89
CA ARG C 46 15.50 -39.38 -19.55
C ARG C 46 16.14 -39.98 -20.80
N GLU C 47 17.46 -39.81 -20.92
CA GLU C 47 18.17 -40.27 -22.10
C GLU C 47 19.36 -41.16 -21.78
N ASP C 48 20.07 -40.91 -20.69
CA ASP C 48 21.27 -41.68 -20.36
C ASP C 48 21.59 -41.55 -18.89
N PHE C 49 22.42 -42.47 -18.41
CA PHE C 49 22.94 -42.45 -17.03
C PHE C 49 24.45 -42.58 -17.10
N GLU C 50 25.16 -41.61 -16.52
CA GLU C 50 26.61 -41.58 -16.59
C GLU C 50 27.16 -41.04 -15.29
N ILE C 51 27.92 -41.86 -14.58
CA ILE C 51 28.64 -41.41 -13.39
C ILE C 51 29.93 -40.71 -13.81
N GLU C 52 30.32 -39.67 -13.08
CA GLU C 52 31.59 -38.99 -13.29
C GLU C 52 32.29 -38.86 -11.93
N VAL C 53 33.00 -39.91 -11.56
CA VAL C 53 33.73 -39.93 -10.30
C VAL C 53 35.04 -39.19 -10.49
N MET C 54 35.35 -38.28 -9.57
CA MET C 54 36.60 -37.51 -9.62
C MET C 54 37.14 -37.37 -8.20
N ASN C 55 38.21 -38.10 -7.90
CA ASN C 55 38.85 -38.07 -6.59
C ASN C 55 40.18 -37.36 -6.72
N TYR C 56 40.31 -36.22 -6.07
CA TYR C 56 41.48 -35.37 -6.24
C TYR C 56 42.10 -35.03 -4.89
N SER C 57 43.40 -34.78 -4.93
CA SER C 57 44.15 -34.32 -3.76
C SER C 57 45.41 -33.64 -4.27
N ILE C 58 46.21 -33.12 -3.33
CA ILE C 58 47.46 -32.46 -3.70
C ILE C 58 48.42 -33.46 -4.34
N GLU C 59 48.27 -34.75 -4.03
CA GLU C 59 49.20 -35.75 -4.54
C GLU C 59 48.88 -36.12 -5.99
N GLU C 60 47.66 -36.60 -6.24
CA GLU C 60 47.30 -37.13 -7.55
C GLU C 60 45.79 -37.09 -7.71
N PHE C 61 45.33 -37.30 -8.94
CA PHE C 61 43.92 -37.28 -9.27
C PHE C 61 43.52 -38.58 -9.95
N ARG C 62 42.27 -38.99 -9.73
CA ARG C 62 41.71 -40.22 -10.24
C ARG C 62 40.34 -39.93 -10.82
N GLU C 63 40.01 -40.56 -11.94
CA GLU C 63 38.76 -40.32 -12.63
C GLU C 63 38.11 -41.64 -13.00
N PHE C 64 36.78 -41.64 -12.99
CA PHE C 64 35.98 -42.77 -13.40
C PHE C 64 34.76 -42.25 -14.16
N LYS C 65 34.29 -43.05 -15.11
CA LYS C 65 33.02 -42.75 -15.77
C LYS C 65 32.22 -44.01 -16.02
N THR C 66 32.43 -45.04 -15.21
CA THR C 66 31.69 -46.29 -15.36
C THR C 66 30.32 -46.18 -14.71
N THR C 67 29.37 -46.93 -15.26
CA THR C 67 28.00 -46.96 -14.74
C THR C 67 27.84 -48.11 -13.75
N ASP C 68 28.63 -48.04 -12.67
CA ASP C 68 28.62 -49.06 -11.63
C ASP C 68 28.92 -48.37 -10.30
N VAL C 69 27.91 -48.24 -9.46
CA VAL C 69 28.10 -47.56 -8.18
C VAL C 69 28.88 -48.41 -7.20
N GLU C 70 29.03 -49.71 -7.46
CA GLU C 70 29.83 -50.54 -6.57
C GLU C 70 31.28 -50.10 -6.54
N SER C 71 31.81 -49.65 -7.68
CA SER C 71 33.14 -49.06 -7.74
C SER C 71 33.15 -47.60 -7.34
N VAL C 72 32.09 -47.11 -6.69
CA VAL C 72 31.98 -45.73 -6.27
C VAL C 72 31.83 -45.59 -4.77
N LEU C 73 31.03 -46.46 -4.14
CA LEU C 73 30.78 -46.37 -2.71
C LEU C 73 32.03 -46.38 -1.84
N PRO C 74 33.04 -47.21 -2.08
CA PRO C 74 34.22 -47.21 -1.18
C PRO C 74 34.96 -45.88 -1.14
N PHE C 75 34.70 -44.97 -2.09
CA PHE C 75 35.42 -43.70 -2.10
C PHE C 75 35.11 -42.84 -0.89
N ARG C 76 33.87 -42.92 -0.36
CA ARG C 76 33.53 -42.09 0.79
C ARG C 76 34.31 -42.50 2.03
N ASP C 77 34.64 -43.79 2.16
CA ASP C 77 35.47 -44.23 3.27
C ASP C 77 36.88 -43.67 3.16
N SER C 78 37.38 -43.51 1.93
CA SER C 78 38.73 -43.00 1.72
C SER C 78 38.81 -41.54 2.20
N SER C 79 39.83 -41.26 3.01
CA SER C 79 40.02 -39.91 3.56
C SER C 79 40.78 -39.05 2.55
N THR C 80 40.08 -38.75 1.45
CA THR C 80 40.62 -37.94 0.37
C THR C 80 39.44 -37.32 -0.35
N PRO C 81 39.47 -36.02 -0.62
CA PRO C 81 38.31 -35.36 -1.24
C PRO C 81 37.94 -35.97 -2.58
N THR C 82 36.64 -36.09 -2.82
CA THR C 82 36.10 -36.67 -4.05
C THR C 82 34.98 -35.78 -4.56
N TRP C 83 34.62 -36.01 -5.83
CA TRP C 83 33.58 -35.24 -6.53
C TRP C 83 32.62 -36.19 -7.24
N ILE C 84 32.09 -37.17 -6.50
CA ILE C 84 31.19 -38.18 -7.07
C ILE C 84 30.05 -37.49 -7.80
N ASN C 85 29.96 -37.71 -9.11
CA ASN C 85 28.95 -37.09 -9.96
C ASN C 85 28.07 -38.18 -10.55
N ILE C 86 26.76 -38.00 -10.44
CA ILE C 86 25.78 -38.98 -10.90
C ILE C 86 24.77 -38.23 -11.77
N THR C 87 24.89 -38.39 -13.08
CA THR C 87 23.90 -37.84 -13.99
C THR C 87 22.77 -38.84 -14.19
N GLY C 88 21.66 -38.35 -14.74
CA GLY C 88 20.53 -39.21 -15.01
C GLY C 88 19.87 -39.75 -13.76
N ILE C 89 19.22 -38.87 -13.00
CA ILE C 89 18.53 -39.27 -11.77
C ILE C 89 17.42 -40.26 -12.09
N HIS C 90 16.91 -40.26 -13.33
CA HIS C 90 15.76 -41.07 -13.67
C HIS C 90 15.99 -42.56 -13.44
N ARG C 91 17.25 -42.99 -13.38
CA ARG C 91 17.57 -44.35 -12.91
C ARG C 91 17.56 -44.32 -11.38
N THR C 92 16.35 -44.45 -10.83
CA THR C 92 16.14 -44.29 -9.39
C THR C 92 16.87 -45.35 -8.56
N ASP C 93 17.21 -46.48 -9.16
CA ASP C 93 17.95 -47.50 -8.42
C ASP C 93 19.31 -46.98 -7.96
N VAL C 94 19.99 -46.24 -8.81
CA VAL C 94 21.32 -45.73 -8.47
C VAL C 94 21.24 -44.74 -7.32
N VAL C 95 20.33 -43.78 -7.41
CA VAL C 95 20.21 -42.78 -6.34
C VAL C 95 19.73 -43.45 -5.06
N GLN C 96 18.86 -44.47 -5.17
CA GLN C 96 18.43 -45.20 -3.99
C GLN C 96 19.60 -45.90 -3.31
N ARG C 97 20.46 -46.57 -4.10
CA ARG C 97 21.60 -47.25 -3.52
C ARG C 97 22.56 -46.26 -2.88
N VAL C 98 22.80 -45.12 -3.54
CA VAL C 98 23.70 -44.11 -2.97
C VAL C 98 23.13 -43.57 -1.66
N GLY C 99 21.83 -43.30 -1.63
CA GLY C 99 21.21 -42.82 -0.40
C GLY C 99 21.27 -43.85 0.72
N GLU C 100 21.10 -45.13 0.38
CA GLU C 100 21.22 -46.17 1.39
C GLU C 100 22.64 -46.23 1.94
N PHE C 101 23.64 -46.15 1.06
CA PHE C 101 25.01 -46.32 1.52
C PHE C 101 25.55 -45.10 2.26
N PHE C 102 25.07 -43.91 1.91
CA PHE C 102 25.54 -42.70 2.57
C PHE C 102 24.72 -42.33 3.79
N GLY C 103 23.65 -43.06 4.09
CA GLY C 103 22.90 -42.87 5.30
C GLY C 103 21.86 -41.76 5.28
N ILE C 104 21.71 -41.05 4.17
CA ILE C 104 20.72 -40.00 4.09
C ILE C 104 19.34 -40.62 4.00
N HIS C 105 18.42 -40.15 4.84
CA HIS C 105 17.12 -40.79 4.96
C HIS C 105 16.26 -40.55 3.72
N PRO C 106 15.34 -41.48 3.42
CA PRO C 106 14.72 -41.52 2.08
C PRO C 106 13.90 -40.29 1.72
N LEU C 107 13.49 -39.46 2.68
CA LEU C 107 12.80 -38.23 2.33
C LEU C 107 13.69 -37.31 1.50
N VAL C 108 14.96 -37.21 1.87
CA VAL C 108 15.90 -36.44 1.07
C VAL C 108 16.05 -37.07 -0.31
N LEU C 109 15.99 -38.40 -0.39
CA LEU C 109 16.07 -39.06 -1.69
C LEU C 109 14.87 -38.69 -2.56
N GLU C 110 13.67 -38.70 -1.98
CA GLU C 110 12.49 -38.28 -2.72
C GLU C 110 12.62 -36.84 -3.18
N ASP C 111 13.17 -35.97 -2.33
CA ASP C 111 13.38 -34.59 -2.76
C ASP C 111 14.42 -34.51 -3.88
N ILE C 112 15.42 -35.39 -3.86
CA ILE C 112 16.35 -35.52 -4.98
C ILE C 112 15.58 -35.79 -6.26
N LEU C 113 14.68 -36.77 -6.22
CA LEU C 113 14.02 -37.22 -7.44
C LEU C 113 13.14 -36.15 -8.07
N ASN C 114 12.71 -35.15 -7.31
CA ASN C 114 11.87 -34.10 -7.88
C ASN C 114 12.69 -33.17 -8.79
N VAL C 115 12.00 -32.55 -9.74
CA VAL C 115 12.61 -31.57 -10.61
C VAL C 115 11.97 -30.18 -10.46
N HIS C 116 10.69 -30.10 -10.14
CA HIS C 116 10.01 -28.83 -9.98
C HIS C 116 10.19 -28.23 -8.59
N GLN C 117 10.93 -28.91 -7.72
CA GLN C 117 11.00 -28.53 -6.31
C GLN C 117 11.95 -27.35 -6.08
N ARG C 118 11.61 -26.52 -5.11
CA ARG C 118 12.30 -25.26 -4.88
C ARG C 118 13.72 -25.48 -4.35
N PRO C 119 14.67 -24.62 -4.74
CA PRO C 119 16.02 -24.70 -4.18
C PRO C 119 16.01 -24.59 -2.66
N LYS C 120 16.88 -25.36 -2.00
CA LYS C 120 16.83 -25.45 -0.56
C LYS C 120 18.19 -25.83 0.02
N VAL C 121 18.32 -25.64 1.34
CA VAL C 121 19.45 -26.14 2.12
C VAL C 121 18.91 -26.84 3.35
N GLU C 122 19.39 -28.04 3.61
CA GLU C 122 19.14 -28.76 4.86
C GLU C 122 20.48 -29.20 5.41
N PHE C 123 20.91 -28.59 6.50
CA PHE C 123 22.12 -29.01 7.20
C PHE C 123 21.75 -30.11 8.18
N PHE C 124 22.46 -31.24 8.09
CA PHE C 124 22.13 -32.46 8.82
C PHE C 124 23.28 -32.83 9.75
N GLU C 125 23.16 -34.00 10.37
CA GLU C 125 24.24 -34.55 11.17
C GLU C 125 25.26 -35.18 10.24
N ASN C 126 26.43 -34.54 10.13
CA ASN C 126 27.56 -34.96 9.30
C ASN C 126 27.29 -34.88 7.80
N TYR C 127 26.15 -34.32 7.40
CA TYR C 127 25.82 -34.18 5.99
C TYR C 127 25.12 -32.86 5.76
N VAL C 128 25.21 -32.36 4.52
CA VAL C 128 24.51 -31.17 4.09
C VAL C 128 23.85 -31.48 2.75
N PHE C 129 22.65 -30.97 2.53
CA PHE C 129 21.86 -31.31 1.35
C PHE C 129 21.35 -30.02 0.71
N ILE C 130 21.88 -29.69 -0.46
CA ILE C 130 21.57 -28.45 -1.14
C ILE C 130 20.90 -28.78 -2.47
N VAL C 131 19.91 -27.97 -2.86
CA VAL C 131 19.18 -28.18 -4.10
C VAL C 131 19.15 -26.85 -4.85
N LEU C 132 19.59 -26.87 -6.12
CA LEU C 132 19.68 -25.69 -6.94
C LEU C 132 19.15 -25.99 -8.34
N LYS C 133 18.93 -24.94 -9.11
CA LYS C 133 18.47 -25.07 -10.48
C LYS C 133 19.49 -24.45 -11.42
N MET C 134 19.68 -25.10 -12.58
CA MET C 134 20.66 -24.69 -13.58
C MET C 134 19.90 -24.33 -14.86
N PHE C 135 19.53 -23.06 -14.98
CA PHE C 135 18.76 -22.61 -16.13
C PHE C 135 19.66 -22.51 -17.37
N THR C 136 19.06 -22.76 -18.53
CA THR C 136 19.71 -22.58 -19.82
C THR C 136 18.81 -21.78 -20.73
N TYR C 137 19.39 -20.84 -21.46
CA TYR C 137 18.64 -19.91 -22.30
C TYR C 137 19.04 -20.10 -23.76
N ASP C 138 18.04 -20.27 -24.61
CA ASP C 138 18.24 -20.34 -26.05
C ASP C 138 17.52 -19.18 -26.71
N LYS C 139 18.16 -18.56 -27.70
CA LYS C 139 17.55 -17.43 -28.40
C LYS C 139 16.27 -17.83 -29.13
N ASN C 140 16.08 -19.11 -29.40
CA ASN C 140 14.87 -19.58 -30.08
C ASN C 140 13.73 -19.69 -29.08
N LEU C 141 12.63 -19.00 -29.37
CA LEU C 141 11.41 -19.02 -28.57
C LEU C 141 11.59 -18.35 -27.21
N HIS C 142 12.82 -17.94 -26.90
CA HIS C 142 13.15 -17.22 -25.67
C HIS C 142 12.55 -17.91 -24.44
N GLU C 143 12.91 -19.19 -24.28
CA GLU C 143 12.36 -20.02 -23.21
C GLU C 143 13.48 -20.56 -22.33
N LEU C 144 13.27 -20.48 -21.01
CA LEU C 144 14.20 -21.05 -20.06
C LEU C 144 14.04 -22.56 -19.98
N GLU C 145 15.16 -23.26 -19.80
CA GLU C 145 15.17 -24.71 -19.61
C GLU C 145 15.87 -25.01 -18.29
N SER C 146 15.10 -25.42 -17.30
CA SER C 146 15.65 -25.70 -15.97
C SER C 146 16.18 -27.12 -15.90
N GLU C 147 17.37 -27.26 -15.34
CA GLU C 147 18.01 -28.57 -15.15
C GLU C 147 18.37 -28.68 -13.68
N GLN C 148 17.62 -29.48 -12.94
CA GLN C 148 17.76 -29.55 -11.50
C GLN C 148 19.12 -30.14 -11.13
N VAL C 149 19.85 -29.47 -10.25
CA VAL C 149 21.16 -29.93 -9.80
C VAL C 149 21.15 -30.02 -8.29
N SER C 150 21.44 -31.19 -7.76
CA SER C 150 21.42 -31.41 -6.31
C SER C 150 22.80 -31.77 -5.81
N LEU C 151 23.20 -31.11 -4.73
CA LEU C 151 24.47 -31.27 -4.06
C LEU C 151 24.24 -31.98 -2.74
N ILE C 152 25.09 -32.95 -2.41
CA ILE C 152 25.05 -33.58 -1.10
C ILE C 152 26.46 -33.61 -0.54
N LEU C 153 26.76 -32.70 0.37
CA LEU C 153 28.09 -32.61 0.97
C LEU C 153 28.20 -33.59 2.14
N THR C 154 29.34 -34.27 2.20
CA THR C 154 29.63 -35.24 3.25
C THR C 154 30.93 -34.86 3.94
N LYS C 155 31.50 -35.77 4.72
CA LYS C 155 32.73 -35.48 5.45
C LYS C 155 33.82 -35.03 4.49
N ASN C 156 34.28 -35.92 3.60
CA ASN C 156 35.12 -35.53 2.46
C ASN C 156 34.59 -36.23 1.19
N CYS C 157 33.58 -35.60 0.60
CA CYS C 157 32.97 -36.00 -0.66
C CYS C 157 31.82 -35.04 -0.95
N VAL C 158 31.43 -34.97 -2.23
CA VAL C 158 30.21 -34.29 -2.64
C VAL C 158 29.49 -35.16 -3.66
N LEU C 159 28.20 -35.39 -3.44
CA LEU C 159 27.38 -36.17 -4.35
C LEU C 159 26.65 -35.22 -5.30
N MET C 160 26.78 -35.48 -6.59
CA MET C 160 26.11 -34.71 -7.63
C MET C 160 24.86 -35.45 -8.08
N PHE C 161 23.84 -34.69 -8.47
CA PHE C 161 22.66 -35.26 -9.10
C PHE C 161 22.15 -34.29 -10.16
N GLN C 162 22.26 -34.69 -11.42
CA GLN C 162 21.87 -33.85 -12.55
C GLN C 162 20.88 -34.58 -13.44
N GLU C 163 20.57 -34.00 -14.60
CA GLU C 163 19.70 -34.65 -15.57
C GLU C 163 20.37 -34.90 -16.92
N LYS C 164 21.13 -33.93 -17.42
CA LYS C 164 21.83 -34.10 -18.68
C LYS C 164 23.23 -34.67 -18.43
N ILE C 165 24.01 -34.77 -19.49
CA ILE C 165 25.42 -35.15 -19.42
C ILE C 165 26.24 -34.00 -19.98
N GLY C 166 27.09 -33.42 -19.15
CA GLY C 166 27.87 -32.26 -19.54
C GLY C 166 27.20 -30.97 -19.13
N ASP C 167 27.72 -30.33 -18.09
CA ASP C 167 27.04 -29.19 -17.48
C ASP C 167 28.05 -28.08 -17.25
N VAL C 168 27.64 -27.08 -16.46
CA VAL C 168 28.43 -25.86 -16.29
C VAL C 168 29.78 -26.11 -15.64
N PHE C 169 29.95 -27.26 -14.98
CA PHE C 169 31.13 -27.53 -14.19
C PHE C 169 32.32 -27.99 -15.02
N ASP C 170 32.30 -27.75 -16.33
CA ASP C 170 33.49 -28.01 -17.15
C ASP C 170 34.70 -27.20 -16.69
N PRO C 171 34.60 -25.89 -16.40
CA PRO C 171 35.75 -25.21 -15.80
C PRO C 171 36.22 -25.85 -14.51
N VAL C 172 35.29 -26.33 -13.67
CA VAL C 172 35.69 -26.93 -12.40
C VAL C 172 36.57 -28.15 -12.66
N ARG C 173 36.13 -29.03 -13.57
CA ARG C 173 37.00 -30.13 -14.00
C ARG C 173 38.34 -29.60 -14.45
N GLU C 174 38.32 -28.51 -15.23
CA GLU C 174 39.57 -27.92 -15.72
C GLU C 174 40.48 -27.51 -14.59
N ARG C 175 39.93 -27.08 -13.46
CA ARG C 175 40.75 -26.61 -12.35
C ARG C 175 41.08 -27.73 -11.37
N ILE C 176 40.68 -28.97 -11.68
CA ILE C 176 41.00 -30.11 -10.85
C ILE C 176 41.94 -31.07 -11.56
N ARG C 177 41.64 -31.42 -12.81
CA ARG C 177 42.58 -32.22 -13.60
C ARG C 177 43.82 -31.43 -13.98
N TYR C 178 43.82 -30.12 -13.76
CA TYR C 178 45.02 -29.29 -13.85
C TYR C 178 45.16 -28.57 -12.53
N ASN C 179 46.35 -28.60 -11.94
CA ASN C 179 46.55 -27.96 -10.64
C ASN C 179 46.54 -26.45 -10.83
N ARG C 180 45.38 -25.84 -10.57
CA ARG C 180 45.20 -24.41 -10.67
C ARG C 180 44.41 -23.93 -9.46
N GLY C 181 44.67 -22.71 -9.03
CA GLY C 181 44.00 -22.20 -7.86
C GLY C 181 44.42 -22.94 -6.60
N ILE C 182 43.58 -22.83 -5.58
CA ILE C 182 43.81 -23.51 -4.32
C ILE C 182 42.88 -24.71 -4.23
N ILE C 183 42.29 -25.10 -5.36
CA ILE C 183 41.34 -26.22 -5.37
C ILE C 183 42.04 -27.51 -4.95
N ARG C 184 43.26 -27.73 -5.43
CA ARG C 184 43.98 -28.95 -5.11
C ARG C 184 44.32 -29.03 -3.63
N LYS C 185 44.56 -27.88 -3.00
CA LYS C 185 45.03 -27.85 -1.62
C LYS C 185 43.93 -27.55 -0.61
N LYS C 186 42.70 -28.00 -0.87
CA LYS C 186 41.59 -27.75 0.05
C LYS C 186 40.77 -29.02 0.23
N ARG C 187 39.77 -28.93 1.10
CA ARG C 187 38.93 -30.07 1.46
C ARG C 187 37.71 -30.12 0.53
N ALA C 188 36.74 -30.97 0.86
CA ALA C 188 35.54 -31.10 0.05
C ALA C 188 34.61 -29.92 0.16
N ASP C 189 34.62 -29.21 1.29
CA ASP C 189 33.76 -28.04 1.43
C ASP C 189 34.12 -26.95 0.44
N TYR C 190 35.41 -26.75 0.21
CA TYR C 190 35.82 -25.77 -0.78
C TYR C 190 35.45 -26.24 -2.18
N LEU C 191 35.41 -27.56 -2.41
CA LEU C 191 34.87 -28.09 -3.66
C LEU C 191 33.40 -27.72 -3.82
N LEU C 192 32.62 -27.84 -2.75
CA LEU C 192 31.23 -27.43 -2.79
C LEU C 192 31.11 -25.96 -3.13
N TYR C 193 31.96 -25.13 -2.52
CA TYR C 193 31.98 -23.71 -2.84
C TYR C 193 32.31 -23.49 -4.31
N SER C 194 33.29 -24.22 -4.85
CA SER C 194 33.67 -24.04 -6.24
C SER C 194 32.53 -24.39 -7.19
N LEU C 195 31.83 -25.49 -6.91
CA LEU C 195 30.68 -25.84 -7.73
C LEU C 195 29.60 -24.78 -7.66
N ILE C 196 29.33 -24.25 -6.46
CA ILE C 196 28.33 -23.20 -6.34
C ILE C 196 28.77 -21.94 -7.09
N ASP C 197 30.07 -21.65 -7.07
CA ASP C 197 30.58 -20.50 -7.81
C ASP C 197 30.39 -20.67 -9.31
N ALA C 198 30.65 -21.88 -9.81
CA ALA C 198 30.42 -22.14 -11.23
C ALA C 198 28.94 -21.98 -11.58
N LEU C 199 28.06 -22.47 -10.71
CA LEU C 199 26.63 -22.30 -10.96
C LEU C 199 26.24 -20.82 -10.97
N VAL C 200 26.81 -20.03 -10.07
CA VAL C 200 26.51 -18.59 -10.04
C VAL C 200 27.05 -17.91 -11.30
N ASP C 201 28.19 -18.36 -11.81
CA ASP C 201 28.70 -17.81 -13.06
C ASP C 201 27.77 -18.16 -14.23
N ASP C 202 27.19 -19.36 -14.21
CA ASP C 202 26.17 -19.69 -15.20
C ASP C 202 24.99 -18.73 -15.08
N TYR C 203 24.57 -18.42 -13.86
CA TYR C 203 23.52 -17.42 -13.68
C TYR C 203 23.94 -16.08 -14.26
N PHE C 204 25.22 -15.72 -14.10
CA PHE C 204 25.71 -14.45 -14.64
C PHE C 204 25.59 -14.40 -16.15
N VAL C 205 26.00 -15.47 -16.84
CA VAL C 205 25.92 -15.45 -18.30
C VAL C 205 24.45 -15.49 -18.74
N LEU C 206 23.58 -16.15 -17.97
CA LEU C 206 22.15 -16.09 -18.27
C LEU C 206 21.62 -14.67 -18.18
N LEU C 207 22.02 -13.93 -17.13
CA LEU C 207 21.63 -12.53 -17.05
C LEU C 207 22.24 -11.69 -18.17
N GLU C 208 23.43 -12.06 -18.66
CA GLU C 208 23.94 -11.35 -19.84
C GLU C 208 23.06 -11.57 -21.07
N LYS C 209 22.60 -12.80 -21.27
CA LYS C 209 21.65 -13.07 -22.35
C LYS C 209 20.37 -12.28 -22.15
N ILE C 210 19.92 -12.15 -20.91
CA ILE C 210 18.75 -11.33 -20.61
C ILE C 210 19.02 -9.86 -20.92
N ASP C 211 20.26 -9.40 -20.67
CA ASP C 211 20.63 -8.04 -21.07
C ASP C 211 20.45 -7.85 -22.56
N ASP C 212 20.95 -8.79 -23.34
CA ASP C 212 20.81 -8.69 -24.80
C ASP C 212 19.35 -8.67 -25.21
N GLU C 213 18.54 -9.56 -24.62
CA GLU C 213 17.13 -9.63 -24.99
C GLU C 213 16.38 -8.35 -24.63
N ILE C 214 16.64 -7.81 -23.44
CA ILE C 214 15.96 -6.58 -23.03
C ILE C 214 16.41 -5.40 -23.88
N ASP C 215 17.69 -5.34 -24.27
CA ASP C 215 18.11 -4.29 -25.17
C ASP C 215 17.41 -4.40 -26.52
N VAL C 216 17.27 -5.62 -27.04
CA VAL C 216 16.59 -5.83 -28.31
C VAL C 216 15.13 -5.38 -28.21
N LEU C 217 14.45 -5.77 -27.14
CA LEU C 217 13.04 -5.40 -27.00
C LEU C 217 12.88 -3.90 -26.79
N GLU C 218 13.79 -3.27 -26.05
CA GLU C 218 13.73 -1.82 -25.87
C GLU C 218 13.86 -1.11 -27.22
N GLU C 219 14.83 -1.54 -28.03
CA GLU C 219 15.00 -0.93 -29.34
C GLU C 219 13.78 -1.17 -30.22
N GLU C 220 13.19 -2.36 -30.15
CA GLU C 220 12.00 -2.66 -30.94
C GLU C 220 10.82 -1.80 -30.51
N VAL C 221 10.69 -1.51 -29.22
CA VAL C 221 9.62 -0.64 -28.76
C VAL C 221 9.87 0.80 -29.21
N LEU C 222 11.12 1.24 -29.20
CA LEU C 222 11.42 2.59 -29.67
C LEU C 222 10.99 2.79 -31.11
N GLU C 223 11.39 1.89 -32.01
CA GLU C 223 11.15 2.05 -33.44
C GLU C 223 10.25 0.93 -33.95
N ARG C 224 9.16 1.32 -34.61
CA ARG C 224 8.28 0.43 -35.37
C ARG C 224 7.80 -0.77 -34.56
N PRO C 225 6.86 -0.58 -33.63
CA PRO C 225 6.17 -1.74 -33.03
C PRO C 225 5.35 -2.47 -34.09
N GLU C 226 5.72 -3.70 -34.42
CA GLU C 226 5.14 -4.43 -35.54
C GLU C 226 4.17 -5.50 -35.11
N LYS C 227 3.35 -5.23 -34.09
CA LYS C 227 2.24 -6.07 -33.63
C LYS C 227 2.69 -7.37 -33.00
N GLU C 228 3.99 -7.68 -33.00
CA GLU C 228 4.50 -8.92 -32.44
C GLU C 228 5.40 -8.72 -31.23
N THR C 229 5.99 -7.53 -31.08
CA THR C 229 6.88 -7.30 -29.95
C THR C 229 6.15 -7.40 -28.62
N VAL C 230 4.82 -7.30 -28.63
CA VAL C 230 4.06 -7.44 -27.39
C VAL C 230 4.12 -8.89 -26.89
N GLN C 231 4.06 -9.85 -27.81
CA GLN C 231 4.18 -11.25 -27.40
C GLN C 231 5.56 -11.54 -26.83
N ARG C 232 6.60 -10.98 -27.45
CA ARG C 232 7.96 -11.17 -26.92
C ARG C 232 8.12 -10.48 -25.57
N THR C 233 7.51 -9.31 -25.40
CA THR C 233 7.56 -8.63 -24.10
C THR C 233 6.88 -9.46 -23.01
N HIS C 234 5.72 -10.03 -23.32
CA HIS C 234 5.06 -10.87 -22.32
C HIS C 234 5.84 -12.15 -22.06
N GLN C 235 6.46 -12.72 -23.09
CA GLN C 235 7.31 -13.88 -22.88
C GLN C 235 8.48 -13.54 -21.97
N LEU C 236 9.06 -12.36 -22.15
CA LEU C 236 10.14 -11.94 -21.26
C LEU C 236 9.64 -11.73 -19.84
N LYS C 237 8.44 -11.17 -19.68
CA LYS C 237 7.88 -11.05 -18.34
C LYS C 237 7.75 -12.42 -17.69
N ARG C 238 7.19 -13.39 -18.43
CA ARG C 238 7.00 -14.72 -17.89
C ARG C 238 8.35 -15.34 -17.49
N ASN C 239 9.34 -15.23 -18.38
CA ASN C 239 10.65 -15.82 -18.11
C ASN C 239 11.31 -15.18 -16.90
N LEU C 240 11.27 -13.85 -16.81
CA LEU C 240 11.89 -13.17 -15.69
C LEU C 240 11.19 -13.51 -14.37
N VAL C 241 9.86 -13.65 -14.41
CA VAL C 241 9.15 -13.99 -13.17
C VAL C 241 9.48 -15.40 -12.72
N GLU C 242 9.45 -16.37 -13.65
CA GLU C 242 9.76 -17.73 -13.23
C GLU C 242 11.23 -17.91 -12.93
N LEU C 243 12.08 -16.95 -13.33
CA LEU C 243 13.48 -17.00 -12.94
C LEU C 243 13.69 -16.39 -11.56
N ARG C 244 12.97 -15.30 -11.26
CA ARG C 244 13.06 -14.69 -9.94
C ARG C 244 12.50 -15.63 -8.87
N LYS C 245 11.43 -16.36 -9.21
CA LYS C 245 10.85 -17.32 -8.27
C LYS C 245 11.87 -18.35 -7.82
N THR C 246 12.87 -18.63 -8.65
CA THR C 246 13.96 -19.52 -8.27
C THR C 246 15.15 -18.77 -7.66
N ILE C 247 15.42 -17.56 -8.12
CA ILE C 247 16.61 -16.85 -7.67
C ILE C 247 16.47 -16.35 -6.24
N TRP C 248 15.26 -16.07 -5.78
CA TRP C 248 15.11 -15.68 -4.37
C TRP C 248 15.47 -16.85 -3.45
N PRO C 249 14.97 -18.06 -3.69
CA PRO C 249 15.46 -19.20 -2.91
C PRO C 249 16.96 -19.43 -3.07
N LEU C 250 17.55 -19.00 -4.19
CA LEU C 250 19.01 -19.05 -4.30
C LEU C 250 19.65 -18.15 -3.25
N ARG C 251 19.09 -16.96 -3.04
CA ARG C 251 19.58 -16.10 -1.96
C ARG C 251 19.41 -16.78 -0.61
N GLU C 252 18.27 -17.44 -0.40
CA GLU C 252 18.07 -18.13 0.87
C GLU C 252 19.13 -19.22 1.07
N VAL C 253 19.42 -19.99 0.01
CA VAL C 253 20.44 -21.03 0.05
C VAL C 253 21.79 -20.44 0.43
N LEU C 254 22.21 -19.41 -0.30
CA LEU C 254 23.56 -18.89 -0.08
C LEU C 254 23.68 -18.12 1.23
N SER C 255 22.60 -17.55 1.73
CA SER C 255 22.64 -16.94 3.05
C SER C 255 22.73 -17.99 4.14
N SER C 256 21.89 -19.02 4.06
CA SER C 256 21.90 -20.07 5.08
C SER C 256 23.17 -20.88 5.06
N LEU C 257 23.91 -20.89 3.95
CA LEU C 257 25.14 -21.68 3.91
C LEU C 257 26.24 -21.13 4.82
N TYR C 258 26.18 -19.87 5.24
CA TYR C 258 27.16 -19.38 6.21
C TYR C 258 26.53 -18.71 7.42
N ARG C 259 25.31 -18.18 7.31
CA ARG C 259 24.74 -17.38 8.39
C ARG C 259 24.68 -18.17 9.69
N ASP C 260 24.13 -19.38 9.62
CA ASP C 260 24.20 -20.35 10.71
C ASP C 260 25.24 -21.38 10.28
N VAL C 261 26.46 -21.24 10.80
CA VAL C 261 27.59 -22.03 10.34
C VAL C 261 27.39 -23.49 10.73
N PRO C 262 27.32 -24.41 9.77
CA PRO C 262 27.28 -25.83 10.10
C PRO C 262 28.65 -26.33 10.48
N PRO C 263 28.75 -27.46 11.18
CA PRO C 263 30.08 -28.00 11.52
C PRO C 263 30.82 -28.59 10.34
N LEU C 264 30.16 -28.81 9.20
CA LEU C 264 30.83 -29.41 8.05
C LEU C 264 31.83 -28.45 7.42
N ILE C 265 31.44 -27.19 7.24
CA ILE C 265 32.29 -26.22 6.57
C ILE C 265 33.31 -25.66 7.54
N GLU C 266 34.52 -25.44 7.05
CA GLU C 266 35.56 -24.83 7.85
C GLU C 266 35.29 -23.34 8.00
N LYS C 267 35.93 -22.73 9.01
CA LYS C 267 35.81 -21.28 9.17
C LYS C 267 36.53 -20.55 8.05
N GLU C 268 37.65 -21.09 7.57
CA GLU C 268 38.41 -20.44 6.52
C GLU C 268 37.71 -20.54 5.17
N THR C 269 36.73 -21.42 5.02
CA THR C 269 35.93 -21.50 3.80
C THR C 269 34.72 -20.58 3.84
N VAL C 270 34.36 -20.06 5.02
CA VAL C 270 33.21 -19.16 5.12
C VAL C 270 33.35 -17.93 4.23
N PRO C 271 34.51 -17.25 4.14
CA PRO C 271 34.58 -16.07 3.27
C PRO C 271 34.22 -16.34 1.82
N TYR C 272 34.57 -17.51 1.29
CA TYR C 272 34.18 -17.85 -0.08
C TYR C 272 32.68 -17.94 -0.22
N PHE C 273 32.01 -18.55 0.76
CA PHE C 273 30.56 -18.61 0.74
C PHE C 273 29.94 -17.23 0.89
N ARG C 274 30.57 -16.35 1.66
CA ARG C 274 30.10 -14.97 1.74
C ARG C 274 30.22 -14.27 0.40
N ASP C 275 31.32 -14.51 -0.31
CA ASP C 275 31.49 -13.90 -1.63
C ASP C 275 30.43 -14.38 -2.61
N VAL C 276 30.16 -15.69 -2.65
CA VAL C 276 29.13 -16.15 -3.58
C VAL C 276 27.75 -15.71 -3.12
N TYR C 277 27.54 -15.52 -1.82
CA TYR C 277 26.28 -14.92 -1.38
C TYR C 277 26.14 -13.50 -1.89
N ASP C 278 27.25 -12.74 -1.88
CA ASP C 278 27.22 -11.39 -2.43
C ASP C 278 26.89 -11.42 -3.92
N HIS C 279 27.47 -12.38 -4.64
CA HIS C 279 27.13 -12.53 -6.06
C HIS C 279 25.64 -12.86 -6.24
N THR C 280 25.11 -13.70 -5.35
CA THR C 280 23.69 -14.02 -5.42
C THR C 280 22.82 -12.80 -5.18
N ILE C 281 23.20 -11.96 -4.21
CA ILE C 281 22.48 -10.73 -3.98
C ILE C 281 22.53 -9.84 -5.21
N GLN C 282 23.70 -9.76 -5.85
CA GLN C 282 23.85 -8.94 -7.05
C GLN C 282 22.93 -9.43 -8.16
N ILE C 283 22.91 -10.74 -8.41
CA ILE C 283 22.10 -11.25 -9.51
C ILE C 283 20.61 -11.10 -9.20
N ALA C 284 20.22 -11.28 -7.93
CA ALA C 284 18.81 -11.09 -7.59
C ALA C 284 18.39 -9.64 -7.76
N ASP C 285 19.24 -8.69 -7.36
CA ASP C 285 18.92 -7.28 -7.58
C ASP C 285 18.83 -6.97 -9.07
N THR C 286 19.73 -7.53 -9.86
CA THR C 286 19.66 -7.35 -11.31
C THR C 286 18.34 -7.87 -11.87
N VAL C 287 17.91 -9.05 -11.40
CA VAL C 287 16.67 -9.63 -11.90
C VAL C 287 15.47 -8.76 -11.51
N GLU C 288 15.45 -8.25 -10.28
CA GLU C 288 14.36 -7.39 -9.85
C GLU C 288 14.32 -6.10 -10.68
N THR C 289 15.50 -5.52 -10.94
CA THR C 289 15.55 -4.33 -11.78
C THR C 289 15.03 -4.61 -13.18
N PHE C 290 15.37 -5.77 -13.75
CA PHE C 290 14.87 -6.12 -15.07
C PHE C 290 13.37 -6.33 -15.05
N ARG C 291 12.83 -6.94 -14.00
CA ARG C 291 11.39 -7.04 -13.86
C ARG C 291 10.74 -5.65 -13.92
N ASP C 292 11.29 -4.71 -13.16
CA ASP C 292 10.73 -3.35 -13.16
C ASP C 292 10.83 -2.71 -14.54
N ILE C 293 11.97 -2.91 -15.22
CA ILE C 293 12.17 -2.31 -16.53
C ILE C 293 11.17 -2.87 -17.54
N VAL C 294 10.93 -4.18 -17.51
CA VAL C 294 9.98 -4.76 -18.46
C VAL C 294 8.57 -4.30 -18.14
N SER C 295 8.23 -4.18 -16.86
CA SER C 295 6.92 -3.68 -16.48
C SER C 295 6.70 -2.27 -17.01
N GLY C 296 7.71 -1.41 -16.92
CA GLY C 296 7.62 -0.10 -17.53
C GLY C 296 7.60 -0.14 -19.05
N LEU C 297 8.36 -1.07 -19.64
CA LEU C 297 8.47 -1.13 -21.09
C LEU C 297 7.15 -1.52 -21.75
N LEU C 298 6.34 -2.34 -21.08
CA LEU C 298 5.03 -2.64 -21.64
C LEU C 298 4.19 -1.37 -21.80
N ASP C 299 4.19 -0.52 -20.77
CA ASP C 299 3.46 0.74 -20.87
C ASP C 299 4.09 1.67 -21.89
N VAL C 300 5.41 1.62 -22.04
CA VAL C 300 6.06 2.40 -23.09
C VAL C 300 5.57 1.98 -24.47
N TYR C 301 5.47 0.66 -24.70
CA TYR C 301 4.96 0.17 -25.97
C TYR C 301 3.51 0.59 -26.17
N LEU C 302 2.69 0.52 -25.11
CA LEU C 302 1.31 0.96 -25.21
C LEU C 302 1.22 2.42 -25.62
N SER C 303 2.05 3.27 -24.99
CA SER C 303 2.04 4.69 -25.31
C SER C 303 2.52 4.94 -26.74
N SER C 304 3.52 4.18 -27.20
CA SER C 304 3.98 4.33 -28.56
C SER C 304 2.90 3.95 -29.57
N VAL C 305 2.18 2.86 -29.30
CA VAL C 305 1.09 2.46 -30.19
C VAL C 305 -0.02 3.51 -30.17
N SER C 306 -0.32 4.06 -28.99
CA SER C 306 -1.33 5.11 -28.92
C SER C 306 -0.89 6.36 -29.70
N ASN C 307 0.39 6.69 -29.65
CA ASN C 307 0.89 7.82 -30.42
C ASN C 307 0.79 7.57 -31.91
N LYS C 308 1.10 6.34 -32.35
CA LYS C 308 0.93 5.99 -33.76
C LYS C 308 -0.53 6.09 -34.18
N THR C 309 -1.44 5.64 -33.31
CA THR C 309 -2.87 5.78 -33.58
C THR C 309 -3.26 7.25 -33.71
N ASN C 310 -2.74 8.10 -32.82
CA ASN C 310 -3.07 9.52 -32.87
C ASN C 310 -2.55 10.16 -34.15
N GLU C 311 -1.33 9.79 -34.56
CA GLU C 311 -0.78 10.35 -35.79
C GLU C 311 -1.58 9.90 -37.01
N VAL C 312 -1.95 8.61 -37.05
CA VAL C 312 -2.70 8.13 -38.20
C VAL C 312 -4.11 8.73 -38.20
N MET C 313 -4.68 9.00 -37.02
CA MET C 313 -5.95 9.71 -36.99
C MET C 313 -5.80 11.15 -37.45
N LYS C 314 -4.68 11.79 -37.12
CA LYS C 314 -4.43 13.12 -37.65
C LYS C 314 -4.39 13.11 -39.17
N VAL C 315 -3.67 12.16 -39.76
CA VAL C 315 -3.54 12.15 -41.22
C VAL C 315 -4.88 11.81 -41.87
N LEU C 316 -5.62 10.85 -41.29
CA LEU C 316 -6.95 10.53 -41.82
C LEU C 316 -7.87 11.74 -41.72
N THR C 317 -7.87 12.43 -40.58
CA THR C 317 -8.76 13.56 -40.39
C THR C 317 -8.42 14.70 -41.34
N ILE C 318 -7.14 14.97 -41.57
CA ILE C 318 -6.80 16.06 -42.48
C ILE C 318 -7.15 15.69 -43.92
N ILE C 319 -6.92 14.43 -44.31
CA ILE C 319 -7.21 14.04 -45.69
C ILE C 319 -8.72 13.99 -45.93
N ALA C 320 -9.50 13.64 -44.92
CA ALA C 320 -10.95 13.69 -45.04
C ALA C 320 -11.52 15.04 -44.61
N THR C 321 -10.67 16.01 -44.29
CA THR C 321 -11.07 17.36 -43.90
C THR C 321 -10.88 18.38 -45.00
N ILE C 322 -9.78 18.28 -45.76
CA ILE C 322 -9.58 19.19 -46.88
C ILE C 322 -10.61 18.94 -47.97
N PHE C 323 -11.36 17.85 -47.90
CA PHE C 323 -12.17 17.45 -49.05
C PHE C 323 -13.67 17.51 -48.81
N MET C 324 -14.15 17.23 -47.60
CA MET C 324 -15.58 17.36 -47.32
C MET C 324 -16.17 18.72 -47.70
N PRO C 325 -15.61 19.86 -47.25
CA PRO C 325 -16.24 21.14 -47.58
C PRO C 325 -16.31 21.40 -49.07
N LEU C 326 -15.44 20.77 -49.85
CA LEU C 326 -15.36 20.98 -51.28
C LEU C 326 -15.78 19.79 -52.14
N THR C 327 -15.75 18.56 -51.62
CA THR C 327 -16.50 17.53 -52.33
C THR C 327 -18.00 17.78 -52.20
N PHE C 328 -18.43 18.38 -51.10
CA PHE C 328 -19.83 18.79 -50.99
C PHE C 328 -20.15 19.87 -52.01
N ILE C 329 -19.22 20.79 -52.26
CA ILE C 329 -19.42 21.79 -53.31
C ILE C 329 -19.48 21.13 -54.67
N ALA C 330 -18.61 20.14 -54.91
CA ALA C 330 -18.67 19.41 -56.18
C ALA C 330 -20.03 18.75 -56.35
N GLY C 331 -20.62 18.24 -55.26
CA GLY C 331 -21.96 17.70 -55.34
C GLY C 331 -23.01 18.77 -55.61
N ILE C 332 -22.87 19.93 -54.97
CA ILE C 332 -23.87 20.99 -55.12
C ILE C 332 -23.88 21.53 -56.55
N TYR C 333 -22.69 21.74 -57.12
CA TYR C 333 -22.59 22.37 -58.43
C TYR C 333 -22.55 21.38 -59.58
N GLY C 334 -22.65 20.08 -59.30
CA GLY C 334 -22.77 19.07 -60.33
C GLY C 334 -24.15 18.46 -60.35
N MET C 335 -25.16 19.32 -60.19
CA MET C 335 -26.55 18.92 -60.03
C MET C 335 -27.23 18.82 -61.40
N ASN C 336 -28.31 18.04 -61.45
CA ASN C 336 -29.06 17.79 -62.68
C ASN C 336 -30.51 18.20 -62.49
N PHE C 337 -30.76 19.51 -62.57
CA PHE C 337 -32.12 20.04 -62.63
C PHE C 337 -32.29 20.89 -63.88
N GLU C 338 -33.49 21.47 -64.01
CA GLU C 338 -33.88 22.11 -65.25
C GLU C 338 -33.14 23.42 -65.48
N TYR C 339 -33.31 24.38 -64.57
CA TYR C 339 -32.83 25.75 -64.81
C TYR C 339 -31.37 25.90 -64.40
N MET C 340 -31.09 25.71 -63.11
CA MET C 340 -29.76 25.87 -62.51
C MET C 340 -29.21 27.28 -62.67
N PRO C 341 -28.22 27.64 -61.86
CA PRO C 341 -27.36 28.77 -62.24
C PRO C 341 -26.30 28.29 -63.21
N GLU C 342 -26.66 28.18 -64.48
CA GLU C 342 -25.73 27.65 -65.47
C GLU C 342 -24.44 28.45 -65.53
N LEU C 343 -24.49 29.74 -65.18
CA LEU C 343 -23.31 30.58 -65.11
C LEU C 343 -22.64 30.70 -66.47
N ARG C 344 -21.42 30.18 -66.58
CA ARG C 344 -20.49 30.56 -67.64
C ARG C 344 -20.22 32.07 -67.59
N TRP C 345 -20.42 32.63 -66.39
CA TRP C 345 -20.16 34.04 -66.14
C TRP C 345 -18.69 34.36 -66.36
N LYS C 346 -17.82 33.49 -65.87
CA LYS C 346 -16.39 33.53 -66.14
C LYS C 346 -15.95 32.21 -66.76
N TRP C 347 -16.82 31.61 -67.57
CA TRP C 347 -16.72 30.28 -68.17
C TRP C 347 -17.00 29.16 -67.17
N GLY C 348 -17.17 29.46 -65.90
CA GLY C 348 -17.54 28.46 -64.91
C GLY C 348 -16.45 27.90 -64.00
N TYR C 349 -15.26 27.63 -64.55
CA TYR C 349 -14.18 27.14 -63.71
C TYR C 349 -13.76 28.12 -62.63
N PRO C 350 -13.33 29.35 -62.94
CA PRO C 350 -12.79 30.20 -61.87
C PRO C 350 -13.81 30.57 -60.80
N VAL C 351 -15.09 30.67 -61.16
CA VAL C 351 -16.11 31.15 -60.23
C VAL C 351 -16.11 30.30 -58.96
N VAL C 352 -16.08 28.99 -59.11
CA VAL C 352 -16.07 28.10 -57.96
C VAL C 352 -14.63 27.80 -57.57
N LEU C 353 -13.73 27.78 -58.55
CA LEU C 353 -12.38 27.27 -58.32
C LEU C 353 -11.55 28.22 -57.48
N ALA C 354 -11.76 29.53 -57.61
CA ALA C 354 -10.99 30.48 -56.80
C ALA C 354 -11.32 30.32 -55.32
N VAL C 355 -12.60 30.32 -54.98
CA VAL C 355 -13.00 30.12 -53.59
C VAL C 355 -12.62 28.73 -53.13
N MET C 356 -12.69 27.75 -54.03
CA MET C 356 -12.32 26.37 -53.72
C MET C 356 -10.85 26.26 -53.34
N GLY C 357 -9.98 26.87 -54.13
CA GLY C 357 -8.56 26.88 -53.82
C GLY C 357 -8.23 27.69 -52.59
N VAL C 358 -8.93 28.81 -52.40
CA VAL C 358 -8.73 29.59 -51.19
C VAL C 358 -9.10 28.76 -49.97
N ILE C 359 -10.18 28.00 -50.06
CA ILE C 359 -10.60 27.13 -48.96
C ILE C 359 -9.56 26.05 -48.69
N ALA C 360 -9.03 25.44 -49.76
CA ALA C 360 -8.01 24.41 -49.58
C ALA C 360 -6.75 24.98 -48.93
N VAL C 361 -6.31 26.16 -49.39
CA VAL C 361 -5.12 26.78 -48.80
C VAL C 361 -5.38 27.16 -47.35
N ILE C 362 -6.59 27.66 -47.05
CA ILE C 362 -6.94 28.01 -45.68
C ILE C 362 -6.91 26.77 -44.79
N MET C 363 -7.42 25.65 -45.29
CA MET C 363 -7.38 24.42 -44.52
C MET C 363 -5.94 23.95 -44.28
N VAL C 364 -5.09 24.02 -45.30
CA VAL C 364 -3.73 23.53 -45.12
C VAL C 364 -2.86 24.51 -44.34
N VAL C 365 -3.28 25.77 -44.19
CA VAL C 365 -2.60 26.68 -43.27
C VAL C 365 -3.30 26.75 -41.93
N TYR C 366 -4.43 26.05 -41.76
CA TYR C 366 -5.12 25.97 -40.50
C TYR C 366 -4.90 24.65 -39.77
N PHE C 367 -4.41 23.64 -40.46
CA PHE C 367 -4.10 22.34 -39.85
C PHE C 367 -2.61 22.04 -39.86
N LYS C 368 -1.96 22.17 -41.02
CA LYS C 368 -0.51 21.92 -41.07
C LYS C 368 0.23 22.92 -40.19
N LYS C 369 -0.35 24.10 -39.96
CA LYS C 369 0.27 25.11 -39.12
C LYS C 369 -0.20 25.04 -37.67
N LYS C 370 -1.31 24.37 -37.39
CA LYS C 370 -1.77 24.19 -36.01
C LYS C 370 -1.28 22.89 -35.39
N LYS C 371 -0.13 22.39 -35.84
CA LYS C 371 0.51 21.20 -35.28
C LYS C 371 -0.40 19.98 -35.39
N TRP C 372 -0.78 19.66 -36.63
CA TRP C 372 -1.56 18.46 -36.93
C TRP C 372 -0.79 17.44 -37.75
N LEU C 373 0.20 17.88 -38.51
CA LEU C 373 1.11 16.98 -39.21
C LEU C 373 2.33 17.75 -39.71
N MET D 23 26.66 -4.18 -24.98
CA MET D 23 27.38 -5.45 -24.93
C MET D 23 28.68 -5.28 -24.16
N GLU D 24 29.59 -4.48 -24.72
CA GLU D 24 30.85 -4.21 -24.06
C GLU D 24 30.66 -3.24 -22.90
N GLU D 25 31.65 -3.22 -22.00
CA GLU D 25 31.63 -2.46 -20.73
C GLU D 25 30.30 -2.59 -19.98
N LYS D 26 29.56 -3.67 -20.21
CA LYS D 26 28.29 -3.88 -19.54
C LYS D 26 28.08 -5.30 -19.05
N ARG D 27 28.88 -6.26 -19.49
CA ARG D 27 28.66 -7.65 -19.15
C ARG D 27 28.98 -7.91 -17.69
N LEU D 28 28.10 -8.65 -17.01
CA LEU D 28 28.39 -9.13 -15.66
C LEU D 28 29.37 -10.29 -15.66
N SER D 29 29.58 -10.92 -16.82
CA SER D 29 30.52 -12.01 -17.01
C SER D 29 31.94 -11.48 -17.16
N ALA D 30 32.82 -12.31 -17.73
CA ALA D 30 34.27 -12.11 -17.90
C ALA D 30 35.03 -12.52 -16.65
N LYS D 31 34.36 -13.12 -15.67
CA LYS D 31 35.02 -13.86 -14.61
C LYS D 31 34.47 -15.28 -14.53
N LYS D 32 33.95 -15.77 -15.65
CA LYS D 32 33.35 -17.10 -15.70
C LYS D 32 34.44 -18.16 -15.65
N GLY D 33 34.35 -19.05 -14.67
CA GLY D 33 35.33 -20.13 -14.54
C GLY D 33 36.73 -19.67 -14.23
N LEU D 34 36.88 -18.69 -13.35
CA LEU D 34 38.18 -18.22 -12.90
C LEU D 34 38.32 -18.40 -11.40
N PRO D 35 39.44 -18.94 -10.94
CA PRO D 35 39.65 -19.13 -9.50
C PRO D 35 39.69 -17.80 -8.78
N PRO D 36 39.31 -17.76 -7.51
CA PRO D 36 39.18 -16.47 -6.81
C PRO D 36 40.47 -15.67 -6.75
N GLY D 37 41.63 -16.32 -6.80
CA GLY D 37 42.88 -15.63 -6.69
C GLY D 37 43.32 -14.87 -7.93
N THR D 38 42.63 -15.04 -9.04
CA THR D 38 42.99 -14.35 -10.28
C THR D 38 42.46 -12.93 -10.28
N LEU D 39 43.27 -12.00 -10.77
CA LEU D 39 42.91 -10.59 -10.86
C LEU D 39 42.75 -10.21 -12.32
N VAL D 40 41.52 -9.91 -12.72
CA VAL D 40 41.21 -9.47 -14.07
C VAL D 40 40.40 -8.18 -13.98
N TYR D 41 40.82 -7.17 -14.73
CA TYR D 41 40.06 -5.93 -14.81
C TYR D 41 38.92 -6.08 -15.81
N THR D 42 37.75 -5.59 -15.43
CA THR D 42 36.54 -5.79 -16.22
C THR D 42 35.86 -4.46 -16.52
N GLY D 43 36.63 -3.41 -16.73
CA GLY D 43 36.08 -2.11 -17.04
C GLY D 43 36.74 -1.52 -18.27
N LYS D 44 36.05 -0.52 -18.85
CA LYS D 44 36.56 0.15 -20.03
C LYS D 44 37.68 1.14 -19.71
N TYR D 45 37.74 1.61 -18.47
CA TYR D 45 38.68 2.66 -18.09
C TYR D 45 40.06 2.07 -17.79
N ARG D 46 40.93 2.04 -18.79
CA ARG D 46 42.24 1.41 -18.66
C ARG D 46 43.33 2.27 -19.27
N GLU D 47 43.21 3.58 -19.13
CA GLU D 47 44.17 4.52 -19.71
C GLU D 47 45.01 5.21 -18.65
N ASP D 48 44.38 5.88 -17.70
CA ASP D 48 45.11 6.64 -16.69
C ASP D 48 45.70 5.71 -15.63
N PHE D 49 46.75 6.20 -14.97
CA PHE D 49 47.31 5.50 -13.81
C PHE D 49 48.18 6.47 -13.03
N GLU D 50 47.88 6.65 -11.75
CA GLU D 50 48.73 7.46 -10.89
C GLU D 50 48.43 7.13 -9.44
N ILE D 51 49.46 7.24 -8.60
CA ILE D 51 49.34 6.98 -7.18
C ILE D 51 49.60 8.30 -6.45
N GLU D 52 48.57 8.80 -5.76
CA GLU D 52 48.67 10.02 -4.98
C GLU D 52 48.72 9.64 -3.50
N VAL D 53 49.76 10.07 -2.80
CA VAL D 53 49.96 9.73 -1.40
C VAL D 53 49.87 11.00 -0.57
N MET D 54 49.02 10.97 0.45
CA MET D 54 48.86 12.08 1.37
C MET D 54 49.03 11.57 2.79
N ASN D 55 50.12 11.94 3.43
CA ASN D 55 50.33 11.70 4.84
C ASN D 55 50.11 13.01 5.58
N TYR D 56 49.51 12.94 6.77
CA TYR D 56 49.23 14.17 7.49
C TYR D 56 49.19 13.90 8.99
N SER D 57 49.36 14.97 9.75
CA SER D 57 49.22 14.95 11.20
C SER D 57 48.73 16.32 11.63
N ILE D 58 48.82 16.60 12.93
CA ILE D 58 48.38 17.89 13.44
C ILE D 58 49.28 19.00 12.88
N GLU D 59 50.58 18.72 12.72
CA GLU D 59 51.54 19.76 12.39
C GLU D 59 51.78 19.89 10.89
N GLU D 60 52.26 18.83 10.25
CA GLU D 60 52.78 18.91 8.89
C GLU D 60 52.20 17.79 8.04
N PHE D 61 51.95 18.10 6.76
CA PHE D 61 51.47 17.13 5.79
C PHE D 61 52.48 16.97 4.67
N ARG D 62 52.53 15.77 4.11
CA ARG D 62 53.49 15.40 3.07
C ARG D 62 52.75 14.72 1.93
N GLU D 63 52.91 15.23 0.72
CA GLU D 63 52.37 14.59 -0.48
C GLU D 63 53.51 13.98 -1.27
N PHE D 64 53.30 12.75 -1.72
CA PHE D 64 54.31 11.99 -2.46
C PHE D 64 53.65 11.32 -3.67
N LYS D 65 52.86 12.10 -4.42
CA LYS D 65 52.18 11.51 -5.57
C LYS D 65 53.20 11.09 -6.61
N THR D 66 53.08 9.85 -7.07
CA THR D 66 54.07 9.24 -7.95
C THR D 66 53.39 8.22 -8.85
N THR D 67 54.13 7.78 -9.86
CA THR D 67 53.72 6.68 -10.71
C THR D 67 54.47 5.39 -10.39
N ASP D 68 55.22 5.38 -9.29
CA ASP D 68 56.01 4.23 -8.88
C ASP D 68 55.25 3.42 -7.84
N VAL D 69 55.03 2.14 -8.13
CA VAL D 69 54.25 1.30 -7.22
C VAL D 69 55.02 1.00 -5.94
N GLU D 70 56.34 0.79 -6.04
CA GLU D 70 57.12 0.39 -4.88
C GLU D 70 57.38 1.53 -3.91
N SER D 71 57.06 2.77 -4.29
CA SER D 71 57.34 3.91 -3.42
C SER D 71 56.28 4.13 -2.35
N VAL D 72 55.20 3.35 -2.35
CA VAL D 72 54.11 3.57 -1.42
C VAL D 72 54.03 2.48 -0.34
N LEU D 73 54.71 1.35 -0.52
CA LEU D 73 54.66 0.28 0.47
C LEU D 73 55.16 0.70 1.85
N PRO D 74 56.29 1.41 1.99
CA PRO D 74 56.78 1.72 3.35
C PRO D 74 55.79 2.46 4.22
N PHE D 75 54.78 3.11 3.63
CA PHE D 75 53.77 3.79 4.42
C PHE D 75 52.88 2.85 5.22
N ARG D 76 53.09 1.53 5.11
CA ARG D 76 52.25 0.59 5.85
C ARG D 76 52.38 0.75 7.36
N ASP D 77 53.55 1.19 7.83
CA ASP D 77 53.81 1.33 9.26
C ASP D 77 53.97 2.79 9.68
N SER D 78 53.30 3.71 8.98
CA SER D 78 53.38 5.11 9.33
C SER D 78 52.56 5.40 10.59
N SER D 79 53.14 6.16 11.52
CA SER D 79 52.44 6.49 12.75
C SER D 79 51.25 7.39 12.49
N THR D 80 51.41 8.38 11.63
CA THR D 80 50.36 9.31 11.24
C THR D 80 49.47 8.69 10.17
N PRO D 81 48.19 9.08 10.12
CA PRO D 81 47.30 8.53 9.10
C PRO D 81 47.80 8.86 7.70
N THR D 82 47.64 7.89 6.79
CA THR D 82 48.09 8.04 5.42
C THR D 82 46.97 7.66 4.47
N TRP D 83 47.09 8.14 3.24
CA TRP D 83 46.05 7.98 2.24
C TRP D 83 46.70 7.68 0.89
N ILE D 84 46.40 6.53 0.32
CA ILE D 84 47.04 6.06 -0.90
C ILE D 84 45.95 5.91 -1.96
N ASN D 85 45.82 6.91 -2.82
CA ASN D 85 44.84 6.88 -3.91
C ASN D 85 45.52 6.31 -5.15
N ILE D 86 45.16 5.08 -5.50
CA ILE D 86 45.74 4.41 -6.66
C ILE D 86 44.66 4.43 -7.75
N THR D 87 44.83 5.29 -8.75
CA THR D 87 43.90 5.38 -9.86
C THR D 87 44.48 4.67 -11.07
N GLY D 88 43.61 4.00 -11.82
CA GLY D 88 44.05 3.11 -12.87
C GLY D 88 44.27 1.70 -12.38
N ILE D 89 43.22 1.09 -11.83
CA ILE D 89 43.30 -0.26 -11.27
C ILE D 89 43.46 -1.30 -12.37
N HIS D 90 43.49 -0.86 -13.63
CA HIS D 90 43.74 -1.78 -14.72
C HIS D 90 45.09 -2.46 -14.62
N ARG D 91 46.05 -1.85 -13.92
CA ARG D 91 47.33 -2.48 -13.66
C ARG D 91 47.14 -3.47 -12.52
N THR D 92 46.75 -4.70 -12.87
CA THR D 92 46.45 -5.71 -11.87
C THR D 92 47.68 -6.09 -11.05
N ASP D 93 48.88 -5.95 -11.63
CA ASP D 93 50.09 -6.27 -10.88
C ASP D 93 50.27 -5.34 -9.69
N VAL D 94 49.97 -4.05 -9.87
CA VAL D 94 50.10 -3.09 -8.78
C VAL D 94 49.14 -3.45 -7.64
N VAL D 95 47.89 -3.77 -7.99
CA VAL D 95 46.91 -4.13 -6.97
C VAL D 95 47.32 -5.41 -6.28
N GLN D 96 47.83 -6.39 -7.03
CA GLN D 96 48.29 -7.64 -6.42
C GLN D 96 49.43 -7.39 -5.45
N ARG D 97 50.40 -6.56 -5.83
CA ARG D 97 51.53 -6.28 -4.94
C ARG D 97 51.07 -5.56 -3.68
N VAL D 98 50.22 -4.55 -3.82
CA VAL D 98 49.78 -3.81 -2.65
C VAL D 98 48.91 -4.69 -1.74
N GLY D 99 48.11 -5.58 -2.33
CA GLY D 99 47.33 -6.49 -1.52
C GLY D 99 48.19 -7.50 -0.79
N GLU D 100 49.23 -8.00 -1.45
CA GLU D 100 50.13 -8.94 -0.78
C GLU D 100 50.88 -8.26 0.36
N PHE D 101 51.32 -7.01 0.17
CA PHE D 101 52.08 -6.35 1.22
C PHE D 101 51.19 -5.94 2.38
N PHE D 102 50.04 -5.34 2.09
CA PHE D 102 49.18 -4.81 3.15
C PHE D 102 48.27 -5.87 3.78
N GLY D 103 48.33 -7.11 3.31
CA GLY D 103 47.57 -8.18 3.91
C GLY D 103 46.09 -8.18 3.58
N ILE D 104 45.77 -8.40 2.31
CA ILE D 104 44.40 -8.42 1.83
C ILE D 104 44.10 -9.79 1.22
N HIS D 105 42.98 -10.37 1.63
CA HIS D 105 42.56 -11.66 1.12
C HIS D 105 42.28 -11.57 -0.39
N PRO D 106 42.62 -12.61 -1.15
CA PRO D 106 42.46 -12.54 -2.61
C PRO D 106 41.04 -12.26 -3.08
N LEU D 107 40.03 -12.71 -2.33
CA LEU D 107 38.65 -12.41 -2.70
C LEU D 107 38.40 -10.91 -2.71
N VAL D 108 38.91 -10.20 -1.71
CA VAL D 108 38.78 -8.75 -1.69
C VAL D 108 39.47 -8.13 -2.89
N LEU D 109 40.62 -8.67 -3.27
CA LEU D 109 41.35 -8.13 -4.41
C LEU D 109 40.55 -8.28 -5.71
N GLU D 110 40.03 -9.49 -5.95
CA GLU D 110 39.25 -9.71 -7.16
C GLU D 110 37.95 -8.92 -7.14
N ASP D 111 37.44 -8.60 -5.94
CA ASP D 111 36.28 -7.72 -5.87
C ASP D 111 36.65 -6.27 -6.16
N ILE D 112 37.87 -5.86 -5.81
CA ILE D 112 38.36 -4.54 -6.20
C ILE D 112 38.45 -4.45 -7.72
N LEU D 113 39.03 -5.47 -8.35
CA LEU D 113 39.20 -5.43 -9.79
C LEU D 113 37.86 -5.43 -10.53
N ASN D 114 36.92 -6.25 -10.09
CA ASN D 114 35.65 -6.38 -10.78
C ASN D 114 34.80 -5.14 -10.57
N VAL D 115 34.65 -4.32 -11.61
CA VAL D 115 33.89 -3.08 -11.48
C VAL D 115 32.40 -3.37 -11.30
N HIS D 116 31.89 -4.40 -11.95
CA HIS D 116 30.46 -4.73 -11.81
C HIS D 116 30.19 -5.41 -10.48
N GLN D 117 30.57 -4.76 -9.38
CA GLN D 117 30.39 -5.28 -8.04
C GLN D 117 29.51 -4.33 -7.25
N ARG D 118 28.45 -4.87 -6.64
CA ARG D 118 27.55 -4.03 -5.88
C ARG D 118 28.28 -3.41 -4.70
N PRO D 119 27.95 -2.18 -4.32
CA PRO D 119 28.61 -1.55 -3.17
C PRO D 119 28.40 -2.38 -1.91
N LYS D 120 29.50 -2.83 -1.32
CA LYS D 120 29.42 -3.72 -0.16
C LYS D 120 30.46 -3.30 0.86
N VAL D 121 30.34 -3.86 2.06
CA VAL D 121 31.32 -3.68 3.12
C VAL D 121 31.64 -5.04 3.72
N GLU D 122 32.92 -5.31 3.91
CA GLU D 122 33.39 -6.55 4.51
C GLU D 122 34.39 -6.21 5.62
N PHE D 123 34.26 -6.92 6.74
CA PHE D 123 35.07 -6.65 7.93
C PHE D 123 36.04 -7.80 8.12
N PHE D 124 37.32 -7.52 7.99
CA PHE D 124 38.36 -8.53 8.17
C PHE D 124 39.13 -8.26 9.46
N GLU D 125 40.17 -9.05 9.70
CA GLU D 125 40.89 -8.97 10.96
C GLU D 125 41.61 -7.65 11.12
N ASN D 126 42.38 -7.23 10.11
CA ASN D 126 43.17 -6.01 10.21
C ASN D 126 42.88 -5.00 9.12
N TYR D 127 41.84 -5.19 8.31
CA TYR D 127 41.47 -4.20 7.32
C TYR D 127 39.96 -4.20 7.15
N VAL D 128 39.43 -3.08 6.68
CA VAL D 128 38.00 -2.93 6.42
C VAL D 128 37.83 -2.57 4.95
N PHE D 129 36.91 -3.26 4.27
CA PHE D 129 36.79 -3.19 2.82
C PHE D 129 35.44 -2.58 2.45
N ILE D 130 35.45 -1.56 1.60
CA ILE D 130 34.23 -0.86 1.21
C ILE D 130 34.27 -0.60 -0.29
N VAL D 131 33.37 -1.22 -1.04
CA VAL D 131 33.22 -0.96 -2.47
C VAL D 131 32.01 -0.05 -2.66
N LEU D 132 32.22 1.12 -3.26
CA LEU D 132 31.14 2.06 -3.50
C LEU D 132 31.26 2.65 -4.90
N LYS D 133 30.13 3.06 -5.45
CA LYS D 133 30.12 3.62 -6.80
C LYS D 133 30.01 5.15 -6.74
N MET D 134 30.52 5.78 -7.79
CA MET D 134 30.32 7.21 -8.02
C MET D 134 29.91 7.38 -9.47
N PHE D 135 28.90 8.22 -9.71
CA PHE D 135 28.34 8.37 -11.03
C PHE D 135 28.54 9.78 -11.54
N THR D 136 28.53 9.91 -12.87
CA THR D 136 28.56 11.19 -13.56
C THR D 136 27.43 11.22 -14.57
N TYR D 137 26.65 12.30 -14.56
CA TYR D 137 25.50 12.47 -15.43
C TYR D 137 25.81 13.57 -16.44
N ASP D 138 25.64 13.27 -17.72
CA ASP D 138 25.94 14.21 -18.80
C ASP D 138 24.65 14.82 -19.34
N LYS D 139 24.74 16.09 -19.75
CA LYS D 139 23.57 16.83 -20.18
C LYS D 139 23.29 16.66 -21.67
N ASN D 140 24.32 16.72 -22.51
CA ASN D 140 24.12 16.60 -23.94
C ASN D 140 23.53 15.25 -24.33
N LEU D 141 24.04 14.17 -23.74
CA LEU D 141 23.47 12.85 -23.90
C LEU D 141 23.02 12.33 -22.53
N HIS D 142 21.81 11.80 -22.46
CA HIS D 142 21.22 11.37 -21.20
C HIS D 142 21.75 9.97 -20.88
N GLU D 143 23.01 9.93 -20.46
CA GLU D 143 23.65 8.71 -20.02
C GLU D 143 24.28 8.94 -18.65
N LEU D 144 24.46 7.84 -17.92
CA LEU D 144 24.92 7.89 -16.52
C LEU D 144 26.14 6.99 -16.39
N GLU D 145 27.33 7.59 -16.46
CA GLU D 145 28.56 6.83 -16.36
C GLU D 145 28.84 6.45 -14.91
N SER D 146 29.38 5.25 -14.73
CA SER D 146 29.67 4.71 -13.40
C SER D 146 31.17 4.57 -13.21
N GLU D 147 31.58 4.58 -11.94
CA GLU D 147 32.99 4.41 -11.61
C GLU D 147 33.07 3.81 -10.21
N GLN D 148 33.66 2.63 -10.09
CA GLN D 148 33.76 1.99 -8.79
C GLN D 148 35.02 2.43 -8.08
N VAL D 149 34.92 2.65 -6.77
CA VAL D 149 36.04 2.96 -5.91
C VAL D 149 36.01 2.03 -4.72
N SER D 150 37.18 1.46 -4.40
CA SER D 150 37.32 0.57 -3.26
C SER D 150 38.17 1.25 -2.21
N LEU D 151 37.80 1.06 -0.95
CA LEU D 151 38.52 1.66 0.17
C LEU D 151 38.90 0.58 1.15
N ILE D 152 40.17 0.52 1.52
CA ILE D 152 40.68 -0.46 2.46
C ILE D 152 41.30 0.30 3.63
N LEU D 153 40.85 -0.01 4.84
CA LEU D 153 41.40 0.54 6.06
C LEU D 153 42.36 -0.47 6.69
N THR D 154 43.61 -0.05 6.90
CA THR D 154 44.64 -0.88 7.51
C THR D 154 45.15 -0.29 8.82
N LYS D 155 44.31 0.47 9.50
CA LYS D 155 44.56 1.05 10.82
C LYS D 155 45.56 2.20 10.77
N ASN D 156 46.24 2.37 9.63
CA ASN D 156 47.08 3.53 9.42
C ASN D 156 47.01 4.08 8.02
N CYS D 157 46.28 3.44 7.12
CA CYS D 157 46.23 3.84 5.72
C CYS D 157 44.81 3.71 5.21
N VAL D 158 44.48 4.56 4.24
CA VAL D 158 43.25 4.42 3.48
C VAL D 158 43.69 4.16 2.04
N LEU D 159 43.66 2.90 1.64
CA LEU D 159 44.00 2.54 0.26
C LEU D 159 42.74 2.66 -0.57
N MET D 160 42.67 3.68 -1.43
CA MET D 160 41.50 3.92 -2.25
C MET D 160 41.87 3.62 -3.70
N PHE D 161 41.37 2.50 -4.21
CA PHE D 161 41.59 2.10 -5.59
C PHE D 161 40.47 2.66 -6.46
N GLN D 162 40.84 3.28 -7.57
CA GLN D 162 39.94 4.05 -8.41
C GLN D 162 40.20 3.70 -9.87
N GLU D 163 39.19 3.85 -10.72
CA GLU D 163 39.33 3.44 -12.11
C GLU D 163 40.04 4.49 -12.96
N LYS D 164 39.46 5.67 -13.08
CA LYS D 164 40.06 6.73 -13.89
C LYS D 164 40.30 7.95 -13.00
N ILE D 165 40.84 9.00 -13.61
CA ILE D 165 40.99 10.27 -12.90
C ILE D 165 39.72 11.09 -13.12
N GLY D 166 38.70 10.81 -12.32
CA GLY D 166 37.44 11.52 -12.37
C GLY D 166 36.91 11.77 -10.97
N ASP D 167 37.84 11.94 -10.04
CA ASP D 167 37.50 12.01 -8.62
C ASP D 167 36.61 13.21 -8.32
N VAL D 168 35.64 13.00 -7.42
CA VAL D 168 34.77 14.07 -6.94
C VAL D 168 35.23 14.60 -5.59
N PHE D 169 36.14 13.91 -4.92
CA PHE D 169 36.62 14.26 -3.59
C PHE D 169 37.78 15.25 -3.59
N ASP D 170 37.86 16.12 -4.60
CA ASP D 170 38.80 17.24 -4.53
C ASP D 170 38.65 18.07 -3.27
N PRO D 171 37.43 18.40 -2.78
CA PRO D 171 37.35 19.21 -1.55
C PRO D 171 38.01 18.60 -0.34
N VAL D 172 37.97 17.27 -0.16
CA VAL D 172 38.62 16.68 1.01
C VAL D 172 40.13 16.80 0.88
N ARG D 173 40.65 16.67 -0.34
CA ARG D 173 42.07 16.90 -0.56
C ARG D 173 42.44 18.33 -0.21
N GLU D 174 41.62 19.30 -0.63
CA GLU D 174 41.91 20.70 -0.31
C GLU D 174 41.84 20.94 1.20
N ARG D 175 40.89 20.29 1.88
CA ARG D 175 40.77 20.45 3.33
C ARG D 175 41.97 19.88 4.05
N ILE D 176 42.48 18.72 3.60
CA ILE D 176 43.68 18.16 4.21
C ILE D 176 44.88 19.05 3.93
N ARG D 177 44.95 19.62 2.72
CA ARG D 177 46.07 20.46 2.33
C ARG D 177 46.11 21.80 3.06
N TYR D 178 44.95 22.40 3.35
CA TYR D 178 44.89 23.75 3.87
C TYR D 178 44.57 23.81 5.36
N ASN D 179 44.65 22.67 6.06
CA ASN D 179 44.43 22.53 7.49
C ASN D 179 42.97 22.78 7.88
N ARG D 180 42.10 23.12 6.94
CA ARG D 180 40.70 23.37 7.26
C ARG D 180 40.02 22.09 7.73
N GLY D 181 39.08 22.25 8.65
CA GLY D 181 38.37 21.11 9.20
C GLY D 181 39.11 20.45 10.35
N ILE D 182 38.52 19.36 10.83
CA ILE D 182 39.07 18.60 11.94
C ILE D 182 39.81 17.36 11.46
N ILE D 183 39.95 17.19 10.14
CA ILE D 183 40.49 15.94 9.59
C ILE D 183 41.95 15.77 9.96
N ARG D 184 42.69 16.86 10.17
CA ARG D 184 44.10 16.75 10.51
C ARG D 184 44.33 16.21 11.92
N LYS D 185 43.36 16.36 12.82
CA LYS D 185 43.52 15.98 14.21
C LYS D 185 43.00 14.59 14.54
N LYS D 186 42.56 13.83 13.54
CA LYS D 186 41.93 12.54 13.77
C LYS D 186 42.71 11.44 13.05
N ARG D 187 42.25 10.21 13.23
CA ARG D 187 42.91 9.03 12.70
C ARG D 187 42.39 8.72 11.29
N ALA D 188 42.72 7.53 10.78
CA ALA D 188 42.26 7.13 9.46
C ALA D 188 40.75 6.90 9.41
N ASP D 189 40.12 6.64 10.55
CA ASP D 189 38.67 6.45 10.56
C ASP D 189 37.95 7.69 10.06
N TYR D 190 38.35 8.86 10.55
CA TYR D 190 37.75 10.09 10.06
C TYR D 190 38.10 10.34 8.60
N LEU D 191 39.26 9.87 8.14
CA LEU D 191 39.57 9.98 6.72
C LEU D 191 38.60 9.15 5.88
N LEU D 192 38.30 7.93 6.33
CA LEU D 192 37.29 7.13 5.64
C LEU D 192 35.94 7.83 5.67
N TYR D 193 35.57 8.41 6.82
CA TYR D 193 34.30 9.12 6.90
C TYR D 193 34.27 10.29 5.93
N SER D 194 35.37 11.03 5.82
CA SER D 194 35.42 12.17 4.90
C SER D 194 35.26 11.71 3.46
N LEU D 195 35.91 10.61 3.10
CA LEU D 195 35.77 10.11 1.73
C LEU D 195 34.34 9.68 1.44
N ILE D 196 33.71 8.98 2.38
CA ILE D 196 32.32 8.57 2.17
C ILE D 196 31.42 9.79 2.08
N ASP D 197 31.70 10.82 2.89
CA ASP D 197 30.92 12.05 2.82
C ASP D 197 31.06 12.71 1.47
N ALA D 198 32.27 12.73 0.91
CA ALA D 198 32.46 13.28 -0.43
C ALA D 198 31.66 12.50 -1.46
N LEU D 199 31.68 11.17 -1.37
CA LEU D 199 30.89 10.37 -2.31
C LEU D 199 29.41 10.68 -2.19
N VAL D 200 28.90 10.80 -0.96
CA VAL D 200 27.48 11.07 -0.78
C VAL D 200 27.12 12.48 -1.25
N ASP D 201 28.03 13.44 -1.11
CA ASP D 201 27.78 14.77 -1.66
C ASP D 201 27.74 14.74 -3.18
N ASP D 202 28.59 13.91 -3.79
CA ASP D 202 28.47 13.70 -5.23
C ASP D 202 27.10 13.14 -5.59
N TYR D 203 26.60 12.20 -4.78
CA TYR D 203 25.25 11.69 -5.00
C TYR D 203 24.22 12.81 -4.87
N PHE D 204 24.40 13.71 -3.91
CA PHE D 204 23.51 14.87 -3.80
C PHE D 204 23.48 15.67 -5.09
N VAL D 205 24.66 15.98 -5.63
CA VAL D 205 24.72 16.78 -6.85
C VAL D 205 24.02 16.04 -7.99
N LEU D 206 24.22 14.73 -8.07
CA LEU D 206 23.58 13.92 -9.11
C LEU D 206 22.07 13.94 -8.98
N LEU D 207 21.55 13.79 -7.76
CA LEU D 207 20.10 13.85 -7.58
C LEU D 207 19.55 15.24 -7.85
N GLU D 208 20.35 16.28 -7.61
CA GLU D 208 19.93 17.62 -8.01
C GLU D 208 19.79 17.72 -9.54
N LYS D 209 20.78 17.18 -10.27
CA LYS D 209 20.72 17.23 -11.72
C LYS D 209 19.52 16.43 -12.24
N ILE D 210 19.26 15.26 -11.66
CA ILE D 210 18.12 14.48 -12.13
C ILE D 210 16.80 15.07 -11.66
N ASP D 211 16.78 15.83 -10.57
CA ASP D 211 15.59 16.59 -10.22
C ASP D 211 15.32 17.68 -11.26
N ASP D 212 16.37 18.33 -11.74
CA ASP D 212 16.23 19.25 -12.85
C ASP D 212 15.67 18.53 -14.08
N GLU D 213 16.16 17.31 -14.33
CA GLU D 213 15.65 16.52 -15.45
C GLU D 213 14.17 16.20 -15.27
N ILE D 214 13.77 15.83 -14.06
CA ILE D 214 12.35 15.57 -13.78
C ILE D 214 11.52 16.83 -14.04
N ASP D 215 12.01 17.96 -13.57
CA ASP D 215 11.28 19.22 -13.75
C ASP D 215 11.08 19.51 -15.24
N VAL D 216 12.16 19.48 -16.02
CA VAL D 216 12.05 19.84 -17.43
C VAL D 216 11.21 18.80 -18.18
N LEU D 217 11.41 17.51 -17.89
CA LEU D 217 10.65 16.49 -18.58
C LEU D 217 9.17 16.57 -18.26
N GLU D 218 8.82 16.81 -16.99
CA GLU D 218 7.42 16.95 -16.63
C GLU D 218 6.79 18.18 -17.27
N GLU D 219 7.51 19.30 -17.26
CA GLU D 219 6.99 20.51 -17.92
C GLU D 219 6.80 20.28 -19.41
N GLU D 220 7.62 19.41 -20.01
CA GLU D 220 7.58 19.20 -21.44
C GLU D 220 6.66 18.06 -21.88
N VAL D 221 6.27 17.17 -20.97
CA VAL D 221 5.39 16.05 -21.31
C VAL D 221 3.96 16.30 -20.84
N LEU D 222 3.79 16.95 -19.69
CA LEU D 222 2.45 17.23 -19.20
C LEU D 222 1.75 18.30 -20.02
N GLU D 223 2.52 19.22 -20.61
CA GLU D 223 2.00 20.17 -21.56
C GLU D 223 2.97 20.27 -22.73
N ARG D 224 2.45 20.61 -23.91
CA ARG D 224 3.15 20.63 -25.20
C ARG D 224 4.07 19.43 -25.41
N PRO D 225 3.54 18.20 -25.43
CA PRO D 225 4.38 17.05 -25.76
C PRO D 225 4.64 16.99 -27.26
N GLU D 226 5.85 16.56 -27.59
CA GLU D 226 6.33 16.53 -28.98
C GLU D 226 6.31 15.12 -29.57
N LYS D 227 5.59 14.19 -28.93
CA LYS D 227 5.32 12.83 -29.42
C LYS D 227 6.53 11.92 -29.39
N GLU D 228 7.69 12.40 -28.95
CA GLU D 228 8.86 11.57 -28.78
C GLU D 228 9.41 11.62 -27.36
N THR D 229 8.69 12.26 -26.44
CA THR D 229 9.10 12.33 -25.04
C THR D 229 9.14 10.96 -24.38
N VAL D 230 8.48 9.96 -24.96
CA VAL D 230 8.44 8.63 -24.34
C VAL D 230 9.83 8.02 -24.30
N GLN D 231 10.65 8.28 -25.33
CA GLN D 231 12.02 7.78 -25.31
C GLN D 231 12.82 8.41 -24.17
N ARG D 232 12.70 9.72 -23.98
CA ARG D 232 13.41 10.38 -22.90
C ARG D 232 12.93 9.87 -21.55
N THR D 233 11.62 9.67 -21.40
CA THR D 233 11.08 9.17 -20.15
C THR D 233 11.59 7.75 -19.86
N HIS D 234 11.66 6.90 -20.88
CA HIS D 234 12.14 5.54 -20.65
C HIS D 234 13.63 5.53 -20.34
N GLN D 235 14.41 6.41 -20.98
CA GLN D 235 15.82 6.55 -20.62
C GLN D 235 15.96 7.00 -19.18
N LEU D 236 15.10 7.91 -18.75
CA LEU D 236 15.11 8.38 -17.38
C LEU D 236 14.74 7.26 -16.40
N LYS D 237 13.79 6.41 -16.80
CA LYS D 237 13.43 5.26 -15.97
C LYS D 237 14.59 4.28 -15.86
N ARG D 238 15.29 4.02 -16.97
CA ARG D 238 16.54 3.29 -16.92
C ARG D 238 17.51 3.89 -15.90
N ASN D 239 17.69 5.20 -15.96
CA ASN D 239 18.62 5.87 -15.06
C ASN D 239 18.20 5.68 -13.60
N LEU D 240 16.92 5.88 -13.30
CA LEU D 240 16.44 5.75 -11.92
C LEU D 240 16.52 4.32 -11.42
N VAL D 241 16.29 3.34 -12.28
CA VAL D 241 16.37 1.95 -11.85
C VAL D 241 17.82 1.57 -11.56
N GLU D 242 18.74 2.03 -12.40
CA GLU D 242 20.16 1.80 -12.09
C GLU D 242 20.54 2.49 -10.79
N LEU D 243 20.01 3.70 -10.57
CA LEU D 243 20.30 4.43 -9.34
C LEU D 243 19.80 3.67 -8.12
N ARG D 244 18.58 3.13 -8.18
CA ARG D 244 18.08 2.38 -7.04
C ARG D 244 18.92 1.14 -6.80
N LYS D 245 19.27 0.43 -7.87
CA LYS D 245 20.05 -0.79 -7.75
C LYS D 245 21.42 -0.53 -7.15
N THR D 246 21.96 0.68 -7.35
CA THR D 246 23.23 1.00 -6.71
C THR D 246 23.06 1.64 -5.34
N ILE D 247 21.98 2.37 -5.11
CA ILE D 247 21.88 3.19 -3.90
C ILE D 247 21.35 2.38 -2.71
N TRP D 248 20.51 1.38 -2.94
CA TRP D 248 20.09 0.52 -1.84
C TRP D 248 21.29 -0.21 -1.20
N PRO D 249 22.20 -0.82 -1.97
CA PRO D 249 23.38 -1.42 -1.33
C PRO D 249 24.25 -0.43 -0.60
N LEU D 250 24.32 0.83 -1.04
CA LEU D 250 25.06 1.83 -0.26
C LEU D 250 24.39 2.07 1.09
N ARG D 251 23.06 2.09 1.10
CA ARG D 251 22.34 2.22 2.37
C ARG D 251 22.67 1.05 3.29
N GLU D 252 22.70 -0.18 2.73
CA GLU D 252 23.10 -1.32 3.54
C GLU D 252 24.54 -1.20 4.01
N VAL D 253 25.42 -0.65 3.16
CA VAL D 253 26.83 -0.48 3.53
C VAL D 253 26.96 0.41 4.74
N LEU D 254 26.31 1.56 4.71
CA LEU D 254 26.43 2.49 5.83
C LEU D 254 25.73 1.96 7.07
N SER D 255 24.62 1.23 6.89
CA SER D 255 23.97 0.58 8.03
C SER D 255 24.92 -0.40 8.72
N SER D 256 25.60 -1.23 7.92
CA SER D 256 26.57 -2.14 8.49
C SER D 256 27.78 -1.41 9.04
N LEU D 257 28.03 -0.19 8.54
CA LEU D 257 29.17 0.58 9.02
C LEU D 257 28.94 1.14 10.42
N TYR D 258 27.74 1.64 10.70
CA TYR D 258 27.62 2.23 12.04
C TYR D 258 27.01 1.25 13.03
N ARG D 259 26.16 0.32 12.55
CA ARG D 259 25.32 -0.47 13.44
C ARG D 259 26.17 -1.29 14.42
N ASP D 260 27.13 -2.05 13.90
CA ASP D 260 28.09 -2.76 14.73
C ASP D 260 29.44 -2.06 14.64
N VAL D 261 29.98 -1.70 15.80
CA VAL D 261 31.23 -0.95 15.84
C VAL D 261 32.38 -1.88 15.47
N PRO D 262 33.14 -1.56 14.44
CA PRO D 262 34.31 -2.37 14.10
C PRO D 262 35.50 -1.98 14.98
N PRO D 263 36.41 -2.92 15.24
CA PRO D 263 37.62 -2.54 16.00
C PRO D 263 38.43 -1.45 15.33
N LEU D 264 38.41 -1.40 13.99
CA LEU D 264 39.17 -0.38 13.28
C LEU D 264 38.60 1.01 13.54
N ILE D 265 37.27 1.14 13.55
CA ILE D 265 36.63 2.44 13.66
C ILE D 265 36.50 2.81 15.13
N GLU D 266 37.10 3.94 15.52
CA GLU D 266 37.02 4.38 16.90
C GLU D 266 35.62 4.88 17.23
N LYS D 267 35.29 4.85 18.52
CA LYS D 267 33.93 5.19 18.96
C LYS D 267 33.60 6.64 18.64
N GLU D 268 34.54 7.56 18.88
CA GLU D 268 34.27 8.98 18.69
C GLU D 268 33.89 9.31 17.26
N THR D 269 34.41 8.55 16.29
CA THR D 269 34.09 8.74 14.89
C THR D 269 32.74 8.13 14.51
N VAL D 270 32.25 7.16 15.29
CA VAL D 270 31.03 6.44 14.91
C VAL D 270 29.85 7.38 14.64
N PRO D 271 29.60 8.43 15.45
CA PRO D 271 28.48 9.32 15.11
C PRO D 271 28.58 9.91 13.71
N TYR D 272 29.78 10.28 13.27
CA TYR D 272 29.92 10.90 11.95
C TYR D 272 29.39 9.99 10.85
N PHE D 273 29.79 8.71 10.88
CA PHE D 273 29.21 7.75 9.94
C PHE D 273 27.69 7.73 10.05
N ARG D 274 27.17 7.68 11.29
CA ARG D 274 25.73 7.75 11.46
C ARG D 274 25.16 8.95 10.73
N ASP D 275 25.82 10.10 10.85
CA ASP D 275 25.37 11.29 10.14
C ASP D 275 25.26 11.02 8.65
N VAL D 276 26.34 10.50 8.04
CA VAL D 276 26.28 10.28 6.60
C VAL D 276 25.26 9.22 6.28
N TYR D 277 24.99 8.31 7.22
CA TYR D 277 23.92 7.34 7.03
C TYR D 277 22.61 8.05 6.76
N ASP D 278 22.27 9.04 7.59
CA ASP D 278 21.06 9.81 7.34
C ASP D 278 21.03 10.29 5.89
N HIS D 279 22.16 10.82 5.42
CA HIS D 279 22.24 11.31 4.06
C HIS D 279 21.80 10.23 3.08
N THR D 280 22.40 9.04 3.17
CA THR D 280 22.05 8.02 2.19
C THR D 280 20.59 7.64 2.31
N ILE D 281 20.07 7.61 3.55
CA ILE D 281 18.64 7.33 3.72
C ILE D 281 17.83 8.32 2.91
N GLN D 282 18.13 9.61 3.08
CA GLN D 282 17.45 10.64 2.32
C GLN D 282 17.51 10.32 0.84
N ILE D 283 18.72 10.04 0.33
CA ILE D 283 18.86 9.77 -1.09
C ILE D 283 17.96 8.62 -1.50
N ALA D 284 18.00 7.53 -0.73
CA ALA D 284 17.14 6.40 -1.05
C ALA D 284 15.70 6.85 -1.16
N ASP D 285 15.20 7.54 -0.13
CA ASP D 285 13.83 8.02 -0.17
C ASP D 285 13.61 8.91 -1.38
N THR D 286 14.53 9.84 -1.63
CA THR D 286 14.41 10.71 -2.78
C THR D 286 14.24 9.88 -4.05
N VAL D 287 15.10 8.88 -4.24
CA VAL D 287 15.02 8.07 -5.45
C VAL D 287 13.63 7.48 -5.58
N GLU D 288 13.10 6.91 -4.49
CA GLU D 288 11.77 6.32 -4.53
C GLU D 288 10.76 7.31 -5.06
N THR D 289 10.76 8.53 -4.50
CA THR D 289 9.78 9.51 -4.92
C THR D 289 9.96 9.86 -6.40
N PHE D 290 11.21 10.00 -6.84
CA PHE D 290 11.46 10.23 -8.25
C PHE D 290 10.79 9.16 -9.08
N ARG D 291 10.96 7.90 -8.68
CA ARG D 291 10.32 6.79 -9.38
C ARG D 291 8.83 7.05 -9.52
N ASP D 292 8.19 7.39 -8.41
CA ASP D 292 6.74 7.63 -8.43
C ASP D 292 6.39 8.68 -9.47
N ILE D 293 7.14 9.78 -9.49
CA ILE D 293 6.87 10.82 -10.47
C ILE D 293 6.95 10.25 -11.87
N VAL D 294 8.04 9.52 -12.17
CA VAL D 294 8.16 8.89 -13.48
C VAL D 294 7.03 7.90 -13.67
N SER D 295 6.70 7.14 -12.63
CA SER D 295 5.65 6.13 -12.75
C SER D 295 4.32 6.77 -13.11
N GLY D 296 4.17 8.07 -12.90
CA GLY D 296 2.98 8.76 -13.31
C GLY D 296 3.12 9.35 -14.70
N LEU D 297 4.30 9.90 -15.01
CA LEU D 297 4.44 10.75 -16.19
C LEU D 297 3.99 10.02 -17.45
N LEU D 298 4.53 8.83 -17.68
CA LEU D 298 4.13 8.05 -18.86
C LEU D 298 2.62 7.91 -18.92
N ASP D 299 2.01 7.47 -17.82
CA ASP D 299 0.55 7.36 -17.78
C ASP D 299 -0.09 8.69 -18.09
N VAL D 300 0.40 9.76 -17.43
CA VAL D 300 -0.11 11.09 -17.73
C VAL D 300 0.05 11.39 -19.21
N TYR D 301 1.23 11.10 -19.76
CA TYR D 301 1.45 11.33 -21.19
C TYR D 301 0.37 10.64 -22.01
N LEU D 302 0.06 9.38 -21.66
CA LEU D 302 -0.98 8.67 -22.38
C LEU D 302 -2.27 9.48 -22.38
N SER D 303 -2.72 9.91 -21.21
CA SER D 303 -3.93 10.71 -21.13
C SER D 303 -3.83 11.88 -22.10
N SER D 304 -2.70 12.59 -22.06
CA SER D 304 -2.54 13.75 -22.91
C SER D 304 -2.79 13.40 -24.37
N VAL D 305 -2.09 12.37 -24.88
CA VAL D 305 -2.27 12.07 -26.29
C VAL D 305 -3.68 11.57 -26.55
N SER D 306 -4.24 10.81 -25.60
CA SER D 306 -5.62 10.40 -25.74
C SER D 306 -6.52 11.62 -25.88
N ASN D 307 -6.33 12.62 -25.01
CA ASN D 307 -7.12 13.83 -25.11
C ASN D 307 -6.91 14.47 -26.47
N LYS D 308 -5.66 14.51 -26.95
CA LYS D 308 -5.40 15.07 -28.27
C LYS D 308 -6.21 14.35 -29.33
N THR D 309 -6.23 13.01 -29.26
CA THR D 309 -6.99 12.25 -30.24
C THR D 309 -8.46 12.67 -30.21
N ASN D 310 -9.00 12.90 -29.02
CA ASN D 310 -10.39 13.34 -28.93
C ASN D 310 -10.60 14.64 -29.67
N GLU D 311 -9.68 15.61 -29.52
CA GLU D 311 -9.76 16.81 -30.32
C GLU D 311 -9.83 16.46 -31.80
N VAL D 312 -8.89 15.61 -32.25
CA VAL D 312 -8.87 15.13 -33.63
C VAL D 312 -10.23 14.50 -33.88
N MET D 313 -10.64 13.61 -32.97
CA MET D 313 -11.94 12.97 -33.06
C MET D 313 -13.02 13.99 -33.40
N LYS D 314 -13.13 15.04 -32.56
CA LYS D 314 -14.22 15.98 -32.71
C LYS D 314 -14.22 16.58 -34.12
N VAL D 315 -13.05 16.97 -34.61
CA VAL D 315 -12.99 17.53 -35.96
C VAL D 315 -13.49 16.51 -36.96
N LEU D 316 -12.94 15.30 -36.92
CA LEU D 316 -13.35 14.27 -37.87
C LEU D 316 -14.81 13.91 -37.68
N THR D 317 -15.37 14.24 -36.51
CA THR D 317 -16.79 13.95 -36.29
C THR D 317 -17.67 15.13 -36.66
N ILE D 318 -17.18 16.37 -36.51
CA ILE D 318 -18.02 17.51 -36.83
C ILE D 318 -18.13 17.69 -38.34
N ILE D 319 -17.00 17.78 -39.04
CA ILE D 319 -17.01 18.14 -40.44
C ILE D 319 -17.82 17.13 -41.24
N ALA D 320 -17.51 15.84 -41.06
CA ALA D 320 -18.30 14.80 -41.72
C ALA D 320 -19.77 14.96 -41.40
N THR D 321 -20.12 15.09 -40.11
CA THR D 321 -21.52 15.16 -39.74
C THR D 321 -22.21 16.35 -40.36
N ILE D 322 -21.47 17.38 -40.74
CA ILE D 322 -22.10 18.52 -41.38
C ILE D 322 -22.03 18.44 -42.90
N PHE D 323 -21.01 17.75 -43.44
CA PHE D 323 -20.77 17.75 -44.88
C PHE D 323 -21.01 16.41 -45.55
N MET D 324 -21.01 15.32 -44.81
CA MET D 324 -21.28 14.01 -45.40
C MET D 324 -22.78 13.81 -45.66
N PRO D 325 -23.67 13.97 -44.67
CA PRO D 325 -25.10 13.79 -44.97
C PRO D 325 -25.62 14.76 -46.02
N LEU D 326 -25.11 15.99 -46.02
CA LEU D 326 -25.55 16.96 -47.01
C LEU D 326 -25.25 16.50 -48.42
N THR D 327 -24.05 15.94 -48.64
CA THR D 327 -23.72 15.36 -49.93
C THR D 327 -24.76 14.33 -50.34
N PHE D 328 -25.29 13.60 -49.35
CA PHE D 328 -26.36 12.65 -49.62
C PHE D 328 -27.51 13.30 -50.37
N ILE D 329 -27.99 14.44 -49.88
CA ILE D 329 -29.04 15.14 -50.60
C ILE D 329 -28.54 15.58 -51.96
N ALA D 330 -27.31 16.09 -52.02
CA ALA D 330 -26.74 16.47 -53.32
C ALA D 330 -26.59 15.25 -54.22
N GLY D 331 -26.47 14.06 -53.64
CA GLY D 331 -26.47 12.85 -54.46
C GLY D 331 -27.85 12.43 -54.89
N ILE D 332 -28.87 12.74 -54.08
CA ILE D 332 -30.23 12.35 -54.42
C ILE D 332 -30.71 13.07 -55.67
N TYR D 333 -30.56 14.39 -55.69
CA TYR D 333 -31.11 15.20 -56.76
C TYR D 333 -30.09 15.54 -57.83
N GLY D 334 -28.89 14.96 -57.76
CA GLY D 334 -27.93 15.06 -58.84
C GLY D 334 -27.99 13.82 -59.70
N MET D 335 -29.09 13.08 -59.57
CA MET D 335 -29.26 11.80 -60.25
C MET D 335 -29.82 12.02 -61.65
N ASN D 336 -29.81 10.94 -62.44
CA ASN D 336 -30.34 10.96 -63.80
C ASN D 336 -31.78 10.48 -63.86
N PHE D 337 -32.57 10.74 -62.82
CA PHE D 337 -33.99 10.42 -62.85
C PHE D 337 -34.67 11.17 -63.99
N GLU D 338 -35.51 10.47 -64.74
CA GLU D 338 -36.05 11.04 -65.97
C GLU D 338 -37.10 12.10 -65.69
N TYR D 339 -37.92 11.91 -64.66
CA TYR D 339 -39.04 12.80 -64.44
C TYR D 339 -38.58 14.12 -63.81
N MET D 340 -39.50 15.08 -63.77
CA MET D 340 -39.26 16.42 -63.25
C MET D 340 -40.27 16.66 -62.14
N PRO D 341 -39.94 16.30 -60.88
CA PRO D 341 -40.86 16.56 -59.77
C PRO D 341 -41.14 18.04 -59.56
N GLU D 342 -40.09 18.80 -59.25
CA GLU D 342 -40.18 20.25 -59.05
C GLU D 342 -38.95 20.94 -59.61
N LEU D 343 -38.44 20.46 -60.74
CA LEU D 343 -37.19 21.01 -61.28
C LEU D 343 -37.37 22.43 -61.77
N ARG D 344 -38.62 22.88 -61.92
CA ARG D 344 -38.98 24.23 -62.33
C ARG D 344 -38.89 25.20 -61.14
N TRP D 345 -39.56 26.35 -61.27
CA TRP D 345 -39.62 27.48 -60.35
C TRP D 345 -38.46 28.46 -60.53
N LYS D 346 -37.49 28.15 -61.39
CA LYS D 346 -36.43 29.09 -61.78
C LYS D 346 -35.86 29.83 -60.56
N TRP D 347 -35.47 29.06 -59.56
CA TRP D 347 -35.00 29.59 -58.29
C TRP D 347 -33.51 29.30 -58.12
N GLY D 348 -32.94 29.86 -57.05
CA GLY D 348 -31.62 29.49 -56.60
C GLY D 348 -31.69 28.26 -55.72
N TYR D 349 -32.70 27.43 -55.98
CA TYR D 349 -32.97 26.16 -55.33
C TYR D 349 -32.90 26.24 -53.81
N PRO D 350 -33.62 27.17 -53.17
CA PRO D 350 -33.67 27.13 -51.70
C PRO D 350 -34.36 25.90 -51.16
N VAL D 351 -35.16 25.21 -51.96
CA VAL D 351 -35.79 23.97 -51.51
C VAL D 351 -34.73 22.93 -51.19
N VAL D 352 -33.60 22.95 -51.90
CA VAL D 352 -32.49 22.03 -51.67
C VAL D 352 -31.21 22.75 -51.28
N LEU D 353 -31.28 24.04 -50.99
CA LEU D 353 -30.14 24.79 -50.49
C LEU D 353 -30.39 25.42 -49.13
N ALA D 354 -31.59 25.94 -48.88
CA ALA D 354 -31.92 26.38 -47.52
C ALA D 354 -32.04 25.19 -46.58
N VAL D 355 -32.42 24.02 -47.09
CA VAL D 355 -32.39 22.82 -46.26
C VAL D 355 -30.95 22.45 -45.93
N MET D 356 -30.00 22.75 -46.83
CA MET D 356 -28.59 22.54 -46.51
C MET D 356 -28.18 23.38 -45.30
N GLY D 357 -28.54 24.67 -45.32
CA GLY D 357 -28.23 25.51 -44.19
C GLY D 357 -28.96 25.09 -42.92
N VAL D 358 -30.20 24.62 -43.07
CA VAL D 358 -30.97 24.16 -41.91
C VAL D 358 -30.28 22.96 -41.27
N ILE D 359 -29.84 21.99 -42.09
CA ILE D 359 -29.15 20.83 -41.55
C ILE D 359 -27.83 21.25 -40.92
N ALA D 360 -27.10 22.15 -41.57
CA ALA D 360 -25.82 22.60 -41.02
C ALA D 360 -26.01 23.26 -39.66
N VAL D 361 -26.99 24.16 -39.54
CA VAL D 361 -27.18 24.85 -38.27
C VAL D 361 -27.74 23.92 -37.21
N ILE D 362 -28.58 22.96 -37.59
CA ILE D 362 -29.10 22.04 -36.59
C ILE D 362 -28.00 21.12 -36.07
N MET D 363 -27.09 20.70 -36.95
CA MET D 363 -25.93 19.92 -36.50
C MET D 363 -25.02 20.76 -35.61
N VAL D 364 -24.81 22.03 -35.96
CA VAL D 364 -23.99 22.90 -35.13
C VAL D 364 -24.61 23.07 -33.75
N VAL D 365 -25.94 23.26 -33.71
CA VAL D 365 -26.62 23.41 -32.43
C VAL D 365 -26.53 22.14 -31.61
N TYR D 366 -26.73 20.98 -32.25
CA TYR D 366 -26.66 19.71 -31.53
C TYR D 366 -25.28 19.48 -30.95
N PHE D 367 -24.22 19.81 -31.70
CA PHE D 367 -22.88 19.63 -31.18
C PHE D 367 -22.54 20.67 -30.11
N LYS D 368 -23.06 21.90 -30.25
CA LYS D 368 -22.88 22.89 -29.20
C LYS D 368 -23.62 22.52 -27.92
N LYS D 369 -24.67 21.70 -28.03
CA LYS D 369 -25.31 21.17 -26.83
C LYS D 369 -24.32 20.33 -26.03
N LYS D 370 -23.54 19.51 -26.70
CA LYS D 370 -22.45 18.78 -26.06
C LYS D 370 -21.11 19.51 -26.17
N LYS D 371 -21.10 20.68 -26.81
CA LYS D 371 -19.93 21.57 -26.85
C LYS D 371 -18.70 20.88 -27.44
N TRP D 372 -18.91 20.04 -28.45
CA TRP D 372 -17.77 19.45 -29.15
C TRP D 372 -17.05 20.50 -29.99
N LEU D 373 -17.80 21.29 -30.74
CA LEU D 373 -17.23 22.38 -31.54
C LEU D 373 -18.35 23.30 -32.02
N MET E 23 17.38 23.86 -8.08
CA MET E 23 17.93 25.06 -8.70
C MET E 23 17.17 26.31 -8.24
N GLU E 24 16.14 26.09 -7.44
CA GLU E 24 15.30 27.18 -6.91
C GLU E 24 15.42 27.29 -5.39
N GLU E 25 16.57 26.92 -4.84
CA GLU E 25 16.89 26.89 -3.42
C GLU E 25 16.11 25.81 -2.67
N LYS E 26 15.20 25.11 -3.33
CA LYS E 26 14.55 23.94 -2.75
C LYS E 26 15.39 22.68 -2.93
N ARG E 27 16.49 22.76 -3.68
CA ARG E 27 17.41 21.65 -3.85
C ARG E 27 18.40 21.63 -2.67
N LEU E 28 19.31 20.67 -2.68
CA LEU E 28 20.27 20.50 -1.59
C LEU E 28 21.70 20.81 -1.99
N SER E 29 21.90 21.79 -2.87
CA SER E 29 23.23 22.34 -3.14
C SER E 29 23.63 23.27 -2.01
N ALA E 30 23.73 22.74 -0.79
CA ALA E 30 23.85 23.56 0.40
C ALA E 30 25.28 23.64 0.93
N LYS E 31 25.91 22.50 1.19
CA LYS E 31 27.21 22.49 1.84
C LYS E 31 28.31 21.92 0.95
N LYS E 32 27.97 21.12 -0.05
CA LYS E 32 28.94 20.57 -0.99
C LYS E 32 30.07 19.85 -0.25
N GLY E 33 31.30 20.31 -0.45
CA GLY E 33 32.48 19.71 0.15
C GLY E 33 32.92 20.30 1.47
N LEU E 34 32.10 21.15 2.09
CA LEU E 34 32.48 21.75 3.36
C LEU E 34 32.55 20.69 4.46
N PRO E 35 33.39 20.90 5.47
CA PRO E 35 33.50 19.91 6.56
C PRO E 35 32.21 19.82 7.35
N PRO E 36 31.99 18.71 8.07
CA PRO E 36 30.74 18.58 8.82
C PRO E 36 30.54 19.64 9.87
N GLY E 37 31.62 20.24 10.39
CA GLY E 37 31.50 21.27 11.40
C GLY E 37 31.01 22.60 10.88
N THR E 38 30.86 22.76 9.57
CA THR E 38 30.40 24.01 9.01
C THR E 38 28.94 24.27 9.39
N LEU E 39 28.56 25.53 9.34
CA LEU E 39 27.25 26.00 9.78
C LEU E 39 26.62 26.91 8.73
N VAL E 40 26.63 26.46 7.48
CA VAL E 40 25.98 27.23 6.42
C VAL E 40 24.48 27.01 6.51
N TYR E 41 23.74 28.09 6.71
CA TYR E 41 22.29 28.01 6.84
C TYR E 41 21.67 27.67 5.49
N THR E 42 21.14 26.46 5.36
CA THR E 42 20.58 26.03 4.08
C THR E 42 19.31 26.80 3.74
N GLY E 43 18.49 27.08 4.74
CA GLY E 43 17.20 27.72 4.52
C GLY E 43 17.27 29.15 4.01
N LYS E 44 16.11 29.75 3.79
CA LYS E 44 16.02 31.08 3.21
C LYS E 44 15.35 32.13 4.08
N TYR E 45 14.56 31.73 5.08
CA TYR E 45 13.88 32.70 5.94
C TYR E 45 14.87 33.33 6.91
N ARG E 46 15.53 34.41 6.49
CA ARG E 46 16.56 35.03 7.31
C ARG E 46 16.24 36.49 7.63
N GLU E 47 15.01 36.75 8.06
CA GLU E 47 14.57 38.12 8.32
C GLU E 47 14.27 38.40 9.79
N ASP E 48 13.90 37.40 10.57
CA ASP E 48 13.47 37.63 11.95
C ASP E 48 14.13 36.64 12.89
N PHE E 49 14.23 37.04 14.17
CA PHE E 49 14.91 36.26 15.18
C PHE E 49 14.58 36.73 16.59
N GLU E 50 14.22 35.81 17.48
CA GLU E 50 13.99 36.11 18.89
C GLU E 50 14.08 34.80 19.67
N ILE E 51 13.99 34.89 20.99
CA ILE E 51 14.15 33.74 21.88
C ILE E 51 13.02 33.77 22.90
N GLU E 52 12.02 32.91 22.71
CA GLU E 52 11.02 32.65 23.72
C GLU E 52 11.63 31.82 24.83
N VAL E 53 11.34 32.17 26.08
CA VAL E 53 11.78 31.36 27.22
C VAL E 53 10.59 31.17 28.15
N MET E 54 10.36 29.92 28.55
CA MET E 54 9.36 29.58 29.57
C MET E 54 9.97 28.58 30.55
N ASN E 55 10.41 29.10 31.70
CA ASN E 55 10.95 28.28 32.79
C ASN E 55 9.86 28.01 33.82
N TYR E 56 8.99 27.07 33.48
CA TYR E 56 7.93 26.64 34.37
C TYR E 56 8.45 25.59 35.34
N SER E 57 7.73 25.42 36.44
CA SER E 57 8.09 24.46 37.47
C SER E 57 6.81 23.83 37.99
N ILE E 58 6.92 23.10 39.10
CA ILE E 58 5.72 22.53 39.73
C ILE E 58 4.83 23.64 40.26
N GLU E 59 5.43 24.71 40.78
CA GLU E 59 4.67 25.85 41.31
C GLU E 59 5.14 27.18 40.74
N GLU E 60 6.18 27.17 39.89
CA GLU E 60 6.74 28.40 39.35
C GLU E 60 6.54 28.43 37.84
N PHE E 61 6.55 29.65 37.29
CA PHE E 61 6.35 29.84 35.85
C PHE E 61 6.95 31.19 35.47
N ARG E 62 8.01 31.17 34.67
CA ARG E 62 8.68 32.38 34.21
C ARG E 62 8.72 32.37 32.68
N GLU E 63 8.34 33.49 32.07
CA GLU E 63 8.24 33.58 30.62
C GLU E 63 8.72 34.94 30.15
N PHE E 64 9.44 34.96 29.03
CA PHE E 64 9.82 36.22 28.41
C PHE E 64 10.19 35.99 26.95
N LYS E 65 10.46 37.10 26.26
CA LYS E 65 10.56 37.20 24.80
C LYS E 65 11.89 37.82 24.41
N THR E 66 12.98 37.29 24.95
CA THR E 66 14.25 38.00 24.89
C THR E 66 14.84 37.95 23.47
N THR E 67 15.95 38.67 23.30
CA THR E 67 16.68 38.67 22.04
C THR E 67 18.15 38.38 22.29
N ASP E 68 18.67 38.84 23.43
CA ASP E 68 20.08 38.62 23.77
C ASP E 68 20.31 37.15 24.10
N VAL E 69 21.40 36.60 23.55
CA VAL E 69 21.69 35.18 23.72
C VAL E 69 22.10 34.86 25.15
N GLU E 70 22.86 35.75 25.81
CA GLU E 70 23.45 35.40 27.09
C GLU E 70 22.38 35.12 28.15
N SER E 71 21.33 35.93 28.19
CA SER E 71 20.38 35.91 29.29
C SER E 71 19.63 34.60 29.43
N VAL E 72 19.67 33.73 28.42
CA VAL E 72 18.96 32.45 28.52
C VAL E 72 19.83 31.34 29.07
N LEU E 73 21.15 31.52 29.10
CA LEU E 73 22.04 30.44 29.52
C LEU E 73 21.81 29.95 30.95
N PRO E 74 21.63 30.81 31.96
CA PRO E 74 21.51 30.30 33.33
C PRO E 74 20.39 29.30 33.55
N PHE E 75 19.55 29.04 32.56
CA PHE E 75 18.50 28.02 32.67
C PHE E 75 19.00 26.62 32.31
N ARG E 76 20.24 26.49 31.84
CA ARG E 76 20.77 25.18 31.51
C ARG E 76 20.94 24.32 32.75
N ASP E 77 21.57 24.88 33.78
CA ASP E 77 21.87 24.12 35.00
C ASP E 77 20.69 24.02 35.95
N SER E 78 19.61 24.76 35.71
CA SER E 78 18.46 24.71 36.59
C SER E 78 17.75 23.36 36.49
N SER E 79 17.48 22.75 37.63
CA SER E 79 16.76 21.49 37.66
C SER E 79 15.30 21.66 37.25
N THR E 80 14.79 22.88 37.28
CA THR E 80 13.43 23.13 36.84
C THR E 80 13.36 23.09 35.32
N PRO E 81 12.42 22.34 34.74
CA PRO E 81 12.34 22.24 33.27
C PRO E 81 12.12 23.60 32.63
N THR E 82 12.79 23.81 31.50
CA THR E 82 12.71 25.06 30.76
C THR E 82 12.47 24.75 29.28
N TRP E 83 11.65 25.57 28.64
CA TRP E 83 11.48 25.50 27.19
C TRP E 83 12.05 26.77 26.58
N ILE E 84 13.11 26.61 25.79
CA ILE E 84 13.77 27.71 25.10
C ILE E 84 13.49 27.53 23.61
N ASN E 85 12.73 28.46 23.04
CA ASN E 85 12.33 28.42 21.63
C ASN E 85 13.07 29.52 20.91
N ILE E 86 14.13 29.16 20.20
CA ILE E 86 14.91 30.13 19.43
C ILE E 86 14.29 30.18 18.03
N THR E 87 13.54 31.25 17.75
CA THR E 87 12.92 31.43 16.46
C THR E 87 13.85 32.22 15.56
N GLY E 88 14.32 31.58 14.49
CA GLY E 88 15.29 32.18 13.60
C GLY E 88 16.69 31.67 13.88
N ILE E 89 17.15 30.72 13.08
CA ILE E 89 18.49 30.16 13.24
C ILE E 89 19.44 30.62 12.15
N HIS E 90 19.00 31.53 11.28
CA HIS E 90 19.91 32.09 10.28
C HIS E 90 21.09 32.78 10.94
N ARG E 91 20.90 33.31 12.14
CA ARG E 91 21.98 33.88 12.93
C ARG E 91 22.83 32.73 13.44
N THR E 92 23.93 32.45 12.72
CA THR E 92 24.78 31.32 13.08
C THR E 92 25.41 31.51 14.46
N ASP E 93 25.68 32.75 14.85
CA ASP E 93 26.36 32.99 16.12
C ASP E 93 25.55 32.48 17.31
N VAL E 94 24.25 32.77 17.33
CA VAL E 94 23.43 32.36 18.46
C VAL E 94 23.34 30.85 18.57
N VAL E 95 23.16 30.16 17.44
CA VAL E 95 23.00 28.72 17.48
C VAL E 95 24.33 28.04 17.82
N GLN E 96 25.45 28.55 17.30
CA GLN E 96 26.72 27.94 17.63
C GLN E 96 27.07 28.18 19.10
N ARG E 97 26.73 29.36 19.64
CA ARG E 97 26.99 29.61 21.05
C ARG E 97 26.13 28.71 21.93
N VAL E 98 24.87 28.52 21.55
CA VAL E 98 24.01 27.61 22.32
C VAL E 98 24.55 26.19 22.28
N GLY E 99 24.97 25.74 21.10
CA GLY E 99 25.52 24.39 20.99
C GLY E 99 26.80 24.22 21.80
N GLU E 100 27.67 25.23 21.77
CA GLU E 100 28.91 25.17 22.52
C GLU E 100 28.65 25.13 24.02
N PHE E 101 27.75 25.98 24.52
CA PHE E 101 27.51 26.03 25.95
C PHE E 101 26.74 24.81 26.44
N PHE E 102 25.89 24.23 25.58
CA PHE E 102 25.14 23.05 25.95
C PHE E 102 25.86 21.74 25.65
N GLY E 103 27.09 21.82 25.14
CA GLY E 103 27.82 20.61 24.80
C GLY E 103 27.18 19.80 23.70
N ILE E 104 26.69 20.48 22.67
CA ILE E 104 25.97 19.82 21.58
C ILE E 104 26.95 19.49 20.47
N HIS E 105 26.85 18.27 19.94
CA HIS E 105 27.78 17.79 18.94
C HIS E 105 27.70 18.63 17.67
N PRO E 106 28.83 18.90 17.02
CA PRO E 106 28.81 19.74 15.80
C PRO E 106 27.94 19.17 14.68
N LEU E 107 27.84 17.84 14.58
CA LEU E 107 26.93 17.25 13.59
C LEU E 107 25.50 17.64 13.88
N VAL E 108 25.12 17.72 15.16
CA VAL E 108 23.77 18.14 15.51
C VAL E 108 23.55 19.57 15.08
N LEU E 109 24.55 20.45 15.25
CA LEU E 109 24.41 21.82 14.76
C LEU E 109 24.24 21.86 13.25
N GLU E 110 25.04 21.06 12.53
CA GLU E 110 24.92 21.00 11.09
C GLU E 110 23.51 20.58 10.68
N ASP E 111 22.93 19.61 11.39
CA ASP E 111 21.56 19.20 11.08
C ASP E 111 20.55 20.25 11.53
N ILE E 112 20.90 21.08 12.52
CA ILE E 112 20.04 22.19 12.92
C ILE E 112 19.89 23.17 11.76
N LEU E 113 21.01 23.58 11.18
CA LEU E 113 20.97 24.64 10.18
C LEU E 113 20.71 24.13 8.77
N ASN E 114 20.48 22.83 8.61
CA ASN E 114 20.23 22.21 7.30
C ASN E 114 18.74 21.91 7.21
N VAL E 115 18.01 22.76 6.48
CA VAL E 115 16.56 22.60 6.40
C VAL E 115 16.18 21.36 5.61
N HIS E 116 16.94 21.02 4.57
CA HIS E 116 16.60 19.92 3.69
C HIS E 116 17.10 18.59 4.28
N GLN E 117 16.73 18.38 5.54
CA GLN E 117 17.13 17.19 6.29
C GLN E 117 15.89 16.42 6.71
N ARG E 118 15.94 15.11 6.57
CA ARG E 118 14.80 14.28 6.90
C ARG E 118 14.52 14.34 8.42
N PRO E 119 13.26 14.23 8.82
CA PRO E 119 12.96 14.14 10.25
C PRO E 119 13.66 12.93 10.86
N LYS E 120 14.22 13.12 12.05
CA LYS E 120 15.13 12.10 12.56
C LYS E 120 15.20 12.18 14.09
N VAL E 121 15.89 11.20 14.67
CA VAL E 121 16.10 11.13 16.11
C VAL E 121 17.51 10.61 16.37
N GLU E 122 18.13 11.14 17.42
CA GLU E 122 19.50 10.79 17.80
C GLU E 122 19.54 10.67 19.31
N PHE E 123 19.96 9.50 19.79
CA PHE E 123 20.02 9.21 21.22
C PHE E 123 21.47 9.31 21.67
N PHE E 124 21.81 10.45 22.26
CA PHE E 124 23.17 10.69 22.75
C PHE E 124 23.23 10.46 24.26
N GLU E 125 24.45 10.57 24.79
CA GLU E 125 24.66 10.32 26.21
C GLU E 125 24.03 11.42 27.06
N ASN E 126 24.00 12.65 26.56
CA ASN E 126 23.54 13.79 27.35
C ASN E 126 22.17 14.29 26.92
N TYR E 127 21.92 14.34 25.61
CA TYR E 127 20.71 14.96 25.09
C TYR E 127 20.11 14.09 24.01
N VAL E 128 18.78 14.21 23.84
CA VAL E 128 18.06 13.58 22.75
C VAL E 128 17.80 14.63 21.69
N PHE E 129 18.16 14.32 20.44
CA PHE E 129 18.05 15.25 19.32
C PHE E 129 16.93 14.75 18.42
N ILE E 130 16.01 15.65 18.04
CA ILE E 130 14.85 15.27 17.25
C ILE E 130 14.60 16.34 16.21
N VAL E 131 14.32 15.94 14.98
CA VAL E 131 14.06 16.86 13.87
C VAL E 131 12.70 16.56 13.29
N LEU E 132 11.82 17.55 13.29
CA LEU E 132 10.49 17.50 12.69
C LEU E 132 10.38 18.55 11.60
N LYS E 133 9.34 18.43 10.79
CA LYS E 133 9.02 19.39 9.76
C LYS E 133 7.58 19.85 9.97
N MET E 134 7.40 21.15 10.22
CA MET E 134 6.07 21.74 10.29
C MET E 134 5.62 22.09 8.88
N PHE E 135 4.46 21.59 8.50
CA PHE E 135 3.93 21.80 7.16
C PHE E 135 2.76 22.77 7.22
N THR E 136 2.73 23.72 6.29
CA THR E 136 1.59 24.61 6.15
C THR E 136 1.18 24.68 4.68
N TYR E 137 -0.09 24.99 4.46
CA TYR E 137 -0.69 24.89 3.15
C TYR E 137 -1.46 26.17 2.83
N ASP E 138 -1.49 26.52 1.55
CA ASP E 138 -2.18 27.70 1.08
C ASP E 138 -3.31 27.30 0.15
N LYS E 139 -4.43 28.00 0.24
CA LYS E 139 -5.58 27.70 -0.60
C LYS E 139 -5.30 28.10 -2.04
N ASN E 140 -6.28 27.85 -2.91
CA ASN E 140 -6.15 28.12 -4.35
C ASN E 140 -4.96 27.38 -4.94
N LEU E 141 -3.82 28.07 -5.03
CA LEU E 141 -2.61 27.42 -5.50
C LEU E 141 -2.19 26.32 -4.53
N HIS E 142 -1.74 25.20 -5.08
CA HIS E 142 -1.42 24.02 -4.29
C HIS E 142 0.08 23.99 -4.03
N GLU E 143 0.51 24.72 -3.00
CA GLU E 143 1.89 24.71 -2.56
C GLU E 143 1.95 24.38 -1.08
N LEU E 144 2.75 23.38 -0.74
CA LEU E 144 2.90 22.89 0.63
C LEU E 144 4.27 23.33 1.12
N GLU E 145 4.31 24.36 1.96
CA GLU E 145 5.58 24.90 2.40
C GLU E 145 5.99 24.30 3.73
N SER E 146 7.29 23.99 3.84
CA SER E 146 7.85 23.28 4.97
C SER E 146 8.64 24.24 5.85
N GLU E 147 8.78 23.89 7.13
CA GLU E 147 9.58 24.64 8.08
C GLU E 147 10.30 23.64 8.97
N GLN E 148 11.62 23.64 8.93
CA GLN E 148 12.39 22.78 9.82
C GLN E 148 12.17 23.21 11.26
N VAL E 149 11.96 22.24 12.15
CA VAL E 149 11.88 22.51 13.58
C VAL E 149 12.70 21.44 14.29
N SER E 150 13.43 21.85 15.31
CA SER E 150 14.34 20.94 15.99
C SER E 150 14.12 21.01 17.49
N LEU E 151 14.27 19.86 18.14
CA LEU E 151 14.13 19.73 19.58
C LEU E 151 15.37 19.06 20.15
N ILE E 152 15.91 19.64 21.20
CA ILE E 152 17.06 19.08 21.89
C ILE E 152 16.69 19.01 23.37
N LEU E 153 16.58 17.79 23.89
CA LEU E 153 16.19 17.56 25.27
C LEU E 153 17.43 17.24 26.10
N THR E 154 17.67 18.03 27.15
CA THR E 154 18.89 17.95 27.94
C THR E 154 18.59 17.70 29.42
N LYS E 155 17.51 16.95 29.70
CA LYS E 155 17.07 16.44 30.99
C LYS E 155 16.69 17.56 31.96
N ASN E 156 16.97 18.81 31.58
CA ASN E 156 16.50 19.97 32.33
C ASN E 156 16.09 21.12 31.43
N CYS E 157 16.14 20.96 30.11
CA CYS E 157 15.92 22.05 29.18
C CYS E 157 15.61 21.47 27.82
N VAL E 158 14.65 22.07 27.12
CA VAL E 158 14.24 21.64 25.79
C VAL E 158 14.47 22.80 24.84
N LEU E 159 15.59 22.79 24.15
CA LEU E 159 15.91 23.81 23.16
C LEU E 159 15.16 23.51 21.87
N MET E 160 14.33 24.46 21.44
CA MET E 160 13.56 24.30 20.23
C MET E 160 14.01 25.35 19.21
N PHE E 161 14.39 24.88 18.03
CA PHE E 161 14.90 25.73 16.96
C PHE E 161 13.86 25.82 15.85
N GLN E 162 13.49 27.05 15.50
CA GLN E 162 12.54 27.33 14.43
C GLN E 162 13.04 28.54 13.65
N GLU E 163 12.55 28.69 12.43
CA GLU E 163 13.13 29.63 11.48
C GLU E 163 12.29 30.86 11.21
N LYS E 164 11.03 30.89 11.65
CA LYS E 164 10.21 32.09 11.54
C LYS E 164 9.02 31.93 12.45
N ILE E 165 8.42 33.05 12.84
CA ILE E 165 7.24 32.99 13.69
C ILE E 165 6.06 32.44 12.89
N GLY E 166 5.13 31.83 13.61
CA GLY E 166 4.05 31.04 13.05
C GLY E 166 4.26 29.61 13.47
N ASP E 167 3.59 29.21 14.55
CA ASP E 167 3.84 27.95 15.23
C ASP E 167 2.52 27.26 15.53
N VAL E 168 2.59 25.94 15.66
CA VAL E 168 1.44 25.14 16.07
C VAL E 168 1.50 24.79 17.55
N PHE E 169 2.40 25.42 18.31
CA PHE E 169 2.57 25.16 19.72
C PHE E 169 1.69 26.02 20.60
N ASP E 170 0.83 26.86 20.02
CA ASP E 170 -0.02 27.72 20.83
C ASP E 170 -0.86 26.97 21.85
N PRO E 171 -1.49 25.83 21.53
CA PRO E 171 -2.15 25.06 22.61
C PRO E 171 -1.18 24.67 23.71
N VAL E 172 0.04 24.28 23.35
CA VAL E 172 1.03 23.94 24.37
C VAL E 172 1.41 25.18 25.18
N ARG E 173 1.59 26.32 24.50
CA ARG E 173 1.97 27.54 25.21
C ARG E 173 0.89 27.92 26.23
N GLU E 174 -0.38 27.79 25.84
CA GLU E 174 -1.45 28.03 26.81
C GLU E 174 -1.46 26.98 27.91
N ARG E 175 -1.12 25.73 27.58
CA ARG E 175 -1.12 24.67 28.60
C ARG E 175 -0.07 24.95 29.68
N ILE E 176 1.10 25.46 29.31
CA ILE E 176 2.01 25.93 30.35
C ILE E 176 1.47 27.19 31.02
N ARG E 177 0.98 28.16 30.25
CA ARG E 177 0.63 29.46 30.82
C ARG E 177 -0.47 29.34 31.86
N TYR E 178 -1.52 28.59 31.55
CA TYR E 178 -2.57 28.28 32.51
C TYR E 178 -2.43 26.84 32.96
N ASN E 179 -2.51 26.62 34.27
CA ASN E 179 -2.21 25.30 34.81
C ASN E 179 -3.30 24.30 34.44
N ARG E 180 -3.40 23.98 33.16
CA ARG E 180 -4.31 22.96 32.65
C ARG E 180 -3.49 21.81 32.09
N GLY E 181 -4.04 20.61 32.15
CA GLY E 181 -3.31 19.45 31.73
C GLY E 181 -2.26 19.05 32.74
N ILE E 182 -1.26 18.32 32.25
CA ILE E 182 -0.22 17.75 33.10
C ILE E 182 1.14 18.39 32.83
N ILE E 183 1.29 19.13 31.73
CA ILE E 183 2.60 19.65 31.36
C ILE E 183 3.14 20.59 32.43
N ARG E 184 2.25 21.27 33.17
CA ARG E 184 2.69 22.20 34.20
C ARG E 184 3.34 21.47 35.37
N LYS E 185 3.07 20.18 35.54
CA LYS E 185 3.61 19.41 36.65
C LYS E 185 4.78 18.51 36.26
N LYS E 186 4.73 17.88 35.09
CA LYS E 186 5.73 16.91 34.72
C LYS E 186 7.05 17.59 34.35
N ARG E 187 8.03 16.77 33.97
CA ARG E 187 9.37 17.24 33.66
C ARG E 187 9.49 17.59 32.17
N ALA E 188 10.72 17.78 31.71
CA ALA E 188 10.96 18.17 30.33
C ALA E 188 10.58 17.09 29.32
N ASP E 189 10.59 15.81 29.74
CA ASP E 189 10.20 14.74 28.83
C ASP E 189 8.77 14.91 28.35
N TYR E 190 7.86 15.21 29.28
CA TYR E 190 6.48 15.47 28.88
C TYR E 190 6.37 16.74 28.06
N LEU E 191 7.24 17.72 28.29
CA LEU E 191 7.26 18.91 27.47
C LEU E 191 7.57 18.57 26.02
N LEU E 192 8.59 17.74 25.81
CA LEU E 192 8.93 17.30 24.45
C LEU E 192 7.79 16.48 23.86
N TYR E 193 7.15 15.64 24.67
CA TYR E 193 6.00 14.89 24.18
C TYR E 193 4.90 15.82 23.72
N SER E 194 4.63 16.89 24.48
CA SER E 194 3.59 17.83 24.10
C SER E 194 3.93 18.55 22.81
N LEU E 195 5.21 18.90 22.62
CA LEU E 195 5.60 19.53 21.36
C LEU E 195 5.41 18.56 20.19
N ILE E 196 5.79 17.30 20.37
CA ILE E 196 5.59 16.31 19.32
C ILE E 196 4.10 16.15 19.01
N ASP E 197 3.27 16.14 20.05
CA ASP E 197 1.83 16.03 19.85
C ASP E 197 1.27 17.25 19.13
N ALA E 198 1.84 18.44 19.39
CA ALA E 198 1.42 19.62 18.64
C ALA E 198 1.75 19.46 17.16
N LEU E 199 2.94 18.94 16.85
CA LEU E 199 3.27 18.65 15.46
C LEU E 199 2.28 17.67 14.84
N VAL E 200 1.93 16.61 15.58
CA VAL E 200 1.02 15.61 15.03
C VAL E 200 -0.37 16.18 14.83
N ASP E 201 -0.81 17.07 15.73
CA ASP E 201 -2.11 17.72 15.55
C ASP E 201 -2.11 18.64 14.34
N ASP E 202 -1.00 19.35 14.12
CA ASP E 202 -0.85 20.11 12.88
C ASP E 202 -0.95 19.18 11.67
N TYR E 203 -0.39 17.98 11.78
CA TYR E 203 -0.49 17.04 10.67
C TYR E 203 -1.93 16.60 10.45
N PHE E 204 -2.68 16.39 11.53
CA PHE E 204 -4.11 16.13 11.40
C PHE E 204 -4.83 17.25 10.66
N VAL E 205 -4.60 18.49 11.05
CA VAL E 205 -5.35 19.58 10.42
C VAL E 205 -4.95 19.72 8.95
N LEU E 206 -3.67 19.51 8.64
CA LEU E 206 -3.26 19.57 7.24
C LEU E 206 -3.84 18.42 6.43
N LEU E 207 -3.94 17.23 7.02
CA LEU E 207 -4.61 16.13 6.33
C LEU E 207 -6.08 16.45 6.11
N GLU E 208 -6.70 17.17 7.04
CA GLU E 208 -8.10 17.58 6.82
C GLU E 208 -8.20 18.57 5.65
N LYS E 209 -7.28 19.53 5.58
CA LYS E 209 -7.29 20.47 4.46
C LYS E 209 -7.05 19.75 3.13
N ILE E 210 -6.08 18.84 3.10
CA ILE E 210 -5.81 18.11 1.87
C ILE E 210 -6.95 17.18 1.54
N ASP E 211 -7.70 16.72 2.56
CA ASP E 211 -8.91 15.94 2.31
C ASP E 211 -9.97 16.78 1.63
N ASP E 212 -10.11 18.04 2.06
CA ASP E 212 -11.02 18.94 1.35
C ASP E 212 -10.58 19.13 -0.09
N GLU E 213 -9.28 19.25 -0.32
CA GLU E 213 -8.77 19.36 -1.68
C GLU E 213 -9.06 18.10 -2.50
N ILE E 214 -8.91 16.92 -1.88
CA ILE E 214 -9.26 15.67 -2.55
C ILE E 214 -10.73 15.67 -2.92
N ASP E 215 -11.59 16.12 -2.02
CA ASP E 215 -13.03 16.11 -2.29
C ASP E 215 -13.37 17.03 -3.45
N VAL E 216 -12.79 18.24 -3.48
CA VAL E 216 -13.12 19.15 -4.56
C VAL E 216 -12.57 18.65 -5.89
N LEU E 217 -11.38 18.06 -5.89
CA LEU E 217 -10.85 17.48 -7.12
C LEU E 217 -11.69 16.31 -7.58
N GLU E 218 -12.16 15.48 -6.65
CA GLU E 218 -13.04 14.36 -6.99
C GLU E 218 -14.33 14.85 -7.63
N GLU E 219 -14.92 15.90 -7.06
CA GLU E 219 -16.14 16.45 -7.64
C GLU E 219 -15.88 17.01 -9.03
N GLU E 220 -14.75 17.71 -9.21
CA GLU E 220 -14.42 18.24 -10.52
C GLU E 220 -14.24 17.12 -11.54
N VAL E 221 -13.53 16.05 -11.17
CA VAL E 221 -13.29 14.96 -12.10
C VAL E 221 -14.59 14.26 -12.46
N LEU E 222 -15.43 13.98 -11.46
CA LEU E 222 -16.65 13.22 -11.71
C LEU E 222 -17.73 14.05 -12.38
N GLU E 223 -17.68 15.38 -12.26
CA GLU E 223 -18.76 16.23 -12.76
C GLU E 223 -18.36 17.01 -14.01
N ARG E 224 -17.24 17.72 -13.99
CA ARG E 224 -16.80 18.53 -15.13
C ARG E 224 -15.34 18.23 -15.42
N PRO E 225 -15.06 17.18 -16.20
CA PRO E 225 -13.68 16.95 -16.64
C PRO E 225 -13.20 18.07 -17.55
N GLU E 226 -11.91 18.37 -17.47
CA GLU E 226 -11.35 19.49 -18.23
C GLU E 226 -9.85 19.25 -18.38
N LYS E 227 -9.25 20.00 -19.30
CA LYS E 227 -7.82 19.87 -19.57
C LYS E 227 -6.98 20.21 -18.35
N GLU E 228 -7.33 21.30 -17.66
CA GLU E 228 -6.58 21.73 -16.48
C GLU E 228 -6.73 20.77 -15.31
N THR E 229 -7.66 19.81 -15.38
CA THR E 229 -7.80 18.81 -14.33
C THR E 229 -6.54 17.96 -14.21
N VAL E 230 -5.87 17.67 -15.33
CA VAL E 230 -4.62 16.93 -15.27
C VAL E 230 -3.56 17.72 -14.51
N GLN E 231 -3.47 19.02 -14.79
CA GLN E 231 -2.57 19.88 -14.03
C GLN E 231 -2.88 19.81 -12.53
N ARG E 232 -4.17 19.94 -12.19
CA ARG E 232 -4.57 19.92 -10.78
C ARG E 232 -4.17 18.60 -10.12
N THR E 233 -4.50 17.47 -10.75
CA THR E 233 -4.26 16.19 -10.13
C THR E 233 -2.77 15.87 -10.05
N HIS E 234 -1.97 16.28 -11.04
CA HIS E 234 -0.55 15.99 -10.96
C HIS E 234 0.15 16.88 -9.93
N GLN E 235 -0.24 18.15 -9.84
CA GLN E 235 0.29 19.00 -8.79
C GLN E 235 -0.07 18.46 -7.42
N LEU E 236 -1.32 18.00 -7.25
CA LEU E 236 -1.74 17.45 -5.97
C LEU E 236 -1.00 16.16 -5.66
N LYS E 237 -0.74 15.32 -6.67
CA LYS E 237 0.02 14.10 -6.43
C LYS E 237 1.46 14.42 -6.06
N ARG E 238 2.05 15.46 -6.66
CA ARG E 238 3.39 15.87 -6.27
C ARG E 238 3.42 16.33 -4.83
N ASN E 239 2.44 17.16 -4.44
CA ASN E 239 2.36 17.60 -3.05
C ASN E 239 2.19 16.42 -2.11
N LEU E 240 1.36 15.45 -2.50
CA LEU E 240 1.10 14.29 -1.65
C LEU E 240 2.34 13.40 -1.53
N VAL E 241 3.10 13.23 -2.61
CA VAL E 241 4.28 12.39 -2.52
C VAL E 241 5.37 13.07 -1.71
N GLU E 242 5.48 14.40 -1.78
CA GLU E 242 6.39 15.10 -0.87
C GLU E 242 5.93 14.94 0.58
N LEU E 243 4.62 15.05 0.81
CA LEU E 243 4.08 14.86 2.15
C LEU E 243 4.39 13.47 2.68
N ARG E 244 4.28 12.46 1.84
CA ARG E 244 4.65 11.10 2.23
C ARG E 244 6.15 11.01 2.51
N LYS E 245 6.98 11.62 1.65
CA LYS E 245 8.41 11.64 1.88
C LYS E 245 8.75 12.16 3.26
N THR E 246 7.98 13.15 3.74
CA THR E 246 8.29 13.70 5.05
C THR E 246 7.66 12.89 6.18
N ILE E 247 6.44 12.38 6.00
CA ILE E 247 5.76 11.70 7.09
C ILE E 247 6.34 10.33 7.36
N TRP E 248 6.72 9.60 6.31
CA TRP E 248 7.24 8.24 6.51
C TRP E 248 8.38 8.16 7.51
N PRO E 249 9.34 9.10 7.54
CA PRO E 249 10.35 9.05 8.62
C PRO E 249 9.77 9.21 10.01
N LEU E 250 8.59 9.83 10.15
CA LEU E 250 8.03 10.03 11.48
C LEU E 250 7.67 8.71 12.15
N ARG E 251 7.25 7.72 11.37
CA ARG E 251 6.99 6.39 11.94
C ARG E 251 8.24 5.84 12.60
N GLU E 252 9.37 5.90 11.90
CA GLU E 252 10.63 5.44 12.48
C GLU E 252 11.06 6.28 13.66
N VAL E 253 10.85 7.60 13.58
CA VAL E 253 11.26 8.49 14.67
C VAL E 253 10.50 8.13 15.94
N LEU E 254 9.19 7.95 15.84
CA LEU E 254 8.41 7.65 17.03
C LEU E 254 8.64 6.23 17.51
N SER E 255 8.90 5.30 16.58
CA SER E 255 9.26 3.95 16.99
C SER E 255 10.57 3.96 17.79
N SER E 256 11.53 4.75 17.36
CA SER E 256 12.77 4.88 18.12
C SER E 256 12.53 5.57 19.47
N LEU E 257 11.65 6.57 19.51
CA LEU E 257 11.32 7.20 20.79
C LEU E 257 10.58 6.26 21.73
N TYR E 258 9.90 5.25 21.22
CA TYR E 258 9.28 4.26 22.10
C TYR E 258 10.22 3.09 22.38
N ARG E 259 10.71 2.42 21.35
CA ARG E 259 11.56 1.27 21.57
C ARG E 259 12.91 1.70 22.13
N ASP E 260 13.56 0.77 22.81
CA ASP E 260 14.87 0.94 23.45
C ASP E 260 15.03 2.33 24.07
N VAL E 261 14.14 2.63 25.02
CA VAL E 261 14.17 3.95 25.68
C VAL E 261 15.52 4.17 26.35
N PRO E 262 16.16 5.31 26.15
CA PRO E 262 17.29 5.67 26.98
C PRO E 262 16.82 6.08 28.37
N PRO E 263 17.68 6.01 29.38
CA PRO E 263 17.30 6.54 30.70
C PRO E 263 17.03 8.03 30.70
N LEU E 264 17.25 8.71 29.57
CA LEU E 264 17.05 10.15 29.48
C LEU E 264 15.58 10.53 29.46
N ILE E 265 14.70 9.62 29.03
CA ILE E 265 13.26 9.84 29.03
C ILE E 265 12.65 8.96 30.11
N GLU E 266 11.79 9.54 30.94
CA GLU E 266 11.19 8.80 32.03
C GLU E 266 10.26 7.72 31.51
N LYS E 267 10.16 6.63 32.27
CA LYS E 267 9.33 5.50 31.86
C LYS E 267 7.85 5.81 32.01
N GLU E 268 7.51 6.84 32.79
CA GLU E 268 6.10 7.16 33.03
C GLU E 268 5.47 7.83 31.81
N THR E 269 6.26 8.51 30.99
CA THR E 269 5.74 9.18 29.80
C THR E 269 5.81 8.33 28.55
N VAL E 270 6.31 7.10 28.65
CA VAL E 270 6.39 6.22 27.47
C VAL E 270 5.03 5.96 26.86
N PRO E 271 3.95 5.69 27.62
CA PRO E 271 2.64 5.53 26.97
C PRO E 271 2.20 6.75 26.16
N TYR E 272 2.60 7.95 26.56
CA TYR E 272 2.33 9.12 25.74
C TYR E 272 3.03 9.01 24.38
N PHE E 273 4.25 8.50 24.36
CA PHE E 273 4.95 8.28 23.11
C PHE E 273 4.30 7.16 22.30
N ARG E 274 3.73 6.15 22.97
CA ARG E 274 2.89 5.18 22.28
C ARG E 274 1.71 5.87 21.60
N ASP E 275 1.07 6.81 22.30
CA ASP E 275 -0.08 7.49 21.73
C ASP E 275 0.31 8.28 20.49
N VAL E 276 1.39 9.05 20.56
CA VAL E 276 1.79 9.82 19.39
C VAL E 276 2.30 8.91 18.28
N TYR E 277 2.88 7.75 18.62
CA TYR E 277 3.27 6.79 17.59
C TYR E 277 2.05 6.24 16.87
N ASP E 278 0.98 5.94 17.61
CA ASP E 278 -0.26 5.50 16.98
C ASP E 278 -0.83 6.60 16.09
N HIS E 279 -0.75 7.85 16.54
CA HIS E 279 -1.21 8.96 15.71
C HIS E 279 -0.39 9.07 14.43
N THR E 280 0.92 8.83 14.52
CA THR E 280 1.77 8.82 13.33
C THR E 280 1.38 7.68 12.39
N ILE E 281 1.07 6.51 12.95
CA ILE E 281 0.57 5.42 12.13
C ILE E 281 -0.71 5.83 11.41
N GLN E 282 -1.59 6.53 12.11
CA GLN E 282 -2.83 6.99 11.50
C GLN E 282 -2.57 7.95 10.35
N ILE E 283 -1.66 8.90 10.54
CA ILE E 283 -1.39 9.86 9.47
C ILE E 283 -0.73 9.17 8.28
N ALA E 284 0.13 8.19 8.54
CA ALA E 284 0.72 7.44 7.43
C ALA E 284 -0.35 6.68 6.65
N ASP E 285 -1.29 6.05 7.35
CA ASP E 285 -2.37 5.35 6.67
C ASP E 285 -3.23 6.31 5.88
N THR E 286 -3.52 7.49 6.44
CA THR E 286 -4.33 8.47 5.73
C THR E 286 -3.64 8.96 4.47
N VAL E 287 -2.33 9.17 4.54
CA VAL E 287 -1.59 9.60 3.35
C VAL E 287 -1.58 8.50 2.30
N GLU E 288 -1.41 7.24 2.71
CA GLU E 288 -1.46 6.15 1.74
C GLU E 288 -2.84 6.07 1.08
N THR E 289 -3.90 6.22 1.88
CA THR E 289 -5.25 6.21 1.33
C THR E 289 -5.47 7.36 0.36
N PHE E 290 -4.91 8.54 0.69
CA PHE E 290 -5.08 9.69 -0.20
C PHE E 290 -4.31 9.50 -1.50
N ARG E 291 -3.14 8.86 -1.44
CA ARG E 291 -2.44 8.50 -2.67
C ARG E 291 -3.28 7.55 -3.51
N ASP E 292 -3.90 6.56 -2.86
CA ASP E 292 -4.78 5.65 -3.58
C ASP E 292 -5.93 6.39 -4.24
N ILE E 293 -6.52 7.34 -3.52
CA ILE E 293 -7.66 8.09 -4.05
C ILE E 293 -7.23 8.98 -5.22
N VAL E 294 -6.04 9.57 -5.14
CA VAL E 294 -5.56 10.39 -6.24
C VAL E 294 -5.31 9.54 -7.48
N SER E 295 -4.71 8.36 -7.30
CA SER E 295 -4.52 7.45 -8.43
C SER E 295 -5.86 7.04 -9.03
N GLY E 296 -6.84 6.76 -8.16
CA GLY E 296 -8.17 6.44 -8.65
C GLY E 296 -8.81 7.59 -9.41
N LEU E 297 -8.58 8.81 -8.96
CA LEU E 297 -9.11 9.97 -9.68
C LEU E 297 -8.48 10.11 -11.06
N LEU E 298 -7.17 9.90 -11.15
CA LEU E 298 -6.52 9.94 -12.46
C LEU E 298 -7.07 8.86 -13.38
N ASP E 299 -7.26 7.65 -12.83
CA ASP E 299 -7.83 6.57 -13.64
C ASP E 299 -9.27 6.88 -14.05
N VAL E 300 -10.04 7.53 -13.17
CA VAL E 300 -11.40 7.93 -13.52
C VAL E 300 -11.40 8.95 -14.64
N TYR E 301 -10.46 9.90 -14.61
CA TYR E 301 -10.36 10.85 -15.70
C TYR E 301 -10.02 10.17 -17.00
N LEU E 302 -9.09 9.21 -16.96
CA LEU E 302 -8.77 8.46 -18.18
C LEU E 302 -9.99 7.69 -18.70
N SER E 303 -10.77 7.11 -17.78
CA SER E 303 -11.99 6.41 -18.18
C SER E 303 -13.00 7.38 -18.80
N SER E 304 -13.11 8.59 -18.25
CA SER E 304 -14.02 9.58 -18.82
C SER E 304 -13.57 9.98 -20.22
N VAL E 305 -12.25 10.12 -20.42
CA VAL E 305 -11.73 10.40 -21.75
C VAL E 305 -12.09 9.28 -22.72
N SER E 306 -11.93 8.03 -22.27
CA SER E 306 -12.28 6.89 -23.11
C SER E 306 -13.77 6.88 -23.44
N ASN E 307 -14.62 7.20 -22.46
CA ASN E 307 -16.06 7.24 -22.71
C ASN E 307 -16.42 8.35 -23.70
N LYS E 308 -15.77 9.52 -23.59
CA LYS E 308 -16.00 10.58 -24.55
C LYS E 308 -15.60 10.14 -25.95
N THR E 309 -14.45 9.49 -26.08
CA THR E 309 -14.03 8.98 -27.37
C THR E 309 -15.02 7.97 -27.94
N ASN E 310 -15.50 7.07 -27.09
CA ASN E 310 -16.47 6.07 -27.54
C ASN E 310 -17.76 6.72 -28.00
N GLU E 311 -18.27 7.70 -27.26
CA GLU E 311 -19.50 8.36 -27.64
C GLU E 311 -19.35 9.11 -28.96
N VAL E 312 -18.24 9.83 -29.11
CA VAL E 312 -18.03 10.60 -30.34
C VAL E 312 -17.89 9.66 -31.53
N MET E 313 -17.15 8.56 -31.37
CA MET E 313 -17.03 7.61 -32.47
C MET E 313 -18.36 6.93 -32.77
N LYS E 314 -19.17 6.70 -31.73
CA LYS E 314 -20.49 6.11 -31.95
C LYS E 314 -21.34 7.01 -32.82
N VAL E 315 -21.41 8.31 -32.48
CA VAL E 315 -22.25 9.20 -33.27
C VAL E 315 -21.69 9.37 -34.68
N LEU E 316 -20.36 9.41 -34.81
CA LEU E 316 -19.76 9.54 -36.13
C LEU E 316 -20.09 8.33 -37.00
N THR E 317 -19.96 7.13 -36.45
CA THR E 317 -20.23 5.93 -37.23
C THR E 317 -21.70 5.81 -37.58
N ILE E 318 -22.59 6.14 -36.65
CA ILE E 318 -24.02 6.04 -36.94
C ILE E 318 -24.41 7.05 -38.01
N ILE E 319 -23.79 8.23 -38.01
CA ILE E 319 -23.96 9.13 -39.15
C ILE E 319 -23.32 8.54 -40.40
N ALA E 320 -22.30 7.70 -40.22
CA ALA E 320 -21.56 7.13 -41.34
C ALA E 320 -22.08 5.77 -41.78
N THR E 321 -23.18 5.29 -41.20
CA THR E 321 -23.74 4.01 -41.62
C THR E 321 -25.17 4.11 -42.15
N ILE E 322 -25.94 5.11 -41.71
CA ILE E 322 -27.29 5.29 -42.21
C ILE E 322 -27.37 6.42 -43.24
N PHE E 323 -26.24 7.02 -43.60
CA PHE E 323 -26.26 8.07 -44.60
C PHE E 323 -25.27 7.81 -45.73
N MET E 324 -24.10 7.27 -45.41
CA MET E 324 -23.12 6.98 -46.46
C MET E 324 -23.61 5.93 -47.43
N PRO E 325 -24.22 4.81 -47.00
CA PRO E 325 -24.88 3.93 -47.98
C PRO E 325 -25.95 4.63 -48.80
N LEU E 326 -26.67 5.56 -48.20
CA LEU E 326 -27.65 6.33 -48.96
C LEU E 326 -26.98 7.18 -50.04
N THR E 327 -25.84 7.80 -49.70
CA THR E 327 -25.08 8.55 -50.69
C THR E 327 -24.61 7.62 -51.81
N PHE E 328 -24.15 6.42 -51.45
CA PHE E 328 -23.82 5.43 -52.47
C PHE E 328 -24.99 5.13 -53.40
N ILE E 329 -26.16 4.84 -52.83
CA ILE E 329 -27.26 4.38 -53.67
C ILE E 329 -27.71 5.51 -54.57
N ALA E 330 -27.68 6.75 -54.06
CA ALA E 330 -27.94 7.91 -54.90
C ALA E 330 -26.92 8.02 -56.03
N GLY E 331 -25.65 7.78 -55.72
CA GLY E 331 -24.64 7.86 -56.76
C GLY E 331 -24.79 6.80 -57.83
N ILE E 332 -25.11 5.57 -57.43
CA ILE E 332 -25.18 4.47 -58.38
C ILE E 332 -26.46 4.54 -59.23
N TYR E 333 -27.58 4.92 -58.62
CA TYR E 333 -28.82 4.97 -59.37
C TYR E 333 -28.79 6.08 -60.42
N GLY E 334 -28.13 7.20 -60.11
CA GLY E 334 -27.94 8.26 -61.08
C GLY E 334 -26.69 8.05 -61.89
N MET E 335 -26.85 7.57 -63.12
CA MET E 335 -25.73 7.17 -63.96
C MET E 335 -25.92 7.77 -65.35
N ASN E 336 -24.81 8.03 -66.03
CA ASN E 336 -24.83 8.49 -67.42
C ASN E 336 -24.85 7.28 -68.36
N PHE E 337 -25.87 6.45 -68.18
CA PHE E 337 -26.09 5.25 -68.98
C PHE E 337 -27.46 5.34 -69.66
N GLU E 338 -27.71 4.39 -70.56
CA GLU E 338 -28.98 4.33 -71.27
C GLU E 338 -29.39 2.86 -71.39
N TYR E 339 -30.65 2.65 -71.75
CA TYR E 339 -31.25 1.32 -71.82
C TYR E 339 -31.19 0.62 -70.47
N MET E 340 -31.37 1.40 -69.39
CA MET E 340 -31.40 0.92 -68.02
C MET E 340 -32.84 0.62 -67.61
N PRO E 341 -33.04 -0.40 -66.76
CA PRO E 341 -34.39 -0.72 -66.27
C PRO E 341 -34.83 0.13 -65.09
N GLU E 342 -34.59 1.44 -65.21
CA GLU E 342 -34.94 2.42 -64.18
C GLU E 342 -35.65 3.60 -64.81
N LEU E 343 -36.55 3.32 -65.75
CA LEU E 343 -37.28 4.37 -66.45
C LEU E 343 -38.26 5.06 -65.49
N ARG E 344 -38.86 6.14 -65.97
CA ARG E 344 -39.88 6.81 -65.18
C ARG E 344 -41.24 6.13 -65.36
N TRP E 345 -41.28 4.81 -65.19
CA TRP E 345 -42.55 4.11 -65.29
C TRP E 345 -43.46 4.40 -64.10
N LYS E 346 -42.91 4.94 -63.01
CA LYS E 346 -43.69 5.31 -61.84
C LYS E 346 -44.09 6.78 -61.86
N TRP E 347 -44.24 7.36 -63.06
CA TRP E 347 -44.56 8.77 -63.21
C TRP E 347 -43.54 9.62 -62.47
N GLY E 348 -43.76 9.83 -61.18
CA GLY E 348 -42.77 10.53 -60.38
C GLY E 348 -41.48 9.74 -60.25
N TYR E 349 -40.41 10.45 -59.90
CA TYR E 349 -39.09 9.85 -59.79
C TYR E 349 -38.93 8.90 -58.59
N PRO E 350 -39.48 9.21 -57.37
CA PRO E 350 -38.95 8.54 -56.17
C PRO E 350 -39.30 7.06 -56.09
N VAL E 351 -38.76 6.29 -57.04
CA VAL E 351 -38.80 4.83 -56.92
C VAL E 351 -37.69 4.31 -56.03
N VAL E 352 -36.70 5.15 -55.71
CA VAL E 352 -35.58 4.74 -54.89
C VAL E 352 -35.59 5.38 -53.51
N LEU E 353 -36.22 6.54 -53.32
CA LEU E 353 -36.25 7.18 -52.01
C LEU E 353 -36.89 6.28 -50.96
N ALA E 354 -37.86 5.46 -51.38
CA ALA E 354 -38.46 4.50 -50.45
C ALA E 354 -37.42 3.50 -49.96
N VAL E 355 -36.53 3.06 -50.85
CA VAL E 355 -35.44 2.18 -50.43
C VAL E 355 -34.56 2.88 -49.41
N MET E 356 -34.26 4.16 -49.65
CA MET E 356 -33.44 4.91 -48.70
C MET E 356 -34.09 4.95 -47.33
N GLY E 357 -35.38 5.29 -47.29
CA GLY E 357 -36.08 5.36 -46.01
C GLY E 357 -36.13 4.02 -45.31
N VAL E 358 -36.42 2.96 -46.06
CA VAL E 358 -36.55 1.63 -45.46
C VAL E 358 -35.22 1.17 -44.88
N ILE E 359 -34.15 1.31 -45.67
CA ILE E 359 -32.85 0.86 -45.18
C ILE E 359 -32.38 1.72 -44.02
N ALA E 360 -32.69 3.02 -44.05
CA ALA E 360 -32.31 3.88 -42.93
C ALA E 360 -33.04 3.47 -41.66
N VAL E 361 -34.34 3.17 -41.77
CA VAL E 361 -35.09 2.73 -40.60
C VAL E 361 -34.54 1.42 -40.07
N ILE E 362 -34.25 0.48 -40.96
CA ILE E 362 -33.75 -0.83 -40.53
C ILE E 362 -32.41 -0.68 -39.83
N MET E 363 -31.50 0.10 -40.42
CA MET E 363 -30.20 0.32 -39.81
C MET E 363 -30.28 1.06 -38.49
N VAL E 364 -31.13 2.08 -38.38
CA VAL E 364 -31.20 2.82 -37.11
C VAL E 364 -31.82 1.93 -36.03
N VAL E 365 -32.79 1.08 -36.39
CA VAL E 365 -33.33 0.13 -35.41
C VAL E 365 -32.25 -0.87 -34.99
N TYR E 366 -31.45 -1.33 -35.96
CA TYR E 366 -30.37 -2.25 -35.64
C TYR E 366 -29.36 -1.63 -34.68
N PHE E 367 -29.02 -0.35 -34.91
CA PHE E 367 -28.12 0.34 -34.00
C PHE E 367 -28.76 0.53 -32.63
N LYS E 368 -30.05 0.86 -32.59
CA LYS E 368 -30.72 1.05 -31.30
C LYS E 368 -30.75 -0.24 -30.49
N LYS E 369 -30.97 -1.37 -31.15
CA LYS E 369 -30.92 -2.66 -30.46
C LYS E 369 -29.49 -3.15 -30.26
N LYS E 370 -28.50 -2.47 -30.82
CA LYS E 370 -27.10 -2.76 -30.58
C LYS E 370 -26.50 -1.84 -29.53
N LYS E 371 -27.34 -1.09 -28.80
CA LYS E 371 -27.00 -0.21 -27.70
C LYS E 371 -26.23 1.03 -28.14
N TRP E 372 -26.01 1.23 -29.44
CA TRP E 372 -25.34 2.42 -29.93
C TRP E 372 -26.36 3.54 -30.04
N LEU E 373 -26.04 4.71 -29.49
CA LEU E 373 -26.96 5.85 -29.45
C LEU E 373 -28.27 5.48 -28.75
N VAL F 5 -12.30 35.24 39.49
CA VAL F 5 -12.12 34.07 40.36
C VAL F 5 -12.82 34.30 41.69
N GLN F 6 -13.87 35.12 41.67
CA GLN F 6 -14.59 35.50 42.89
C GLN F 6 -16.03 35.01 42.79
N LEU F 7 -16.48 34.30 43.82
CA LEU F 7 -17.87 33.89 43.97
C LEU F 7 -18.45 34.59 45.18
N VAL F 8 -19.50 35.37 44.97
CA VAL F 8 -20.11 36.16 46.04
C VAL F 8 -21.60 35.84 46.11
N GLU F 9 -22.09 35.55 47.31
CA GLU F 9 -23.48 35.17 47.50
C GLU F 9 -24.29 36.32 48.08
N SER F 10 -25.61 36.12 48.09
CA SER F 10 -26.53 37.11 48.65
C SER F 10 -27.85 36.42 48.94
N GLY F 11 -28.65 37.05 49.80
CA GLY F 11 -29.99 36.59 50.09
C GLY F 11 -30.20 35.88 51.40
N GLY F 12 -29.45 36.24 52.45
CA GLY F 12 -29.59 35.57 53.72
C GLY F 12 -30.64 36.21 54.62
N GLY F 13 -31.08 35.44 55.60
CA GLY F 13 -32.04 35.95 56.55
C GLY F 13 -32.92 34.83 57.09
N LEU F 14 -34.08 35.25 57.62
CA LEU F 14 -35.03 34.35 58.25
C LEU F 14 -36.29 34.26 57.40
N VAL F 15 -36.86 33.05 57.36
CA VAL F 15 -38.02 32.77 56.54
C VAL F 15 -38.96 31.84 57.30
N GLN F 16 -40.26 32.02 57.08
CA GLN F 16 -41.24 31.12 57.66
C GLN F 16 -41.11 29.73 57.05
N PRO F 17 -41.30 28.67 57.83
CA PRO F 17 -41.25 27.31 57.26
C PRO F 17 -42.29 27.14 56.16
N GLY F 18 -41.90 26.41 55.11
CA GLY F 18 -42.76 26.22 53.97
C GLY F 18 -42.78 27.38 52.99
N GLY F 19 -41.97 28.41 53.20
CA GLY F 19 -41.96 29.57 52.34
C GLY F 19 -41.14 29.39 51.07
N SER F 20 -40.43 30.44 50.67
CA SER F 20 -39.63 30.40 49.45
C SER F 20 -38.47 31.37 49.60
N LEU F 21 -37.44 31.14 48.78
CA LEU F 21 -36.26 31.99 48.82
C LEU F 21 -35.52 31.92 47.50
N ARG F 22 -34.67 32.92 47.26
CA ARG F 22 -33.79 32.96 46.11
C ARG F 22 -32.36 33.20 46.59
N LEU F 23 -31.44 32.38 46.10
CA LEU F 23 -30.03 32.41 46.50
C LEU F 23 -29.18 32.62 45.27
N SER F 24 -28.51 33.75 45.18
CA SER F 24 -27.76 34.12 43.99
C SER F 24 -26.28 34.19 44.34
N CYS F 25 -25.46 33.42 43.61
CA CYS F 25 -24.02 33.54 43.72
C CYS F 25 -23.49 34.05 42.38
N ALA F 26 -22.97 35.28 42.40
CA ALA F 26 -22.39 35.91 41.24
C ALA F 26 -20.94 35.49 41.10
N ALA F 27 -20.53 35.22 39.86
CA ALA F 27 -19.20 34.72 39.54
C ALA F 27 -18.46 35.75 38.70
N SER F 28 -17.21 36.01 39.05
CA SER F 28 -16.35 36.91 38.30
C SER F 28 -15.04 36.21 38.00
N GLY F 29 -14.56 36.36 36.77
CA GLY F 29 -13.31 35.77 36.34
C GLY F 29 -13.44 34.51 35.51
N PHE F 30 -14.64 34.03 35.25
CA PHE F 30 -14.83 32.85 34.40
C PHE F 30 -16.26 32.87 33.87
N ASN F 31 -16.49 32.05 32.85
CA ASN F 31 -17.78 31.97 32.18
C ASN F 31 -18.56 30.77 32.68
N ILE F 32 -19.78 31.01 33.16
CA ILE F 32 -20.59 29.94 33.72
C ILE F 32 -21.00 28.94 32.64
N TYR F 33 -21.22 29.42 31.41
CA TYR F 33 -21.84 28.61 30.37
C TYR F 33 -21.19 27.24 30.24
N TYR F 34 -19.91 27.20 29.89
CA TYR F 34 -19.17 25.95 29.82
C TYR F 34 -18.42 25.71 31.13
N SER F 35 -19.19 25.65 32.21
CA SER F 35 -18.63 25.47 33.55
C SER F 35 -19.68 24.83 34.44
N SER F 36 -19.26 24.43 35.64
CA SER F 36 -20.11 23.77 36.59
C SER F 36 -20.08 24.50 37.92
N ILE F 37 -21.20 24.43 38.65
CA ILE F 37 -21.36 25.09 39.93
C ILE F 37 -21.94 24.08 40.91
N HIS F 38 -21.65 24.28 42.20
CA HIS F 38 -22.23 23.45 43.25
C HIS F 38 -22.70 24.34 44.38
N TRP F 39 -23.78 23.91 45.04
CA TRP F 39 -24.25 24.52 46.26
C TRP F 39 -24.26 23.48 47.36
N VAL F 40 -23.61 23.78 48.48
CA VAL F 40 -23.53 22.88 49.61
C VAL F 40 -24.01 23.61 50.86
N ARG F 41 -24.39 22.84 51.87
CA ARG F 41 -24.91 23.42 53.10
C ARG F 41 -24.08 22.98 54.29
N GLN F 42 -24.06 23.83 55.32
CA GLN F 42 -23.43 23.54 56.59
C GLN F 42 -24.43 23.86 57.69
N ALA F 43 -24.98 22.83 58.32
CA ALA F 43 -25.91 23.04 59.42
C ALA F 43 -25.17 23.63 60.61
N PRO F 44 -25.82 24.49 61.38
CA PRO F 44 -25.13 25.17 62.49
C PRO F 44 -24.60 24.16 63.51
N GLY F 45 -23.28 24.20 63.71
CA GLY F 45 -22.65 23.25 64.62
C GLY F 45 -22.76 21.81 64.17
N LYS F 46 -22.69 21.58 62.87
CA LYS F 46 -22.80 20.23 62.31
C LYS F 46 -21.80 20.11 61.17
N GLY F 47 -21.94 19.05 60.38
CA GLY F 47 -21.07 18.81 59.24
C GLY F 47 -21.50 19.59 58.01
N LEU F 48 -20.86 19.27 56.90
CA LEU F 48 -21.13 19.91 55.61
C LEU F 48 -21.60 18.84 54.63
N GLU F 49 -22.71 19.12 53.94
CA GLU F 49 -23.32 18.16 53.03
C GLU F 49 -23.65 18.82 51.70
N TRP F 50 -23.60 18.02 50.65
CA TRP F 50 -23.93 18.49 49.30
C TRP F 50 -25.43 18.76 49.18
N VAL F 51 -25.78 19.74 48.34
CA VAL F 51 -27.18 20.09 48.15
C VAL F 51 -27.56 19.99 46.67
N ALA F 52 -26.88 20.77 45.81
CA ALA F 52 -27.28 20.82 44.42
C ALA F 52 -26.07 21.07 43.53
N SER F 53 -26.23 20.74 42.25
CA SER F 53 -25.18 20.93 41.26
C SER F 53 -25.77 21.39 39.94
N ILE F 54 -25.09 22.33 39.30
CA ILE F 54 -25.46 22.88 38.00
C ILE F 54 -24.36 22.52 37.01
N TYR F 55 -24.74 21.97 35.87
CA TYR F 55 -23.88 21.91 34.69
C TYR F 55 -24.59 22.79 33.66
N SER F 56 -24.19 24.05 33.58
CA SER F 56 -24.94 25.07 32.86
C SER F 56 -24.86 24.94 31.34
N TYR F 57 -23.91 24.17 30.81
CA TYR F 57 -23.84 24.04 29.35
C TYR F 57 -25.07 23.33 28.81
N SER F 58 -25.49 22.24 29.44
CA SER F 58 -26.67 21.51 29.04
C SER F 58 -27.88 21.82 29.92
N GLY F 59 -27.78 22.82 30.79
CA GLY F 59 -28.87 23.11 31.70
C GLY F 59 -29.19 21.96 32.63
N TYR F 60 -28.16 21.21 33.04
CA TYR F 60 -28.35 20.02 33.84
C TYR F 60 -28.37 20.36 35.32
N THR F 61 -29.35 19.82 36.04
CA THR F 61 -29.50 20.05 37.47
C THR F 61 -29.50 18.72 38.21
N SER F 62 -28.75 18.67 39.31
CA SER F 62 -28.74 17.49 40.18
C SER F 62 -29.04 17.94 41.60
N TYR F 63 -29.93 17.22 42.26
CA TYR F 63 -30.32 17.52 43.63
C TYR F 63 -29.92 16.38 44.55
N ALA F 64 -29.62 16.72 45.81
CA ALA F 64 -29.34 15.70 46.80
C ALA F 64 -30.59 14.87 47.05
N ASP F 65 -30.39 13.57 47.30
CA ASP F 65 -31.52 12.67 47.51
C ASP F 65 -32.36 13.09 48.71
N SER F 66 -31.73 13.66 49.73
CA SER F 66 -32.48 14.17 50.88
C SER F 66 -33.35 15.37 50.52
N VAL F 67 -33.06 16.04 49.40
CA VAL F 67 -33.83 17.20 48.97
C VAL F 67 -34.29 16.98 47.53
N LYS F 68 -34.37 15.73 47.12
CA LYS F 68 -34.69 15.39 45.74
C LYS F 68 -36.05 15.93 45.33
N GLY F 69 -36.10 16.60 44.18
CA GLY F 69 -37.36 17.03 43.61
C GLY F 69 -38.06 18.14 44.34
N ARG F 70 -37.43 18.73 45.36
CA ARG F 70 -38.04 19.81 46.12
C ARG F 70 -37.40 21.17 45.87
N PHE F 71 -36.16 21.20 45.38
CA PHE F 71 -35.44 22.45 45.16
C PHE F 71 -35.49 22.80 43.68
N THR F 72 -35.09 24.03 43.38
CA THR F 72 -34.89 24.45 41.99
C THR F 72 -33.55 25.17 41.91
N ILE F 73 -32.87 25.02 40.79
CA ILE F 73 -31.57 25.65 40.61
C ILE F 73 -31.29 25.76 39.12
N SER F 74 -30.58 26.83 38.74
CA SER F 74 -30.26 27.10 37.34
C SER F 74 -29.13 28.11 37.29
N ALA F 75 -28.79 28.54 36.08
CA ALA F 75 -27.74 29.52 35.87
C ALA F 75 -28.26 30.63 34.98
N ASP F 76 -27.49 31.72 34.91
CA ASP F 76 -27.81 32.86 34.05
C ASP F 76 -26.50 33.34 33.43
N THR F 77 -26.29 32.97 32.17
CA THR F 77 -25.03 33.31 31.49
C THR F 77 -24.92 34.82 31.25
N SER F 78 -26.06 35.48 31.01
CA SER F 78 -26.03 36.91 30.70
C SER F 78 -25.41 37.71 31.84
N LYS F 79 -25.78 37.42 33.08
CA LYS F 79 -25.13 38.01 34.23
C LYS F 79 -24.05 37.12 34.83
N ASN F 80 -23.88 35.91 34.31
CA ASN F 80 -22.89 34.95 34.79
C ASN F 80 -23.06 34.68 36.28
N THR F 81 -24.31 34.40 36.66
CA THR F 81 -24.66 34.18 38.07
C THR F 81 -25.45 32.89 38.21
N ALA F 82 -25.14 32.11 39.23
CA ALA F 82 -25.91 30.91 39.51
C ALA F 82 -27.03 31.22 40.50
N TYR F 83 -28.23 30.70 40.20
CA TYR F 83 -29.42 31.01 40.99
C TYR F 83 -29.98 29.72 41.56
N LEU F 84 -30.48 29.79 42.79
CA LEU F 84 -31.11 28.65 43.46
C LEU F 84 -32.44 29.12 44.02
N GLN F 85 -33.52 28.57 43.48
CA GLN F 85 -34.86 28.85 43.97
C GLN F 85 -35.20 27.80 45.02
N MET F 86 -35.18 28.21 46.29
CA MET F 86 -35.47 27.33 47.41
C MET F 86 -36.97 27.32 47.64
N ASN F 87 -37.57 26.12 47.60
CA ASN F 87 -39.00 25.97 47.77
C ASN F 87 -39.27 24.77 48.66
N SER F 88 -40.52 24.67 49.12
CA SER F 88 -40.95 23.61 50.04
C SER F 88 -40.02 23.54 51.24
N LEU F 89 -39.88 24.69 51.92
CA LEU F 89 -38.92 24.82 53.00
C LEU F 89 -39.24 23.86 54.13
N ARG F 90 -38.21 23.24 54.68
CA ARG F 90 -38.35 22.34 55.81
C ARG F 90 -37.58 22.90 57.00
N ALA F 91 -37.92 22.39 58.19
CA ALA F 91 -37.32 22.90 59.42
C ALA F 91 -35.84 22.59 59.51
N GLU F 92 -35.34 21.63 58.75
CA GLU F 92 -33.93 21.26 58.79
C GLU F 92 -33.11 21.97 57.73
N ASP F 93 -33.72 22.84 56.92
CA ASP F 93 -32.99 23.52 55.86
C ASP F 93 -32.20 24.72 56.35
N THR F 94 -32.43 25.18 57.58
CA THR F 94 -31.64 26.29 58.11
C THR F 94 -30.17 25.90 58.21
N ALA F 95 -29.31 26.68 57.56
CA ALA F 95 -27.89 26.34 57.47
C ALA F 95 -27.15 27.55 56.94
N VAL F 96 -25.88 27.33 56.59
CA VAL F 96 -25.07 28.30 55.87
C VAL F 96 -24.76 27.67 54.51
N TYR F 97 -25.19 28.32 53.44
CA TYR F 97 -25.02 27.80 52.10
C TYR F 97 -23.78 28.38 51.44
N TYR F 98 -23.13 27.55 50.62
CA TYR F 98 -21.86 27.87 49.99
C TYR F 98 -21.96 27.56 48.51
N CYS F 99 -21.57 28.52 47.67
CA CYS F 99 -21.50 28.37 46.22
C CYS F 99 -20.05 28.11 45.84
N ALA F 100 -19.81 27.03 45.11
CA ALA F 100 -18.46 26.62 44.73
C ALA F 100 -18.39 26.37 43.24
N ARG F 101 -17.21 26.57 42.68
CA ARG F 101 -16.97 26.34 41.26
C ARG F 101 -16.12 25.08 41.10
N SER F 102 -16.71 24.04 40.52
CA SER F 102 -15.99 22.80 40.34
C SER F 102 -14.90 22.95 39.28
N PHE F 103 -14.05 21.94 39.19
CA PHE F 103 -12.93 21.98 38.24
C PHE F 103 -12.47 20.54 38.06
N TYR F 104 -11.55 20.35 37.12
CA TYR F 104 -10.80 19.10 36.97
C TYR F 104 -9.69 19.27 35.95
N VAL F 105 -8.54 18.66 36.21
CA VAL F 105 -7.42 18.66 35.28
C VAL F 105 -7.39 17.31 34.58
N PHE F 106 -7.05 17.31 33.29
CA PHE F 106 -7.16 16.09 32.50
C PHE F 106 -6.11 16.10 31.41
N LYS F 107 -5.81 14.90 30.92
CA LYS F 107 -5.00 14.72 29.71
C LYS F 107 -5.53 13.52 28.96
N ARG F 108 -5.85 13.71 27.69
CA ARG F 108 -6.47 12.67 26.87
C ARG F 108 -5.49 12.18 25.82
N GLY F 109 -5.51 10.87 25.57
CA GLY F 109 -4.70 10.28 24.54
C GLY F 109 -3.95 9.05 25.01
N THR F 110 -3.59 9.03 26.28
CA THR F 110 -2.83 7.92 26.83
C THR F 110 -3.71 6.67 26.91
N LYS F 111 -3.07 5.51 26.75
CA LYS F 111 -3.77 4.25 26.86
C LYS F 111 -4.48 4.11 28.19
N TYR F 112 -3.84 4.58 29.26
CA TYR F 112 -4.44 4.71 30.59
C TYR F 112 -4.61 6.20 30.86
N PRO F 113 -5.67 6.82 30.35
CA PRO F 113 -5.78 8.28 30.46
C PRO F 113 -5.84 8.73 31.91
N TYR F 114 -5.21 9.87 32.18
CA TYR F 114 -5.08 10.40 33.53
C TYR F 114 -6.13 11.49 33.68
N TYR F 115 -7.31 11.11 34.16
CA TYR F 115 -8.40 12.04 34.42
C TYR F 115 -8.54 12.25 35.92
N ASN F 116 -9.05 13.41 36.30
CA ASN F 116 -9.31 13.73 37.69
C ASN F 116 -10.79 14.05 37.87
N TYR F 117 -11.42 13.40 38.83
CA TYR F 117 -12.82 13.67 39.11
C TYR F 117 -12.97 15.02 39.81
N PRO F 118 -14.13 15.66 39.70
CA PRO F 118 -14.24 17.06 40.11
C PRO F 118 -13.98 17.29 41.59
N ALA F 119 -13.53 18.50 41.88
CA ALA F 119 -13.36 19.00 43.23
C ALA F 119 -13.80 20.47 43.23
N MET F 120 -13.44 21.22 44.29
CA MET F 120 -13.98 22.57 44.48
C MET F 120 -12.86 23.55 44.85
N ASP F 121 -12.25 24.19 43.85
CA ASP F 121 -11.29 25.26 44.15
C ASP F 121 -11.95 26.44 44.84
N TYR F 122 -12.84 27.13 44.13
CA TYR F 122 -13.31 28.44 44.54
C TYR F 122 -14.65 28.31 45.27
N TRP F 123 -14.75 28.99 46.41
CA TRP F 123 -15.91 28.88 47.28
C TRP F 123 -16.51 30.25 47.55
N GLY F 124 -17.83 30.30 47.62
CA GLY F 124 -18.51 31.52 47.95
C GLY F 124 -18.31 31.91 49.40
N GLN F 125 -18.61 33.17 49.70
CA GLN F 125 -18.44 33.66 51.06
C GLN F 125 -19.36 32.94 52.03
N GLY F 126 -20.60 32.70 51.64
CA GLY F 126 -21.55 32.01 52.50
C GLY F 126 -22.81 32.80 52.72
N THR F 127 -23.91 32.11 53.02
CA THR F 127 -25.18 32.79 53.23
C THR F 127 -25.96 32.05 54.32
N LEU F 128 -26.34 32.77 55.37
CA LEU F 128 -27.05 32.18 56.49
C LEU F 128 -28.55 32.23 56.22
N VAL F 129 -29.20 31.06 56.24
CA VAL F 129 -30.64 30.95 56.05
C VAL F 129 -31.23 30.27 57.27
N THR F 130 -32.22 30.91 57.89
CA THR F 130 -32.85 30.41 59.10
C THR F 130 -34.34 30.22 58.86
N VAL F 131 -34.91 29.17 59.46
CA VAL F 131 -36.33 28.88 59.36
C VAL F 131 -36.96 29.06 60.73
N SER G 1 -29.17 4.10 47.96
CA SER G 1 -28.01 4.07 47.08
C SER G 1 -26.96 5.08 47.53
N ASP G 2 -27.07 5.54 48.77
CA ASP G 2 -26.11 6.50 49.30
C ASP G 2 -24.77 5.83 49.56
N ILE G 3 -23.72 6.63 49.61
CA ILE G 3 -22.36 6.14 49.85
C ILE G 3 -21.92 6.64 51.21
N GLN G 4 -21.76 5.71 52.16
CA GLN G 4 -21.24 6.06 53.48
C GLN G 4 -19.75 6.36 53.35
N MET G 5 -19.34 7.55 53.78
CA MET G 5 -17.98 8.02 53.55
C MET G 5 -17.49 8.58 54.88
N THR G 6 -16.81 7.76 55.67
CA THR G 6 -16.47 8.10 57.04
C THR G 6 -15.08 8.70 57.12
N GLN G 7 -14.90 9.60 58.09
CA GLN G 7 -13.61 10.25 58.33
C GLN G 7 -13.31 10.24 59.81
N SER G 8 -12.09 9.85 60.16
CA SER G 8 -11.64 9.74 61.54
C SER G 8 -10.31 10.46 61.71
N PRO G 9 -10.02 10.96 62.93
CA PRO G 9 -10.88 10.96 64.11
C PRO G 9 -11.98 12.01 64.03
N SER G 10 -13.00 11.90 64.90
CA SER G 10 -13.97 12.97 65.03
C SER G 10 -13.30 14.24 65.55
N SER G 11 -12.42 14.09 66.51
CA SER G 11 -11.62 15.20 67.02
C SER G 11 -10.27 14.66 67.47
N LEU G 12 -9.27 15.54 67.50
CA LEU G 12 -7.92 15.14 67.86
C LEU G 12 -7.18 16.35 68.42
N SER G 13 -6.20 16.06 69.27
CA SER G 13 -5.36 17.09 69.88
C SER G 13 -3.93 16.92 69.37
N ALA G 14 -3.38 17.97 68.76
CA ALA G 14 -2.03 17.95 68.26
C ALA G 14 -1.34 19.27 68.59
N SER G 15 -0.07 19.18 68.99
CA SER G 15 0.71 20.35 69.33
C SER G 15 1.39 20.93 68.08
N VAL G 16 1.99 22.10 68.25
CA VAL G 16 2.70 22.73 67.15
C VAL G 16 3.90 21.88 66.75
N GLY G 17 4.17 21.82 65.45
CA GLY G 17 5.28 21.02 64.96
C GLY G 17 5.09 19.53 65.13
N ASP G 18 3.90 19.02 64.84
CA ASP G 18 3.59 17.60 64.94
C ASP G 18 3.15 17.08 63.59
N ARG G 19 3.27 15.76 63.41
CA ARG G 19 2.82 15.09 62.20
C ARG G 19 1.47 14.44 62.49
N VAL G 20 0.40 15.10 62.06
CA VAL G 20 -0.95 14.60 62.32
C VAL G 20 -1.42 13.84 61.10
N THR G 21 -2.26 12.83 61.33
CA THR G 21 -2.79 11.99 60.28
C THR G 21 -4.30 11.88 60.44
N ILE G 22 -5.02 12.14 59.35
CA ILE G 22 -6.47 12.01 59.30
C ILE G 22 -6.81 10.94 58.28
N THR G 23 -7.56 9.93 58.72
CA THR G 23 -7.90 8.80 57.87
C THR G 23 -9.35 8.92 57.39
N CYS G 24 -9.63 8.28 56.27
CA CYS G 24 -10.95 8.37 55.67
C CYS G 24 -11.18 7.15 54.81
N ARG G 25 -12.44 6.71 54.72
CA ARG G 25 -12.72 5.50 53.96
C ARG G 25 -14.16 5.51 53.49
N ALA G 26 -14.37 4.97 52.29
CA ALA G 26 -15.70 4.87 51.68
C ALA G 26 -16.17 3.43 51.70
N SER G 27 -17.49 3.26 51.62
CA SER G 27 -18.06 1.92 51.56
C SER G 27 -17.62 1.19 50.31
N GLN G 28 -17.63 1.88 49.17
CA GLN G 28 -17.17 1.34 47.90
C GLN G 28 -15.98 2.13 47.40
N SER G 29 -15.09 1.46 46.67
CA SER G 29 -13.91 2.13 46.15
C SER G 29 -14.30 3.29 45.25
N VAL G 30 -13.68 4.45 45.48
CA VAL G 30 -13.99 5.66 44.74
C VAL G 30 -12.77 6.11 43.97
N SER G 31 -11.90 5.16 43.62
CA SER G 31 -10.66 5.43 42.90
C SER G 31 -9.82 6.47 43.65
N SER G 32 -9.52 7.58 42.99
CA SER G 32 -8.75 8.68 43.59
C SER G 32 -9.51 9.99 43.44
N ALA G 33 -10.80 9.96 43.75
CA ALA G 33 -11.65 11.13 43.62
C ALA G 33 -11.87 11.84 44.95
N VAL G 34 -11.13 11.48 45.97
CA VAL G 34 -11.29 12.06 47.30
C VAL G 34 -10.45 13.32 47.42
N ALA G 35 -11.02 14.33 48.08
CA ALA G 35 -10.37 15.62 48.26
C ALA G 35 -10.44 16.04 49.72
N TRP G 36 -9.40 16.72 50.18
CA TRP G 36 -9.29 17.17 51.55
C TRP G 36 -9.46 18.68 51.58
N TYR G 37 -10.44 19.14 52.36
CA TYR G 37 -10.78 20.56 52.48
C TYR G 37 -10.51 21.03 53.90
N GLN G 38 -10.12 22.30 54.04
CA GLN G 38 -9.92 22.92 55.34
C GLN G 38 -10.91 24.06 55.52
N GLN G 39 -11.57 24.11 56.67
CA GLN G 39 -12.54 25.15 56.97
C GLN G 39 -12.26 25.69 58.37
N LYS G 40 -11.89 26.96 58.45
CA LYS G 40 -11.87 27.66 59.72
C LYS G 40 -13.28 28.11 60.08
N PRO G 41 -13.57 28.30 61.37
CA PRO G 41 -14.94 28.67 61.76
C PRO G 41 -15.44 29.93 61.09
N GLY G 42 -14.57 30.92 60.89
CA GLY G 42 -15.00 32.18 60.31
C GLY G 42 -14.75 32.31 58.82
N LYS G 43 -14.04 31.34 58.25
CA LYS G 43 -13.68 31.40 56.84
C LYS G 43 -14.77 30.71 56.01
N ALA G 44 -14.48 30.47 54.72
CA ALA G 44 -15.42 29.85 53.79
C ALA G 44 -14.73 28.67 53.13
N PRO G 45 -14.55 27.57 53.86
CA PRO G 45 -13.56 26.54 53.51
C PRO G 45 -12.41 26.88 52.58
N LYS G 46 -11.77 25.84 52.07
CA LYS G 46 -10.66 25.96 51.12
C LYS G 46 -10.27 24.56 50.67
N LEU G 47 -9.79 24.42 49.43
CA LEU G 47 -9.37 23.11 48.93
C LEU G 47 -7.89 22.93 49.22
N LEU G 48 -7.57 22.09 50.20
CA LEU G 48 -6.17 21.76 50.46
C LEU G 48 -5.63 20.81 49.40
N ILE G 49 -6.28 19.65 49.22
CA ILE G 49 -5.75 18.61 48.35
C ILE G 49 -6.88 18.07 47.49
N TYR G 50 -6.60 17.87 46.21
CA TYR G 50 -7.57 17.26 45.29
C TYR G 50 -6.98 16.00 44.71
N SER G 51 -7.81 14.97 44.58
CA SER G 51 -7.45 13.65 44.08
C SER G 51 -6.50 12.88 45.00
N ALA G 52 -6.30 13.36 46.23
CA ALA G 52 -5.58 12.66 47.28
C ALA G 52 -4.08 12.61 47.03
N SER G 53 -3.63 13.05 45.86
CA SER G 53 -2.21 13.09 45.55
C SER G 53 -1.73 14.48 45.21
N SER G 54 -2.41 15.17 44.31
CA SER G 54 -1.99 16.49 43.89
C SER G 54 -2.21 17.50 45.02
N LEU G 55 -1.33 18.49 45.08
CA LEU G 55 -1.41 19.56 46.08
C LEU G 55 -1.82 20.84 45.38
N TYR G 56 -2.88 21.47 45.88
CA TYR G 56 -3.41 22.67 45.24
C TYR G 56 -2.41 23.82 45.33
N SER G 57 -2.41 24.66 44.30
CA SER G 57 -1.56 25.83 44.27
C SER G 57 -1.95 26.81 45.37
N GLY G 58 -0.95 27.47 45.94
CA GLY G 58 -1.13 28.36 47.06
C GLY G 58 -1.03 27.68 48.41
N VAL G 59 -1.41 26.41 48.49
CA VAL G 59 -1.26 25.65 49.74
C VAL G 59 0.23 25.44 50.01
N PRO G 60 0.70 25.61 51.24
CA PRO G 60 2.09 25.29 51.53
C PRO G 60 2.35 23.79 51.35
N SER G 61 3.60 23.47 50.99
CA SER G 61 3.99 22.09 50.73
C SER G 61 3.93 21.20 51.96
N ARG G 62 3.50 21.74 53.10
CA ARG G 62 3.44 20.95 54.33
C ARG G 62 2.44 19.80 54.22
N PHE G 63 1.26 20.08 53.66
CA PHE G 63 0.23 19.05 53.56
C PHE G 63 0.63 17.98 52.56
N SER G 64 0.12 16.76 52.79
CA SER G 64 0.37 15.66 51.88
C SER G 64 -0.78 14.67 51.96
N GLY G 65 -0.93 13.87 50.92
CA GLY G 65 -1.96 12.85 50.88
C GLY G 65 -1.42 11.57 50.29
N SER G 66 -2.04 10.46 50.67
CA SER G 66 -1.62 9.14 50.19
C SER G 66 -2.83 8.33 49.77
N ARG G 67 -2.57 7.12 49.29
CA ARG G 67 -3.60 6.22 48.76
C ARG G 67 -3.37 4.82 49.30
N SER G 68 -4.43 4.20 49.82
CA SER G 68 -4.40 2.83 50.31
C SER G 68 -5.64 2.09 49.81
N GLY G 69 -5.87 2.16 48.50
CA GLY G 69 -7.05 1.54 47.93
C GLY G 69 -8.32 2.22 48.40
N THR G 70 -9.07 1.53 49.27
CA THR G 70 -10.24 2.15 49.89
C THR G 70 -9.86 3.24 50.88
N ASP G 71 -8.68 3.15 51.48
CA ASP G 71 -8.30 4.09 52.54
C ASP G 71 -7.61 5.32 51.97
N PHE G 72 -7.88 6.47 52.59
CA PHE G 72 -7.26 7.72 52.22
C PHE G 72 -6.68 8.36 53.48
N THR G 73 -5.47 8.90 53.34
CA THR G 73 -4.73 9.45 54.47
C THR G 73 -4.23 10.85 54.13
N LEU G 74 -4.53 11.80 55.00
CA LEU G 74 -4.05 13.16 54.89
C LEU G 74 -3.07 13.42 56.03
N THR G 75 -1.84 13.76 55.69
CA THR G 75 -0.77 13.92 56.66
C THR G 75 -0.23 15.34 56.65
N ILE G 76 -0.12 15.93 57.83
CA ILE G 76 0.45 17.26 58.02
C ILE G 76 1.74 17.11 58.81
N SER G 77 2.85 17.60 58.23
CA SER G 77 4.16 17.30 58.77
C SER G 77 4.42 18.03 60.09
N SER G 78 4.15 19.33 60.13
CA SER G 78 4.45 20.17 61.29
C SER G 78 3.41 21.28 61.39
N LEU G 79 2.42 21.09 62.27
CA LEU G 79 1.31 22.03 62.37
C LEU G 79 1.81 23.39 62.86
N GLN G 80 1.10 24.43 62.45
CA GLN G 80 1.28 25.78 62.96
C GLN G 80 0.05 26.18 63.77
N PRO G 81 0.21 27.04 64.78
CA PRO G 81 -0.97 27.49 65.54
C PRO G 81 -1.97 28.25 64.68
N GLU G 82 -1.52 28.86 63.59
CA GLU G 82 -2.43 29.58 62.70
C GLU G 82 -3.28 28.62 61.87
N ASP G 83 -2.76 27.45 61.55
CA ASP G 83 -3.46 26.49 60.69
C ASP G 83 -4.18 25.44 61.53
N PHE G 84 -5.16 25.90 62.31
CA PHE G 84 -6.01 25.04 63.12
C PHE G 84 -7.46 25.27 62.70
N ALA G 85 -8.10 24.21 62.23
CA ALA G 85 -9.45 24.30 61.66
C ALA G 85 -10.02 22.89 61.56
N THR G 86 -11.16 22.76 60.87
CA THR G 86 -11.83 21.48 60.67
C THR G 86 -11.56 20.99 59.25
N TYR G 87 -11.16 19.74 59.12
CA TYR G 87 -10.81 19.16 57.84
C TYR G 87 -11.85 18.15 57.39
N TYR G 88 -12.28 18.27 56.15
CA TYR G 88 -13.34 17.44 55.58
C TYR G 88 -12.80 16.59 54.45
N CYS G 89 -13.40 15.41 54.29
CA CYS G 89 -12.98 14.39 53.33
C CYS G 89 -14.13 14.15 52.35
N GLN G 90 -14.05 14.79 51.19
CA GLN G 90 -15.09 14.67 50.17
C GLN G 90 -14.74 13.57 49.18
N GLN G 91 -15.77 12.89 48.69
CA GLN G 91 -15.62 11.97 47.57
C GLN G 91 -16.42 12.49 46.39
N SER G 92 -15.91 12.25 45.18
CA SER G 92 -16.58 12.73 43.99
C SER G 92 -16.63 11.71 42.86
N TYR G 93 -16.26 10.46 43.12
CA TYR G 93 -16.36 9.44 42.09
C TYR G 93 -17.82 9.20 41.71
N TYR G 94 -18.72 9.21 42.69
CA TYR G 94 -20.14 9.04 42.46
C TYR G 94 -20.85 10.37 42.61
N LYS G 95 -21.79 10.64 41.71
CA LYS G 95 -22.43 11.96 41.66
C LYS G 95 -23.03 12.44 42.97
N PRO G 96 -23.73 11.61 43.76
CA PRO G 96 -24.38 12.15 44.97
C PRO G 96 -23.45 12.93 45.88
N ILE G 97 -22.18 12.55 45.97
CA ILE G 97 -21.14 13.30 46.67
C ILE G 97 -21.41 13.35 48.17
N THR G 98 -20.43 12.94 48.97
CA THR G 98 -20.54 12.96 50.41
C THR G 98 -19.27 13.55 51.02
N PHE G 99 -19.42 14.13 52.21
CA PHE G 99 -18.32 14.74 52.93
C PHE G 99 -18.06 13.97 54.22
N GLY G 100 -16.83 14.09 54.72
CA GLY G 100 -16.49 13.45 55.98
C GLY G 100 -17.26 14.06 57.13
N GLN G 101 -17.42 13.27 58.19
CA GLN G 101 -18.19 13.72 59.34
C GLN G 101 -17.54 14.92 60.01
N GLY G 102 -16.24 15.09 59.85
CA GLY G 102 -15.54 16.23 60.42
C GLY G 102 -14.36 15.87 61.29
N THR G 103 -13.35 16.72 61.32
CA THR G 103 -12.15 16.49 62.13
C THR G 103 -11.65 17.86 62.57
N LYS G 104 -12.02 18.28 63.77
CA LYS G 104 -11.62 19.57 64.30
C LYS G 104 -10.46 19.41 65.26
N VAL G 105 -9.38 20.14 64.99
CA VAL G 105 -8.19 20.14 65.84
C VAL G 105 -7.90 21.56 66.27
N GLU G 106 -7.73 21.77 67.58
CA GLU G 106 -7.42 23.08 68.12
C GLU G 106 -5.99 23.08 68.68
N ILE G 107 -5.58 24.23 69.20
CA ILE G 107 -4.25 24.37 69.78
C ILE G 107 -4.15 23.51 71.03
N LYS G 108 -3.07 22.75 71.12
CA LYS G 108 -2.86 21.86 72.25
C LYS G 108 -1.98 22.49 73.32
#